data_8H70
# 
_entry.id   8H70 
# 
_audit_conform.dict_name       mmcif_pdbx.dic 
_audit_conform.dict_version    5.392 
_audit_conform.dict_location   http://mmcif.pdb.org/dictionaries/ascii/mmcif_pdbx.dic 
# 
loop_
_database_2.database_id 
_database_2.database_code 
_database_2.pdbx_database_accession 
_database_2.pdbx_DOI 
PDB   8H70         pdb_00008h70 10.2210/pdb8h70/pdb 
WWPDB D_1300032944 ?            ?                   
# 
loop_
_pdbx_audit_revision_history.ordinal 
_pdbx_audit_revision_history.data_content_type 
_pdbx_audit_revision_history.major_revision 
_pdbx_audit_revision_history.minor_revision 
_pdbx_audit_revision_history.revision_date 
1 'Structure model' 1 0 2023-02-15 
2 'Structure model' 1 1 2023-06-21 
3 'Structure model' 1 2 2024-05-29 
# 
_pdbx_audit_revision_details.ordinal             1 
_pdbx_audit_revision_details.revision_ordinal    1 
_pdbx_audit_revision_details.data_content_type   'Structure model' 
_pdbx_audit_revision_details.provider            repository 
_pdbx_audit_revision_details.type                'Initial release' 
_pdbx_audit_revision_details.description         ? 
_pdbx_audit_revision_details.details             ? 
# 
loop_
_pdbx_audit_revision_group.ordinal 
_pdbx_audit_revision_group.revision_ordinal 
_pdbx_audit_revision_group.data_content_type 
_pdbx_audit_revision_group.group 
1 2 'Structure model' 'Database references' 
2 3 'Structure model' 'Data collection'     
# 
loop_
_pdbx_audit_revision_category.ordinal 
_pdbx_audit_revision_category.revision_ordinal 
_pdbx_audit_revision_category.data_content_type 
_pdbx_audit_revision_category.category 
1 2 'Structure model' citation       
2 3 'Structure model' chem_comp_atom 
3 3 'Structure model' chem_comp_bond 
# 
loop_
_pdbx_audit_revision_item.ordinal 
_pdbx_audit_revision_item.revision_ordinal 
_pdbx_audit_revision_item.data_content_type 
_pdbx_audit_revision_item.item 
1 2 'Structure model' '_citation.journal_volume' 
2 2 'Structure model' '_citation.page_first'     
3 2 'Structure model' '_citation.page_last'      
# 
_pdbx_database_status.status_code                     REL 
_pdbx_database_status.status_code_sf                  REL 
_pdbx_database_status.status_code_mr                  ? 
_pdbx_database_status.entry_id                        8H70 
_pdbx_database_status.recvd_initial_deposition_date   2022-10-18 
_pdbx_database_status.SG_entry                        N 
_pdbx_database_status.deposit_site                    PDBJ 
_pdbx_database_status.process_site                    PDBJ 
_pdbx_database_status.status_code_cs                  ? 
_pdbx_database_status.status_code_nmr_data            ? 
_pdbx_database_status.methods_development_category    ? 
_pdbx_database_status.pdb_format_compatible           Y 
# 
_pdbx_contact_author.id                 2 
_pdbx_contact_author.email              hattori_fudan@outlook.com 
_pdbx_contact_author.name_first         Motoyuki 
_pdbx_contact_author.name_last          Hattori 
_pdbx_contact_author.name_mi            ? 
_pdbx_contact_author.role               'principal investigator/group leader' 
_pdbx_contact_author.identifier_ORCID   0000-0002-5327-5337 
# 
loop_
_audit_author.name 
_audit_author.pdbx_ordinal 
_audit_author.identifier_ORCID 
'Jia, R.'     1 ? 
'Zhao, W.'    2 ? 
'Hattori, M.' 3 ? 
# 
_citation.abstract                  ? 
_citation.abstract_id_CAS           ? 
_citation.book_id_ISBN              ? 
_citation.book_publisher            ? 
_citation.book_publisher_city       ? 
_citation.book_title                ? 
_citation.coordinate_linkage        ? 
_citation.country                   US 
_citation.database_id_Medline       ? 
_citation.details                   ? 
_citation.id                        primary 
_citation.journal_abbrev            Proteins 
_citation.journal_id_ASTM           PSFGEY 
_citation.journal_id_CSD            0867 
_citation.journal_id_ISSN           1097-0134 
_citation.journal_full              ? 
_citation.journal_issue             ? 
_citation.journal_volume            91 
_citation.language                  ? 
_citation.page_first                999 
_citation.page_last                 1004 
_citation.title                     'Crystal structure of the catalytic ATP-binding domain of the PhoR sensor histidine kinase.' 
_citation.year                      2023 
_citation.database_id_CSD           ? 
_citation.pdbx_database_id_DOI      10.1002/prot.26473 
_citation.pdbx_database_id_PubMed   36732678 
_citation.pdbx_database_id_patent   ? 
_citation.unpublished_flag          ? 
# 
loop_
_citation_author.citation_id 
_citation_author.name 
_citation_author.ordinal 
_citation_author.identifier_ORCID 
primary 'Jia, R.'     1 ? 
primary 'Zhao, Y.'    2 ? 
primary 'Hattori, M.' 3 ? 
# 
loop_
_entity.id 
_entity.type 
_entity.src_method 
_entity.pdbx_description 
_entity.formula_weight 
_entity.pdbx_number_of_molecules 
_entity.pdbx_ec 
_entity.pdbx_mutation 
_entity.pdbx_fragment 
_entity.details 
1 polymer     man 'Phosphate regulon sensor protein PhoR' 17908.445 1  2.7.13.3 ? ? ? 
2 non-polymer syn 'DI(HYDROXYETHYL)ETHER'                 106.120   4  ?        ? ? ? 
3 water       nat water                                   18.015    69 ?        ? ? ? 
# 
_entity_poly.entity_id                      1 
_entity_poly.type                           'polypeptide(L)' 
_entity_poly.nstd_linkage                   no 
_entity_poly.nstd_monomer                   no 
_entity_poly.pdbx_seq_one_letter_code       
;GPHMELDQVVDVPAMLEVLEKEAVSLSGEAQHKLHFEVDKSLKVLADEDQLRSAISNLVYNAVKYTPPGAQIDVRWYRTG
KGACLEVEDKGEGIEPQHLHRLTERFYRVDKARSRDTGGSGLGLAIVKHALAHHDTHLDIYSKVGVGSKFSFVLPKRLVA
K
;
_entity_poly.pdbx_seq_one_letter_code_can   
;GPHMELDQVVDVPAMLEVLEKEAVSLSGEAQHKLHFEVDKSLKVLADEDQLRSAISNLVYNAVKYTPPGAQIDVRWYRTG
KGACLEVEDKGEGIEPQHLHRLTERFYRVDKARSRDTGGSGLGLAIVKHALAHHDTHLDIYSKVGVGSKFSFVLPKRLVA
K
;
_entity_poly.pdbx_strand_id                 A 
_entity_poly.pdbx_target_identifier         ? 
# 
loop_
_pdbx_entity_nonpoly.entity_id 
_pdbx_entity_nonpoly.name 
_pdbx_entity_nonpoly.comp_id 
2 'DI(HYDROXYETHYL)ETHER' PEG 
3 water                   HOH 
# 
loop_
_entity_poly_seq.entity_id 
_entity_poly_seq.num 
_entity_poly_seq.mon_id 
_entity_poly_seq.hetero 
1 1   GLY n 
1 2   PRO n 
1 3   HIS n 
1 4   MET n 
1 5   GLU n 
1 6   LEU n 
1 7   ASP n 
1 8   GLN n 
1 9   VAL n 
1 10  VAL n 
1 11  ASP n 
1 12  VAL n 
1 13  PRO n 
1 14  ALA n 
1 15  MET n 
1 16  LEU n 
1 17  GLU n 
1 18  VAL n 
1 19  LEU n 
1 20  GLU n 
1 21  LYS n 
1 22  GLU n 
1 23  ALA n 
1 24  VAL n 
1 25  SER n 
1 26  LEU n 
1 27  SER n 
1 28  GLY n 
1 29  GLU n 
1 30  ALA n 
1 31  GLN n 
1 32  HIS n 
1 33  LYS n 
1 34  LEU n 
1 35  HIS n 
1 36  PHE n 
1 37  GLU n 
1 38  VAL n 
1 39  ASP n 
1 40  LYS n 
1 41  SER n 
1 42  LEU n 
1 43  LYS n 
1 44  VAL n 
1 45  LEU n 
1 46  ALA n 
1 47  ASP n 
1 48  GLU n 
1 49  ASP n 
1 50  GLN n 
1 51  LEU n 
1 52  ARG n 
1 53  SER n 
1 54  ALA n 
1 55  ILE n 
1 56  SER n 
1 57  ASN n 
1 58  LEU n 
1 59  VAL n 
1 60  TYR n 
1 61  ASN n 
1 62  ALA n 
1 63  VAL n 
1 64  LYS n 
1 65  TYR n 
1 66  THR n 
1 67  PRO n 
1 68  PRO n 
1 69  GLY n 
1 70  ALA n 
1 71  GLN n 
1 72  ILE n 
1 73  ASP n 
1 74  VAL n 
1 75  ARG n 
1 76  TRP n 
1 77  TYR n 
1 78  ARG n 
1 79  THR n 
1 80  GLY n 
1 81  LYS n 
1 82  GLY n 
1 83  ALA n 
1 84  CYS n 
1 85  LEU n 
1 86  GLU n 
1 87  VAL n 
1 88  GLU n 
1 89  ASP n 
1 90  LYS n 
1 91  GLY n 
1 92  GLU n 
1 93  GLY n 
1 94  ILE n 
1 95  GLU n 
1 96  PRO n 
1 97  GLN n 
1 98  HIS n 
1 99  LEU n 
1 100 HIS n 
1 101 ARG n 
1 102 LEU n 
1 103 THR n 
1 104 GLU n 
1 105 ARG n 
1 106 PHE n 
1 107 TYR n 
1 108 ARG n 
1 109 VAL n 
1 110 ASP n 
1 111 LYS n 
1 112 ALA n 
1 113 ARG n 
1 114 SER n 
1 115 ARG n 
1 116 ASP n 
1 117 THR n 
1 118 GLY n 
1 119 GLY n 
1 120 SER n 
1 121 GLY n 
1 122 LEU n 
1 123 GLY n 
1 124 LEU n 
1 125 ALA n 
1 126 ILE n 
1 127 VAL n 
1 128 LYS n 
1 129 HIS n 
1 130 ALA n 
1 131 LEU n 
1 132 ALA n 
1 133 HIS n 
1 134 HIS n 
1 135 ASP n 
1 136 THR n 
1 137 HIS n 
1 138 LEU n 
1 139 ASP n 
1 140 ILE n 
1 141 TYR n 
1 142 SER n 
1 143 LYS n 
1 144 VAL n 
1 145 GLY n 
1 146 VAL n 
1 147 GLY n 
1 148 SER n 
1 149 LYS n 
1 150 PHE n 
1 151 SER n 
1 152 PHE n 
1 153 VAL n 
1 154 LEU n 
1 155 PRO n 
1 156 LYS n 
1 157 ARG n 
1 158 LEU n 
1 159 VAL n 
1 160 ALA n 
1 161 LYS n 
# 
_entity_src_gen.entity_id                          1 
_entity_src_gen.pdbx_src_id                        1 
_entity_src_gen.pdbx_alt_source_flag               sample 
_entity_src_gen.pdbx_seq_type                      'Biological sequence' 
_entity_src_gen.pdbx_beg_seq_num                   1 
_entity_src_gen.pdbx_end_seq_num                   161 
_entity_src_gen.gene_src_common_name               ? 
_entity_src_gen.gene_src_genus                     ? 
_entity_src_gen.pdbx_gene_src_gene                 'phoR, D6U24_13080' 
_entity_src_gen.gene_src_species                   ? 
_entity_src_gen.gene_src_strain                    ? 
_entity_src_gen.gene_src_tissue                    ? 
_entity_src_gen.gene_src_tissue_fraction           ? 
_entity_src_gen.gene_src_details                   ? 
_entity_src_gen.pdbx_gene_src_fragment             ? 
_entity_src_gen.pdbx_gene_src_scientific_name      'Vibrio cholerae' 
_entity_src_gen.pdbx_gene_src_ncbi_taxonomy_id     666 
_entity_src_gen.pdbx_gene_src_variant              ? 
_entity_src_gen.pdbx_gene_src_cell_line            ? 
_entity_src_gen.pdbx_gene_src_atcc                 ? 
_entity_src_gen.pdbx_gene_src_organ                ? 
_entity_src_gen.pdbx_gene_src_organelle            ? 
_entity_src_gen.pdbx_gene_src_cell                 ? 
_entity_src_gen.pdbx_gene_src_cellular_location    ? 
_entity_src_gen.host_org_common_name               ? 
_entity_src_gen.pdbx_host_org_scientific_name      'Escherichia coli' 
_entity_src_gen.pdbx_host_org_ncbi_taxonomy_id     562 
_entity_src_gen.host_org_genus                     ? 
_entity_src_gen.pdbx_host_org_gene                 ? 
_entity_src_gen.pdbx_host_org_organ                ? 
_entity_src_gen.host_org_species                   ? 
_entity_src_gen.pdbx_host_org_tissue               ? 
_entity_src_gen.pdbx_host_org_tissue_fraction      ? 
_entity_src_gen.pdbx_host_org_strain               ? 
_entity_src_gen.pdbx_host_org_variant              ? 
_entity_src_gen.pdbx_host_org_cell_line            ? 
_entity_src_gen.pdbx_host_org_atcc                 ? 
_entity_src_gen.pdbx_host_org_culture_collection   ? 
_entity_src_gen.pdbx_host_org_cell                 ? 
_entity_src_gen.pdbx_host_org_organelle            ? 
_entity_src_gen.pdbx_host_org_cellular_location    ? 
_entity_src_gen.pdbx_host_org_vector_type          ? 
_entity_src_gen.pdbx_host_org_vector               ? 
_entity_src_gen.host_org_details                   ? 
_entity_src_gen.expression_system_id               ? 
_entity_src_gen.plasmid_name                       ? 
_entity_src_gen.plasmid_details                    ? 
_entity_src_gen.pdbx_description                   ? 
# 
loop_
_chem_comp.id 
_chem_comp.type 
_chem_comp.mon_nstd_flag 
_chem_comp.name 
_chem_comp.pdbx_synonyms 
_chem_comp.formula 
_chem_comp.formula_weight 
ALA 'L-peptide linking' y ALANINE                 ? 'C3 H7 N O2'     89.093  
ARG 'L-peptide linking' y ARGININE                ? 'C6 H15 N4 O2 1' 175.209 
ASN 'L-peptide linking' y ASPARAGINE              ? 'C4 H8 N2 O3'    132.118 
ASP 'L-peptide linking' y 'ASPARTIC ACID'         ? 'C4 H7 N O4'     133.103 
CYS 'L-peptide linking' y CYSTEINE                ? 'C3 H7 N O2 S'   121.158 
GLN 'L-peptide linking' y GLUTAMINE               ? 'C5 H10 N2 O3'   146.144 
GLU 'L-peptide linking' y 'GLUTAMIC ACID'         ? 'C5 H9 N O4'     147.129 
GLY 'peptide linking'   y GLYCINE                 ? 'C2 H5 N O2'     75.067  
HIS 'L-peptide linking' y HISTIDINE               ? 'C6 H10 N3 O2 1' 156.162 
HOH non-polymer         . WATER                   ? 'H2 O'           18.015  
ILE 'L-peptide linking' y ISOLEUCINE              ? 'C6 H13 N O2'    131.173 
LEU 'L-peptide linking' y LEUCINE                 ? 'C6 H13 N O2'    131.173 
LYS 'L-peptide linking' y LYSINE                  ? 'C6 H15 N2 O2 1' 147.195 
MET 'L-peptide linking' y METHIONINE              ? 'C5 H11 N O2 S'  149.211 
PEG non-polymer         . 'DI(HYDROXYETHYL)ETHER' ? 'C4 H10 O3'      106.120 
PHE 'L-peptide linking' y PHENYLALANINE           ? 'C9 H11 N O2'    165.189 
PRO 'L-peptide linking' y PROLINE                 ? 'C5 H9 N O2'     115.130 
SER 'L-peptide linking' y SERINE                  ? 'C3 H7 N O3'     105.093 
THR 'L-peptide linking' y THREONINE               ? 'C4 H9 N O3'     119.119 
TRP 'L-peptide linking' y TRYPTOPHAN              ? 'C11 H12 N2 O2'  204.225 
TYR 'L-peptide linking' y TYROSINE                ? 'C9 H11 N O3'    181.189 
VAL 'L-peptide linking' y VALINE                  ? 'C5 H11 N O2'    117.146 
# 
loop_
_pdbx_poly_seq_scheme.asym_id 
_pdbx_poly_seq_scheme.entity_id 
_pdbx_poly_seq_scheme.seq_id 
_pdbx_poly_seq_scheme.mon_id 
_pdbx_poly_seq_scheme.ndb_seq_num 
_pdbx_poly_seq_scheme.pdb_seq_num 
_pdbx_poly_seq_scheme.auth_seq_num 
_pdbx_poly_seq_scheme.pdb_mon_id 
_pdbx_poly_seq_scheme.auth_mon_id 
_pdbx_poly_seq_scheme.pdb_strand_id 
_pdbx_poly_seq_scheme.pdb_ins_code 
_pdbx_poly_seq_scheme.hetero 
A 1 1   GLY 1   242 ?   ?   ?   A . n 
A 1 2   PRO 2   243 ?   ?   ?   A . n 
A 1 3   HIS 3   244 ?   ?   ?   A . n 
A 1 4   MET 4   245 ?   ?   ?   A . n 
A 1 5   GLU 5   246 ?   ?   ?   A . n 
A 1 6   LEU 6   247 247 LEU LEU A . n 
A 1 7   ASP 7   248 248 ASP ASP A . n 
A 1 8   GLN 8   249 249 GLN GLN A . n 
A 1 9   VAL 9   250 250 VAL VAL A . n 
A 1 10  VAL 10  251 251 VAL VAL A . n 
A 1 11  ASP 11  252 252 ASP ASP A . n 
A 1 12  VAL 12  253 253 VAL VAL A . n 
A 1 13  PRO 13  254 254 PRO PRO A . n 
A 1 14  ALA 14  255 255 ALA ALA A . n 
A 1 15  MET 15  256 256 MET MET A . n 
A 1 16  LEU 16  257 257 LEU LEU A . n 
A 1 17  GLU 17  258 258 GLU GLU A . n 
A 1 18  VAL 18  259 259 VAL VAL A . n 
A 1 19  LEU 19  260 260 LEU LEU A . n 
A 1 20  GLU 20  261 261 GLU GLU A . n 
A 1 21  LYS 21  262 262 LYS LYS A . n 
A 1 22  GLU 22  263 263 GLU GLU A . n 
A 1 23  ALA 23  264 264 ALA ALA A . n 
A 1 24  VAL 24  265 265 VAL VAL A . n 
A 1 25  SER 25  266 266 SER SER A . n 
A 1 26  LEU 26  267 267 LEU LEU A . n 
A 1 27  SER 27  268 268 SER SER A . n 
A 1 28  GLY 28  269 269 GLY GLY A . n 
A 1 29  GLU 29  270 270 GLU GLU A . n 
A 1 30  ALA 30  271 271 ALA ALA A . n 
A 1 31  GLN 31  272 272 GLN GLN A . n 
A 1 32  HIS 32  273 273 HIS HIS A . n 
A 1 33  LYS 33  274 274 LYS LYS A . n 
A 1 34  LEU 34  275 275 LEU LEU A . n 
A 1 35  HIS 35  276 276 HIS HIS A . n 
A 1 36  PHE 36  277 277 PHE PHE A . n 
A 1 37  GLU 37  278 278 GLU GLU A . n 
A 1 38  VAL 38  279 279 VAL VAL A . n 
A 1 39  ASP 39  280 280 ASP ASP A . n 
A 1 40  LYS 40  281 281 LYS LYS A . n 
A 1 41  SER 41  282 282 SER SER A . n 
A 1 42  LEU 42  283 283 LEU LEU A . n 
A 1 43  LYS 43  284 284 LYS LYS A . n 
A 1 44  VAL 44  285 285 VAL VAL A . n 
A 1 45  LEU 45  286 286 LEU LEU A . n 
A 1 46  ALA 46  287 287 ALA ALA A . n 
A 1 47  ASP 47  288 288 ASP ASP A . n 
A 1 48  GLU 48  289 289 GLU GLU A . n 
A 1 49  ASP 49  290 290 ASP ASP A . n 
A 1 50  GLN 50  291 291 GLN GLN A . n 
A 1 51  LEU 51  292 292 LEU LEU A . n 
A 1 52  ARG 52  293 293 ARG ARG A . n 
A 1 53  SER 53  294 294 SER SER A . n 
A 1 54  ALA 54  295 295 ALA ALA A . n 
A 1 55  ILE 55  296 296 ILE ILE A . n 
A 1 56  SER 56  297 297 SER SER A . n 
A 1 57  ASN 57  298 298 ASN ASN A . n 
A 1 58  LEU 58  299 299 LEU LEU A . n 
A 1 59  VAL 59  300 300 VAL VAL A . n 
A 1 60  TYR 60  301 301 TYR TYR A . n 
A 1 61  ASN 61  302 302 ASN ASN A . n 
A 1 62  ALA 62  303 303 ALA ALA A . n 
A 1 63  VAL 63  304 304 VAL VAL A . n 
A 1 64  LYS 64  305 305 LYS LYS A . n 
A 1 65  TYR 65  306 306 TYR TYR A . n 
A 1 66  THR 66  307 307 THR THR A . n 
A 1 67  PRO 67  308 308 PRO PRO A . n 
A 1 68  PRO 68  309 309 PRO PRO A . n 
A 1 69  GLY 69  310 310 GLY GLY A . n 
A 1 70  ALA 70  311 311 ALA ALA A . n 
A 1 71  GLN 71  312 312 GLN GLN A . n 
A 1 72  ILE 72  313 313 ILE ILE A . n 
A 1 73  ASP 73  314 314 ASP ASP A . n 
A 1 74  VAL 74  315 315 VAL VAL A . n 
A 1 75  ARG 75  316 316 ARG ARG A . n 
A 1 76  TRP 76  317 317 TRP TRP A . n 
A 1 77  TYR 77  318 318 TYR TYR A . n 
A 1 78  ARG 78  319 319 ARG ARG A . n 
A 1 79  THR 79  320 320 THR THR A . n 
A 1 80  GLY 80  321 321 GLY GLY A . n 
A 1 81  LYS 81  322 322 LYS LYS A . n 
A 1 82  GLY 82  323 323 GLY GLY A . n 
A 1 83  ALA 83  324 324 ALA ALA A . n 
A 1 84  CYS 84  325 325 CYS CYS A . n 
A 1 85  LEU 85  326 326 LEU LEU A . n 
A 1 86  GLU 86  327 327 GLU GLU A . n 
A 1 87  VAL 87  328 328 VAL VAL A . n 
A 1 88  GLU 88  329 329 GLU GLU A . n 
A 1 89  ASP 89  330 330 ASP ASP A . n 
A 1 90  LYS 90  331 331 LYS LYS A . n 
A 1 91  GLY 91  332 ?   ?   ?   A . n 
A 1 92  GLU 92  333 ?   ?   ?   A . n 
A 1 93  GLY 93  334 ?   ?   ?   A . n 
A 1 94  ILE 94  335 ?   ?   ?   A . n 
A 1 95  GLU 95  336 ?   ?   ?   A . n 
A 1 96  PRO 96  337 ?   ?   ?   A . n 
A 1 97  GLN 97  338 ?   ?   ?   A . n 
A 1 98  HIS 98  339 ?   ?   ?   A . n 
A 1 99  LEU 99  340 ?   ?   ?   A . n 
A 1 100 HIS 100 341 ?   ?   ?   A . n 
A 1 101 ARG 101 342 ?   ?   ?   A . n 
A 1 102 LEU 102 343 ?   ?   ?   A . n 
A 1 103 THR 103 344 ?   ?   ?   A . n 
A 1 104 GLU 104 345 ?   ?   ?   A . n 
A 1 105 ARG 105 346 ?   ?   ?   A . n 
A 1 106 PHE 106 347 ?   ?   ?   A . n 
A 1 107 TYR 107 348 ?   ?   ?   A . n 
A 1 108 ARG 108 349 ?   ?   ?   A . n 
A 1 109 VAL 109 350 ?   ?   ?   A . n 
A 1 110 ASP 110 351 ?   ?   ?   A . n 
A 1 111 LYS 111 352 ?   ?   ?   A . n 
A 1 112 ALA 112 353 ?   ?   ?   A . n 
A 1 113 ARG 113 354 ?   ?   ?   A . n 
A 1 114 SER 114 355 ?   ?   ?   A . n 
A 1 115 ARG 115 356 ?   ?   ?   A . n 
A 1 116 ASP 116 357 ?   ?   ?   A . n 
A 1 117 THR 117 358 ?   ?   ?   A . n 
A 1 118 GLY 118 359 ?   ?   ?   A . n 
A 1 119 GLY 119 360 ?   ?   ?   A . n 
A 1 120 SER 120 361 ?   ?   ?   A . n 
A 1 121 GLY 121 362 ?   ?   ?   A . n 
A 1 122 LEU 122 363 ?   ?   ?   A . n 
A 1 123 GLY 123 364 364 GLY GLY A . n 
A 1 124 LEU 124 365 365 LEU LEU A . n 
A 1 125 ALA 125 366 366 ALA ALA A . n 
A 1 126 ILE 126 367 367 ILE ILE A . n 
A 1 127 VAL 127 368 368 VAL VAL A . n 
A 1 128 LYS 128 369 369 LYS LYS A . n 
A 1 129 HIS 129 370 370 HIS HIS A . n 
A 1 130 ALA 130 371 371 ALA ALA A . n 
A 1 131 LEU 131 372 372 LEU LEU A . n 
A 1 132 ALA 132 373 373 ALA ALA A . n 
A 1 133 HIS 133 374 374 HIS HIS A . n 
A 1 134 HIS 134 375 375 HIS HIS A . n 
A 1 135 ASP 135 376 376 ASP ASP A . n 
A 1 136 THR 136 377 377 THR THR A . n 
A 1 137 HIS 137 378 378 HIS HIS A . n 
A 1 138 LEU 138 379 379 LEU LEU A . n 
A 1 139 ASP 139 380 380 ASP ASP A . n 
A 1 140 ILE 140 381 381 ILE ILE A . n 
A 1 141 TYR 141 382 382 TYR TYR A . n 
A 1 142 SER 142 383 383 SER SER A . n 
A 1 143 LYS 143 384 384 LYS LYS A . n 
A 1 144 VAL 144 385 385 VAL VAL A . n 
A 1 145 GLY 145 386 386 GLY GLY A . n 
A 1 146 VAL 146 387 387 VAL VAL A . n 
A 1 147 GLY 147 388 388 GLY GLY A . n 
A 1 148 SER 148 389 389 SER SER A . n 
A 1 149 LYS 149 390 390 LYS LYS A . n 
A 1 150 PHE 150 391 391 PHE PHE A . n 
A 1 151 SER 151 392 392 SER SER A . n 
A 1 152 PHE 152 393 393 PHE PHE A . n 
A 1 153 VAL 153 394 394 VAL VAL A . n 
A 1 154 LEU 154 395 395 LEU LEU A . n 
A 1 155 PRO 155 396 396 PRO PRO A . n 
A 1 156 LYS 156 397 397 LYS LYS A . n 
A 1 157 ARG 157 398 398 ARG ARG A . n 
A 1 158 LEU 158 399 399 LEU LEU A . n 
A 1 159 VAL 159 400 400 VAL VAL A . n 
A 1 160 ALA 160 401 401 ALA ALA A . n 
A 1 161 LYS 161 402 402 LYS LYS A . n 
# 
loop_
_pdbx_nonpoly_scheme.asym_id 
_pdbx_nonpoly_scheme.entity_id 
_pdbx_nonpoly_scheme.mon_id 
_pdbx_nonpoly_scheme.ndb_seq_num 
_pdbx_nonpoly_scheme.pdb_seq_num 
_pdbx_nonpoly_scheme.auth_seq_num 
_pdbx_nonpoly_scheme.pdb_mon_id 
_pdbx_nonpoly_scheme.auth_mon_id 
_pdbx_nonpoly_scheme.pdb_strand_id 
_pdbx_nonpoly_scheme.pdb_ins_code 
B 2 PEG 1  501 501 PEG PEG A . 
C 2 PEG 1  502 502 PEG PEG A . 
D 2 PEG 1  503 503 PEG PEG A . 
E 2 PEG 1  504 1   PEG PEG A . 
F 3 HOH 1  601 7   HOH HOH A . 
F 3 HOH 2  602 41  HOH HOH A . 
F 3 HOH 3  603 3   HOH HOH A . 
F 3 HOH 4  604 56  HOH HOH A . 
F 3 HOH 5  605 57  HOH HOH A . 
F 3 HOH 6  606 30  HOH HOH A . 
F 3 HOH 7  607 1   HOH HOH A . 
F 3 HOH 8  608 29  HOH HOH A . 
F 3 HOH 9  609 40  HOH HOH A . 
F 3 HOH 10 610 11  HOH HOH A . 
F 3 HOH 11 611 4   HOH HOH A . 
F 3 HOH 12 612 12  HOH HOH A . 
F 3 HOH 13 613 2   HOH HOH A . 
F 3 HOH 14 614 51  HOH HOH A . 
F 3 HOH 15 615 4   HOH HOH A . 
F 3 HOH 16 616 16  HOH HOH A . 
F 3 HOH 17 617 3   HOH HOH A . 
F 3 HOH 18 618 8   HOH HOH A . 
F 3 HOH 19 619 13  HOH HOH A . 
F 3 HOH 20 620 6   HOH HOH A . 
F 3 HOH 21 621 7   HOH HOH A . 
F 3 HOH 22 622 19  HOH HOH A . 
F 3 HOH 23 623 52  HOH HOH A . 
F 3 HOH 24 624 9   HOH HOH A . 
F 3 HOH 25 625 45  HOH HOH A . 
F 3 HOH 26 626 58  HOH HOH A . 
F 3 HOH 27 627 20  HOH HOH A . 
F 3 HOH 28 628 27  HOH HOH A . 
F 3 HOH 29 629 5   HOH HOH A . 
F 3 HOH 30 630 18  HOH HOH A . 
F 3 HOH 31 631 6   HOH HOH A . 
F 3 HOH 32 632 53  HOH HOH A . 
F 3 HOH 33 633 25  HOH HOH A . 
F 3 HOH 34 634 46  HOH HOH A . 
F 3 HOH 35 635 8   HOH HOH A . 
F 3 HOH 36 636 14  HOH HOH A . 
F 3 HOH 37 637 23  HOH HOH A . 
F 3 HOH 38 638 49  HOH HOH A . 
F 3 HOH 39 639 28  HOH HOH A . 
F 3 HOH 40 640 22  HOH HOH A . 
F 3 HOH 41 641 21  HOH HOH A . 
F 3 HOH 42 642 37  HOH HOH A . 
F 3 HOH 43 643 34  HOH HOH A . 
F 3 HOH 44 644 33  HOH HOH A . 
F 3 HOH 45 645 32  HOH HOH A . 
F 3 HOH 46 646 15  HOH HOH A . 
F 3 HOH 47 647 38  HOH HOH A . 
F 3 HOH 48 648 17  HOH HOH A . 
F 3 HOH 49 649 48  HOH HOH A . 
F 3 HOH 50 650 1   HOH HOH A . 
F 3 HOH 51 651 43  HOH HOH A . 
F 3 HOH 52 652 26  HOH HOH A . 
F 3 HOH 53 653 9   HOH HOH A . 
F 3 HOH 54 654 36  HOH HOH A . 
F 3 HOH 55 655 5   HOH HOH A . 
F 3 HOH 56 656 60  HOH HOH A . 
F 3 HOH 57 657 35  HOH HOH A . 
F 3 HOH 58 658 55  HOH HOH A . 
F 3 HOH 59 659 10  HOH HOH A . 
F 3 HOH 60 660 54  HOH HOH A . 
F 3 HOH 61 661 42  HOH HOH A . 
F 3 HOH 62 662 2   HOH HOH A . 
F 3 HOH 63 663 39  HOH HOH A . 
F 3 HOH 64 664 59  HOH HOH A . 
F 3 HOH 65 665 50  HOH HOH A . 
F 3 HOH 66 666 47  HOH HOH A . 
F 3 HOH 67 667 24  HOH HOH A . 
F 3 HOH 68 668 44  HOH HOH A . 
F 3 HOH 69 669 31  HOH HOH A . 
# 
loop_
_pdbx_unobs_or_zero_occ_atoms.id 
_pdbx_unobs_or_zero_occ_atoms.PDB_model_num 
_pdbx_unobs_or_zero_occ_atoms.polymer_flag 
_pdbx_unobs_or_zero_occ_atoms.occupancy_flag 
_pdbx_unobs_or_zero_occ_atoms.auth_asym_id 
_pdbx_unobs_or_zero_occ_atoms.auth_comp_id 
_pdbx_unobs_or_zero_occ_atoms.auth_seq_id 
_pdbx_unobs_or_zero_occ_atoms.PDB_ins_code 
_pdbx_unobs_or_zero_occ_atoms.auth_atom_id 
_pdbx_unobs_or_zero_occ_atoms.label_alt_id 
_pdbx_unobs_or_zero_occ_atoms.label_asym_id 
_pdbx_unobs_or_zero_occ_atoms.label_comp_id 
_pdbx_unobs_or_zero_occ_atoms.label_seq_id 
_pdbx_unobs_or_zero_occ_atoms.label_atom_id 
1  1 Y 1 A LEU 247 ? CG  ? A LEU 6  CG  
2  1 Y 1 A LEU 247 ? CD1 ? A LEU 6  CD1 
3  1 Y 1 A LEU 247 ? CD2 ? A LEU 6  CD2 
4  1 Y 1 A ASP 248 ? CG  ? A ASP 7  CG  
5  1 Y 1 A ASP 248 ? OD1 ? A ASP 7  OD1 
6  1 Y 1 A ASP 248 ? OD2 ? A ASP 7  OD2 
7  1 Y 1 A GLN 249 ? CG  ? A GLN 8  CG  
8  1 Y 1 A GLN 249 ? CD  ? A GLN 8  CD  
9  1 Y 1 A GLN 249 ? OE1 ? A GLN 8  OE1 
10 1 Y 1 A GLN 249 ? NE2 ? A GLN 8  NE2 
11 1 Y 1 A LYS 262 ? CD  ? A LYS 21 CD  
12 1 Y 1 A LYS 262 ? CE  ? A LYS 21 CE  
13 1 Y 1 A LYS 262 ? NZ  ? A LYS 21 NZ  
# 
loop_
_software.citation_id 
_software.classification 
_software.compiler_name 
_software.compiler_version 
_software.contact_author 
_software.contact_author_email 
_software.date 
_software.description 
_software.dependencies 
_software.hardware 
_software.language 
_software.location 
_software.mods 
_software.name 
_software.os 
_software.os_version 
_software.type 
_software.version 
_software.pdbx_ordinal 
? refinement       ? ? ? ? ? ? ? ? ? ? ? PHENIX ? ? ? '(1.19.2_4158: ???)' 1 
? 'data reduction' ? ? ? ? ? ? ? ? ? ? ? XDS    ? ? ? .                    2 
? 'data scaling'   ? ? ? ? ? ? ? ? ? ? ? XDS    ? ? ? .                    3 
? phasing          ? ? ? ? ? ? ? ? ? ? ? PARROT ? ? ? .                    4 
# 
_cell.angle_alpha                  90.00 
_cell.angle_alpha_esd              ? 
_cell.angle_beta                   90.00 
_cell.angle_beta_esd               ? 
_cell.angle_gamma                  90.00 
_cell.angle_gamma_esd              ? 
_cell.entry_id                     8H70 
_cell.details                      ? 
_cell.formula_units_Z              ? 
_cell.length_a                     42.258 
_cell.length_a_esd                 ? 
_cell.length_b                     90.953 
_cell.length_b_esd                 ? 
_cell.length_c                     87.521 
_cell.length_c_esd                 ? 
_cell.volume                       ? 
_cell.volume_esd                   ? 
_cell.Z_PDB                        8 
_cell.reciprocal_angle_alpha       ? 
_cell.reciprocal_angle_beta        ? 
_cell.reciprocal_angle_gamma       ? 
_cell.reciprocal_angle_alpha_esd   ? 
_cell.reciprocal_angle_beta_esd    ? 
_cell.reciprocal_angle_gamma_esd   ? 
_cell.reciprocal_length_a          ? 
_cell.reciprocal_length_b          ? 
_cell.reciprocal_length_c          ? 
_cell.reciprocal_length_a_esd      ? 
_cell.reciprocal_length_b_esd      ? 
_cell.reciprocal_length_c_esd      ? 
_cell.pdbx_unique_axis             ? 
_cell.pdbx_esd_method              ? 
# 
_symmetry.entry_id                         8H70 
_symmetry.cell_setting                     ? 
_symmetry.Int_Tables_number                20 
_symmetry.space_group_name_Hall            ? 
_symmetry.space_group_name_H-M             'C 2 2 21' 
_symmetry.pdbx_full_space_group_name_H-M   ? 
# 
_exptl.absorpt_coefficient_mu     ? 
_exptl.absorpt_correction_T_max   ? 
_exptl.absorpt_correction_T_min   ? 
_exptl.absorpt_correction_type    ? 
_exptl.absorpt_process_details    ? 
_exptl.entry_id                   8H70 
_exptl.crystals_number            1 
_exptl.details                    ? 
_exptl.method                     'X-RAY DIFFRACTION' 
_exptl.method_details             ? 
# 
_exptl_crystal.colour                       ? 
_exptl_crystal.density_diffrn               ? 
_exptl_crystal.density_Matthews             2.35 
_exptl_crystal.density_method               ? 
_exptl_crystal.density_percent_sol          47.61 
_exptl_crystal.description                  ? 
_exptl_crystal.F_000                        ? 
_exptl_crystal.id                           1 
_exptl_crystal.preparation                  ? 
_exptl_crystal.size_max                     ? 
_exptl_crystal.size_mid                     ? 
_exptl_crystal.size_min                     ? 
_exptl_crystal.size_rad                     ? 
_exptl_crystal.colour_lustre                ? 
_exptl_crystal.colour_modifier              ? 
_exptl_crystal.colour_primary               ? 
_exptl_crystal.density_meas                 ? 
_exptl_crystal.density_meas_esd             ? 
_exptl_crystal.density_meas_gt              ? 
_exptl_crystal.density_meas_lt              ? 
_exptl_crystal.density_meas_temp            ? 
_exptl_crystal.density_meas_temp_esd        ? 
_exptl_crystal.density_meas_temp_gt         ? 
_exptl_crystal.density_meas_temp_lt         ? 
_exptl_crystal.pdbx_crystal_image_url       ? 
_exptl_crystal.pdbx_crystal_image_format    ? 
_exptl_crystal.pdbx_mosaicity               ? 
_exptl_crystal.pdbx_mosaicity_esd           ? 
_exptl_crystal.pdbx_mosaic_method           ? 
_exptl_crystal.pdbx_mosaic_block_size       ? 
_exptl_crystal.pdbx_mosaic_block_size_esd   ? 
# 
_exptl_crystal_grow.apparatus       ? 
_exptl_crystal_grow.atmosphere      ? 
_exptl_crystal_grow.crystal_id      1 
_exptl_crystal_grow.details         ? 
_exptl_crystal_grow.method          'VAPOR DIFFUSION' 
_exptl_crystal_grow.method_ref      ? 
_exptl_crystal_grow.pH              ? 
_exptl_crystal_grow.pressure        ? 
_exptl_crystal_grow.pressure_esd    ? 
_exptl_crystal_grow.seeding         ? 
_exptl_crystal_grow.seeding_ref     ? 
_exptl_crystal_grow.temp            291 
_exptl_crystal_grow.temp_details    ? 
_exptl_crystal_grow.temp_esd        ? 
_exptl_crystal_grow.time            ? 
_exptl_crystal_grow.pdbx_details    'NaCl, BICINE, PEG 300' 
_exptl_crystal_grow.pdbx_pH_range   ? 
# 
_diffrn.ambient_environment              ? 
_diffrn.ambient_temp                     100 
_diffrn.ambient_temp_details             ? 
_diffrn.ambient_temp_esd                 ? 
_diffrn.crystal_id                       1 
_diffrn.crystal_support                  ? 
_diffrn.crystal_treatment                ? 
_diffrn.details                          ? 
_diffrn.id                               1 
_diffrn.ambient_pressure                 ? 
_diffrn.ambient_pressure_esd             ? 
_diffrn.ambient_pressure_gt              ? 
_diffrn.ambient_pressure_lt              ? 
_diffrn.ambient_temp_gt                  ? 
_diffrn.ambient_temp_lt                  ? 
_diffrn.pdbx_serial_crystal_experiment   N 
# 
_diffrn_detector.details                      ? 
_diffrn_detector.detector                     PIXEL 
_diffrn_detector.diffrn_id                    1 
_diffrn_detector.type                         'DECTRIS EIGER X 9M' 
_diffrn_detector.area_resol_mean              ? 
_diffrn_detector.dtime                        ? 
_diffrn_detector.pdbx_frames_total            ? 
_diffrn_detector.pdbx_collection_time_total   ? 
_diffrn_detector.pdbx_collection_date         2018-11-02 
_diffrn_detector.pdbx_frequency               ? 
# 
_diffrn_radiation.collimation                      ? 
_diffrn_radiation.diffrn_id                        1 
_diffrn_radiation.filter_edge                      ? 
_diffrn_radiation.inhomogeneity                    ? 
_diffrn_radiation.monochromator                    ? 
_diffrn_radiation.polarisn_norm                    ? 
_diffrn_radiation.polarisn_ratio                   ? 
_diffrn_radiation.probe                            ? 
_diffrn_radiation.type                             ? 
_diffrn_radiation.xray_symbol                      ? 
_diffrn_radiation.wavelength_id                    1 
_diffrn_radiation.pdbx_monochromatic_or_laue_m_l   M 
_diffrn_radiation.pdbx_wavelength_list             ? 
_diffrn_radiation.pdbx_wavelength                  ? 
_diffrn_radiation.pdbx_diffrn_protocol             'SINGLE WAVELENGTH' 
_diffrn_radiation.pdbx_analyzer                    ? 
_diffrn_radiation.pdbx_scattering_type             x-ray 
# 
_diffrn_radiation_wavelength.id           1 
_diffrn_radiation_wavelength.wavelength   1 
_diffrn_radiation_wavelength.wt           1.0 
# 
_diffrn_source.current                     ? 
_diffrn_source.details                     ? 
_diffrn_source.diffrn_id                   1 
_diffrn_source.power                       ? 
_diffrn_source.size                        ? 
_diffrn_source.source                      SYNCHROTRON 
_diffrn_source.target                      ? 
_diffrn_source.type                        'SPRING-8 BEAMLINE BL32XU' 
_diffrn_source.voltage                     ? 
_diffrn_source.take-off_angle              ? 
_diffrn_source.pdbx_wavelength_list        1 
_diffrn_source.pdbx_wavelength             ? 
_diffrn_source.pdbx_synchrotron_beamline   BL32XU 
_diffrn_source.pdbx_synchrotron_site       SPring-8 
# 
_reflns.B_iso_Wilson_estimate                          ? 
_reflns.entry_id                                       8H70 
_reflns.data_reduction_details                         ? 
_reflns.data_reduction_method                          ? 
_reflns.d_resolution_high                              1.88 
_reflns.d_resolution_low                               45.48 
_reflns.details                                        ? 
_reflns.limit_h_max                                    ? 
_reflns.limit_h_min                                    ? 
_reflns.limit_k_max                                    ? 
_reflns.limit_k_min                                    ? 
_reflns.limit_l_max                                    ? 
_reflns.limit_l_min                                    ? 
_reflns.number_all                                     ? 
_reflns.number_obs                                     94388 
_reflns.observed_criterion                             ? 
_reflns.observed_criterion_F_max                       ? 
_reflns.observed_criterion_F_min                       ? 
_reflns.observed_criterion_I_max                       ? 
_reflns.observed_criterion_I_min                       ? 
_reflns.observed_criterion_sigma_F                     ? 
_reflns.observed_criterion_sigma_I                     ? 
_reflns.percent_possible_obs                           99.6 
_reflns.R_free_details                                 ? 
_reflns.Rmerge_F_all                                   ? 
_reflns.Rmerge_F_obs                                   ? 
_reflns.Friedel_coverage                               ? 
_reflns.number_gt                                      ? 
_reflns.threshold_expression                           ? 
_reflns.pdbx_redundancy                                3.5 
_reflns.pdbx_Rmerge_I_obs                              ? 
_reflns.pdbx_Rmerge_I_all                              ? 
_reflns.pdbx_Rsym_value                                ? 
_reflns.pdbx_netI_over_av_sigmaI                       ? 
_reflns.pdbx_netI_over_sigmaI                          7.51 
_reflns.pdbx_res_netI_over_av_sigmaI_2                 ? 
_reflns.pdbx_res_netI_over_sigmaI_2                    ? 
_reflns.pdbx_chi_squared                               ? 
_reflns.pdbx_scaling_rejects                           ? 
_reflns.pdbx_d_res_high_opt                            ? 
_reflns.pdbx_d_res_low_opt                             ? 
_reflns.pdbx_d_res_opt_method                          ? 
_reflns.phase_calculation_details                      ? 
_reflns.pdbx_Rrim_I_all                                ? 
_reflns.pdbx_Rpim_I_all                                ? 
_reflns.pdbx_d_opt                                     ? 
_reflns.pdbx_number_measured_all                       ? 
_reflns.pdbx_diffrn_id                                 1 
_reflns.pdbx_ordinal                                   1 
_reflns.pdbx_CC_half                                   0.997 
_reflns.pdbx_CC_star                                   ? 
_reflns.pdbx_R_split                                   ? 
_reflns.pdbx_aniso_diffraction_limit_axis_1_ortho[1]   ? 
_reflns.pdbx_aniso_diffraction_limit_axis_1_ortho[2]   ? 
_reflns.pdbx_aniso_diffraction_limit_axis_1_ortho[3]   ? 
_reflns.pdbx_aniso_diffraction_limit_axis_2_ortho[1]   ? 
_reflns.pdbx_aniso_diffraction_limit_axis_2_ortho[2]   ? 
_reflns.pdbx_aniso_diffraction_limit_axis_2_ortho[3]   ? 
_reflns.pdbx_aniso_diffraction_limit_axis_3_ortho[1]   ? 
_reflns.pdbx_aniso_diffraction_limit_axis_3_ortho[2]   ? 
_reflns.pdbx_aniso_diffraction_limit_axis_3_ortho[3]   ? 
_reflns.pdbx_aniso_diffraction_limit_1                 ? 
_reflns.pdbx_aniso_diffraction_limit_2                 ? 
_reflns.pdbx_aniso_diffraction_limit_3                 ? 
_reflns.pdbx_aniso_B_tensor_eigenvector_1_ortho[1]     ? 
_reflns.pdbx_aniso_B_tensor_eigenvector_1_ortho[2]     ? 
_reflns.pdbx_aniso_B_tensor_eigenvector_1_ortho[3]     ? 
_reflns.pdbx_aniso_B_tensor_eigenvector_2_ortho[1]     ? 
_reflns.pdbx_aniso_B_tensor_eigenvector_2_ortho[2]     ? 
_reflns.pdbx_aniso_B_tensor_eigenvector_2_ortho[3]     ? 
_reflns.pdbx_aniso_B_tensor_eigenvector_3_ortho[1]     ? 
_reflns.pdbx_aniso_B_tensor_eigenvector_3_ortho[2]     ? 
_reflns.pdbx_aniso_B_tensor_eigenvector_3_ortho[3]     ? 
_reflns.pdbx_aniso_B_tensor_eigenvalue_1               ? 
_reflns.pdbx_aniso_B_tensor_eigenvalue_2               ? 
_reflns.pdbx_aniso_B_tensor_eigenvalue_3               ? 
_reflns.pdbx_orthogonalization_convention              ? 
_reflns.pdbx_percent_possible_ellipsoidal              ? 
_reflns.pdbx_percent_possible_spherical                ? 
_reflns.pdbx_percent_possible_ellipsoidal_anomalous    ? 
_reflns.pdbx_percent_possible_spherical_anomalous      ? 
_reflns.pdbx_redundancy_anomalous                      ? 
_reflns.pdbx_CC_half_anomalous                         ? 
_reflns.pdbx_absDiff_over_sigma_anomalous              ? 
_reflns.pdbx_percent_possible_anomalous                ? 
_reflns.pdbx_observed_signal_threshold                 ? 
_reflns.pdbx_signal_type                               ? 
_reflns.pdbx_signal_details                            ? 
_reflns.pdbx_signal_software_id                        ? 
_reflns.pdbx_CC_split_method                           ? 
# 
_reflns_shell.d_res_high                                    1.88 
_reflns_shell.d_res_low                                     1.99 
_reflns_shell.meanI_over_sigI_all                           ? 
_reflns_shell.meanI_over_sigI_obs                           ? 
_reflns_shell.number_measured_all                           ? 
_reflns_shell.number_measured_obs                           ? 
_reflns_shell.number_possible                               ? 
_reflns_shell.number_unique_all                             ? 
_reflns_shell.number_unique_obs                             4275 
_reflns_shell.percent_possible_all                          ? 
_reflns_shell.percent_possible_obs                          ? 
_reflns_shell.Rmerge_F_all                                  ? 
_reflns_shell.Rmerge_F_obs                                  ? 
_reflns_shell.Rmerge_I_all                                  ? 
_reflns_shell.Rmerge_I_obs                                  ? 
_reflns_shell.meanI_over_sigI_gt                            ? 
_reflns_shell.meanI_over_uI_all                             ? 
_reflns_shell.meanI_over_uI_gt                              ? 
_reflns_shell.number_measured_gt                            ? 
_reflns_shell.number_unique_gt                              ? 
_reflns_shell.percent_possible_gt                           ? 
_reflns_shell.Rmerge_F_gt                                   ? 
_reflns_shell.Rmerge_I_gt                                   ? 
_reflns_shell.pdbx_redundancy                               ? 
_reflns_shell.pdbx_Rsym_value                               ? 
_reflns_shell.pdbx_chi_squared                              ? 
_reflns_shell.pdbx_netI_over_sigmaI_all                     ? 
_reflns_shell.pdbx_netI_over_sigmaI_obs                     ? 
_reflns_shell.pdbx_Rrim_I_all                               ? 
_reflns_shell.pdbx_Rpim_I_all                               ? 
_reflns_shell.pdbx_rejects                                  ? 
_reflns_shell.pdbx_ordinal                                  1 
_reflns_shell.pdbx_diffrn_id                                1 
_reflns_shell.pdbx_CC_half                                  0.492 
_reflns_shell.pdbx_CC_star                                  ? 
_reflns_shell.pdbx_R_split                                  ? 
_reflns_shell.pdbx_percent_possible_ellipsoidal             ? 
_reflns_shell.pdbx_percent_possible_spherical               ? 
_reflns_shell.pdbx_percent_possible_ellipsoidal_anomalous   ? 
_reflns_shell.pdbx_percent_possible_spherical_anomalous     ? 
_reflns_shell.pdbx_redundancy_anomalous                     ? 
_reflns_shell.pdbx_CC_half_anomalous                        ? 
_reflns_shell.pdbx_absDiff_over_sigma_anomalous             ? 
_reflns_shell.pdbx_percent_possible_anomalous               ? 
# 
_refine.aniso_B[1][1]                            ? 
_refine.aniso_B[1][2]                            ? 
_refine.aniso_B[1][3]                            ? 
_refine.aniso_B[2][2]                            ? 
_refine.aniso_B[2][3]                            ? 
_refine.aniso_B[3][3]                            ? 
_refine.B_iso_max                                ? 
_refine.B_iso_mean                               ? 
_refine.B_iso_min                                ? 
_refine.correlation_coeff_Fo_to_Fc               ? 
_refine.correlation_coeff_Fo_to_Fc_free          ? 
_refine.details                                  ? 
_refine.diff_density_max                         ? 
_refine.diff_density_max_esd                     ? 
_refine.diff_density_min                         ? 
_refine.diff_density_min_esd                     ? 
_refine.diff_density_rms                         ? 
_refine.diff_density_rms_esd                     ? 
_refine.entry_id                                 8H70 
_refine.pdbx_refine_id                           'X-RAY DIFFRACTION' 
_refine.ls_abs_structure_details                 ? 
_refine.ls_abs_structure_Flack                   ? 
_refine.ls_abs_structure_Flack_esd               ? 
_refine.ls_abs_structure_Rogers                  ? 
_refine.ls_abs_structure_Rogers_esd              ? 
_refine.ls_d_res_high                            1.88 
_refine.ls_d_res_low                             45.48 
_refine.ls_extinction_coef                       ? 
_refine.ls_extinction_coef_esd                   ? 
_refine.ls_extinction_expression                 ? 
_refine.ls_extinction_method                     ? 
_refine.ls_goodness_of_fit_all                   ? 
_refine.ls_goodness_of_fit_all_esd               ? 
_refine.ls_goodness_of_fit_obs                   ? 
_refine.ls_goodness_of_fit_obs_esd               ? 
_refine.ls_hydrogen_treatment                    ? 
_refine.ls_matrix_type                           ? 
_refine.ls_number_constraints                    ? 
_refine.ls_number_parameters                     ? 
_refine.ls_number_reflns_all                     ? 
_refine.ls_number_reflns_obs                     26523 
_refine.ls_number_reflns_R_free                  2648 
_refine.ls_number_reflns_R_work                  ? 
_refine.ls_number_restraints                     ? 
_refine.ls_percent_reflns_obs                    99.33 
_refine.ls_percent_reflns_R_free                 9.98 
_refine.ls_R_factor_all                          ? 
_refine.ls_R_factor_obs                          0.2086 
_refine.ls_R_factor_R_free                       0.2288 
_refine.ls_R_factor_R_free_error                 ? 
_refine.ls_R_factor_R_free_error_details         ? 
_refine.ls_R_factor_R_work                       0.2063 
_refine.ls_R_Fsqd_factor_obs                     ? 
_refine.ls_R_I_factor_obs                        ? 
_refine.ls_redundancy_reflns_all                 ? 
_refine.ls_redundancy_reflns_obs                 ? 
_refine.ls_restrained_S_all                      ? 
_refine.ls_restrained_S_obs                      ? 
_refine.ls_shift_over_esd_max                    ? 
_refine.ls_shift_over_esd_mean                   ? 
_refine.ls_structure_factor_coef                 ? 
_refine.ls_weighting_details                     ? 
_refine.ls_weighting_scheme                      ? 
_refine.ls_wR_factor_all                         ? 
_refine.ls_wR_factor_obs                         ? 
_refine.ls_wR_factor_R_free                      ? 
_refine.ls_wR_factor_R_work                      ? 
_refine.occupancy_max                            ? 
_refine.occupancy_min                            ? 
_refine.solvent_model_details                    'FLAT BULK SOLVENT MODEL' 
_refine.solvent_model_param_bsol                 ? 
_refine.solvent_model_param_ksol                 ? 
_refine.pdbx_R_complete                          ? 
_refine.ls_R_factor_gt                           ? 
_refine.ls_goodness_of_fit_gt                    ? 
_refine.ls_goodness_of_fit_ref                   ? 
_refine.ls_shift_over_su_max                     ? 
_refine.ls_shift_over_su_max_lt                  ? 
_refine.ls_shift_over_su_mean                    ? 
_refine.ls_shift_over_su_mean_lt                 ? 
_refine.pdbx_ls_sigma_I                          ? 
_refine.pdbx_ls_sigma_F                          1.35 
_refine.pdbx_ls_sigma_Fsqd                       ? 
_refine.pdbx_data_cutoff_high_absF               ? 
_refine.pdbx_data_cutoff_high_rms_absF           ? 
_refine.pdbx_data_cutoff_low_absF                ? 
_refine.pdbx_isotropic_thermal_model             ? 
_refine.pdbx_ls_cross_valid_method               'FREE R-VALUE' 
_refine.pdbx_method_to_determine_struct          'MOLECULAR REPLACEMENT' 
_refine.pdbx_starting_model                      ? 
_refine.pdbx_stereochemistry_target_values       ML 
_refine.pdbx_R_Free_selection_details            ? 
_refine.pdbx_stereochem_target_val_spec_case     ? 
_refine.pdbx_overall_ESU_R                       ? 
_refine.pdbx_overall_ESU_R_Free                  ? 
_refine.pdbx_solvent_vdw_probe_radii             1.11 
_refine.pdbx_solvent_ion_probe_radii             ? 
_refine.pdbx_solvent_shrinkage_radii             0.90 
_refine.pdbx_real_space_R                        ? 
_refine.pdbx_density_correlation                 ? 
_refine.pdbx_pd_number_of_powder_patterns        ? 
_refine.pdbx_pd_number_of_points                 ? 
_refine.pdbx_pd_meas_number_of_points            ? 
_refine.pdbx_pd_proc_ls_prof_R_factor            ? 
_refine.pdbx_pd_proc_ls_prof_wR_factor           ? 
_refine.pdbx_pd_Marquardt_correlation_coeff      ? 
_refine.pdbx_pd_Fsqrd_R_factor                   ? 
_refine.pdbx_pd_ls_matrix_band_width             ? 
_refine.pdbx_overall_phase_error                 30.06 
_refine.pdbx_overall_SU_R_free_Cruickshank_DPI   ? 
_refine.pdbx_overall_SU_R_free_Blow_DPI          ? 
_refine.pdbx_overall_SU_R_Blow_DPI               ? 
_refine.pdbx_TLS_residual_ADP_flag               ? 
_refine.pdbx_diffrn_id                           1 
_refine.overall_SU_B                             ? 
_refine.overall_SU_ML                            0.31 
_refine.overall_SU_R_Cruickshank_DPI             ? 
_refine.overall_SU_R_free                        ? 
_refine.overall_FOM_free_R_set                   ? 
_refine.overall_FOM_work_R_set                   ? 
_refine.pdbx_average_fsc_overall                 ? 
_refine.pdbx_average_fsc_work                    ? 
_refine.pdbx_average_fsc_free                    ? 
# 
_refine_hist.pdbx_refine_id                   'X-RAY DIFFRACTION' 
_refine_hist.cycle_id                         LAST 
_refine_hist.pdbx_number_atoms_protein        953 
_refine_hist.pdbx_number_atoms_nucleic_acid   0 
_refine_hist.pdbx_number_atoms_ligand         28 
_refine_hist.number_atoms_solvent             69 
_refine_hist.number_atoms_total               1050 
_refine_hist.d_res_high                       1.88 
_refine_hist.d_res_low                        45.48 
# 
loop_
_refine_ls_restr.pdbx_refine_id 
_refine_ls_restr.criterion 
_refine_ls_restr.dev_ideal 
_refine_ls_restr.dev_ideal_target 
_refine_ls_restr.number 
_refine_ls_restr.rejects 
_refine_ls_restr.type 
_refine_ls_restr.weight 
_refine_ls_restr.pdbx_restraint_function 
'X-RAY DIFFRACTION' ? 0.006 ? 1011 ? f_bond_d           ? ? 
'X-RAY DIFFRACTION' ? 0.873 ? 1359 ? f_angle_d          ? ? 
'X-RAY DIFFRACTION' ? 9.862 ? 147  ? f_dihedral_angle_d ? ? 
'X-RAY DIFFRACTION' ? 0.068 ? 157  ? f_chiral_restr     ? ? 
'X-RAY DIFFRACTION' ? 0.008 ? 169  ? f_plane_restr      ? ? 
# 
loop_
_refine_ls_shell.pdbx_refine_id 
_refine_ls_shell.d_res_high 
_refine_ls_shell.d_res_low 
_refine_ls_shell.number_reflns_all 
_refine_ls_shell.number_reflns_obs 
_refine_ls_shell.number_reflns_R_free 
_refine_ls_shell.number_reflns_R_work 
_refine_ls_shell.percent_reflns_obs 
_refine_ls_shell.percent_reflns_R_free 
_refine_ls_shell.R_factor_all 
_refine_ls_shell.R_factor_obs 
_refine_ls_shell.R_factor_R_free 
_refine_ls_shell.R_factor_R_free_error 
_refine_ls_shell.R_factor_R_work 
_refine_ls_shell.redundancy_reflns_all 
_refine_ls_shell.redundancy_reflns_obs 
_refine_ls_shell.wR_factor_all 
_refine_ls_shell.wR_factor_obs 
_refine_ls_shell.wR_factor_R_free 
_refine_ls_shell.wR_factor_R_work 
_refine_ls_shell.pdbx_R_complete 
_refine_ls_shell.pdbx_total_number_of_bins_used 
_refine_ls_shell.pdbx_phase_error 
_refine_ls_shell.pdbx_fsc_work 
_refine_ls_shell.pdbx_fsc_free 
'X-RAY DIFFRACTION' 1.88 1.91  . . 134 1194 94.00  . . . 0.4037 . 0.4592 . . . . . . . . . . . 
'X-RAY DIFFRACTION' 1.91 1.95  . . 136 1244 99.00  . . . 0.4458 . 0.4191 . . . . . . . . . . . 
'X-RAY DIFFRACTION' 1.95 1.99  . . 139 1251 99.00  . . . 0.4264 . 0.3628 . . . . . . . . . . . 
'X-RAY DIFFRACTION' 1.99 2.03  . . 144 1271 100.00 . . . 0.3547 . 0.3486 . . . . . . . . . . . 
'X-RAY DIFFRACTION' 2.03 2.08  . . 134 1245 100.00 . . . 0.3321 . 0.3121 . . . . . . . . . . . 
'X-RAY DIFFRACTION' 2.08 2.13  . . 141 1273 100.00 . . . 0.2965 . 0.2870 . . . . . . . . . . . 
'X-RAY DIFFRACTION' 2.13 2.19  . . 141 1270 100.00 . . . 0.3137 . 0.2722 . . . . . . . . . . . 
'X-RAY DIFFRACTION' 2.19 2.25  . . 145 1268 100.00 . . . 0.2926 . 0.2503 . . . . . . . . . . . 
'X-RAY DIFFRACTION' 2.25 2.32  . . 137 1234 100.00 . . . 0.2768 . 0.2255 . . . . . . . . . . . 
'X-RAY DIFFRACTION' 2.32 2.41  . . 142 1288 100.00 . . . 0.3514 . 0.2237 . . . . . . . . . . . 
'X-RAY DIFFRACTION' 2.41 2.50  . . 138 1268 100.00 . . . 0.2548 . 0.2005 . . . . . . . . . . . 
'X-RAY DIFFRACTION' 2.50 2.62  . . 139 1268 100.00 . . . 0.2751 . 0.2041 . . . . . . . . . . . 
'X-RAY DIFFRACTION' 2.62 2.75  . . 142 1254 100.00 . . . 0.1887 . 0.2023 . . . . . . . . . . . 
'X-RAY DIFFRACTION' 2.75 2.93  . . 143 1261 100.00 . . . 0.2317 . 0.2149 . . . . . . . . . . . 
'X-RAY DIFFRACTION' 2.93 3.15  . . 140 1263 99.00  . . . 0.2685 . 0.2011 . . . . . . . . . . . 
'X-RAY DIFFRACTION' 3.15 3.47  . . 144 1228 99.00  . . . 0.2180 . 0.2036 . . . . . . . . . . . 
'X-RAY DIFFRACTION' 3.47 3.97  . . 130 1248 99.00  . . . 0.1805 . 0.1734 . . . . . . . . . . . 
'X-RAY DIFFRACTION' 3.97 5.00  . . 142 1269 100.00 . . . 0.1569 . 0.1621 . . . . . . . . . . . 
'X-RAY DIFFRACTION' 5.01 45.48 . . 137 1278 100.00 . . . 0.2294 . 0.1915 . . . . . . . . . . . 
# 
_struct.entry_id                     8H70 
_struct.title                        
'Crystal structure of the catalytic ATP-binding domain of the PhoR sensor histidine kinase from Vibrio cholera' 
_struct.pdbx_model_details           ? 
_struct.pdbx_formula_weight          ? 
_struct.pdbx_formula_weight_method   ? 
_struct.pdbx_model_type_details      ? 
_struct.pdbx_CASP_flag               N 
# 
_struct_keywords.entry_id        8H70 
_struct_keywords.text            'Histidine kinase, MEMBRANE PROTEIN' 
_struct_keywords.pdbx_keywords   'MEMBRANE PROTEIN' 
# 
loop_
_struct_asym.id 
_struct_asym.pdbx_blank_PDB_chainid_flag 
_struct_asym.pdbx_modified 
_struct_asym.entity_id 
_struct_asym.details 
A N N 1 ? 
B N N 2 ? 
C N N 2 ? 
D N N 2 ? 
E N N 2 ? 
F N N 3 ? 
# 
_struct_ref.id                         1 
_struct_ref.db_name                    UNP 
_struct_ref.db_code                    A0A0H6AL97_VIBCL 
_struct_ref.pdbx_db_accession          A0A0H6AL97 
_struct_ref.pdbx_db_isoform            ? 
_struct_ref.entity_id                  1 
_struct_ref.pdbx_seq_one_letter_code   
;ELDQVVDVPAMLEVLEKEAVSLSGEAQHKLHFEVDKSLKVLADEDQLRSAISNLVYNAVKYTPPGAQIDVRWYRTGKGAC
LEVEDKGEGIEPQHLHRLTERFYRVDKARSRDTGGSGLGLAIVKHALAHHDTHLDIYSKVGVGSKFSFVLPKRLVAK
;
_struct_ref.pdbx_align_begin           276 
# 
_struct_ref_seq.align_id                      1 
_struct_ref_seq.ref_id                        1 
_struct_ref_seq.pdbx_PDB_id_code              8H70 
_struct_ref_seq.pdbx_strand_id                A 
_struct_ref_seq.seq_align_beg                 5 
_struct_ref_seq.pdbx_seq_align_beg_ins_code   ? 
_struct_ref_seq.seq_align_end                 161 
_struct_ref_seq.pdbx_seq_align_end_ins_code   ? 
_struct_ref_seq.pdbx_db_accession             A0A0H6AL97 
_struct_ref_seq.db_align_beg                  276 
_struct_ref_seq.pdbx_db_align_beg_ins_code    ? 
_struct_ref_seq.db_align_end                  432 
_struct_ref_seq.pdbx_db_align_end_ins_code    ? 
_struct_ref_seq.pdbx_auth_seq_align_beg       246 
_struct_ref_seq.pdbx_auth_seq_align_end       402 
# 
loop_
_struct_ref_seq_dif.align_id 
_struct_ref_seq_dif.pdbx_pdb_id_code 
_struct_ref_seq_dif.mon_id 
_struct_ref_seq_dif.pdbx_pdb_strand_id 
_struct_ref_seq_dif.seq_num 
_struct_ref_seq_dif.pdbx_pdb_ins_code 
_struct_ref_seq_dif.pdbx_seq_db_name 
_struct_ref_seq_dif.pdbx_seq_db_accession_code 
_struct_ref_seq_dif.db_mon_id 
_struct_ref_seq_dif.pdbx_seq_db_seq_num 
_struct_ref_seq_dif.details 
_struct_ref_seq_dif.pdbx_auth_seq_num 
_struct_ref_seq_dif.pdbx_ordinal 
1 8H70 GLY A 1 ? UNP A0A0H6AL97 ? ? 'expression tag' 242 1 
1 8H70 PRO A 2 ? UNP A0A0H6AL97 ? ? 'expression tag' 243 2 
1 8H70 HIS A 3 ? UNP A0A0H6AL97 ? ? 'expression tag' 244 3 
1 8H70 MET A 4 ? UNP A0A0H6AL97 ? ? 'expression tag' 245 4 
# 
_pdbx_struct_assembly.id                   1 
_pdbx_struct_assembly.details              author_defined_assembly 
_pdbx_struct_assembly.method_details       ? 
_pdbx_struct_assembly.oligomeric_details   monomeric 
_pdbx_struct_assembly.oligomeric_count     1 
# 
_pdbx_struct_assembly_gen.assembly_id       1 
_pdbx_struct_assembly_gen.oper_expression   1 
_pdbx_struct_assembly_gen.asym_id_list      A,B,C,D,E,F 
# 
_pdbx_struct_assembly_auth_evidence.id                     1 
_pdbx_struct_assembly_auth_evidence.assembly_id            1 
_pdbx_struct_assembly_auth_evidence.experimental_support   'gel filtration' 
_pdbx_struct_assembly_auth_evidence.details                ? 
# 
_pdbx_struct_oper_list.id                   1 
_pdbx_struct_oper_list.type                 'identity operation' 
_pdbx_struct_oper_list.name                 1_555 
_pdbx_struct_oper_list.symmetry_operation   x,y,z 
_pdbx_struct_oper_list.matrix[1][1]         1.0000000000 
_pdbx_struct_oper_list.matrix[1][2]         0.0000000000 
_pdbx_struct_oper_list.matrix[1][3]         0.0000000000 
_pdbx_struct_oper_list.vector[1]            0.0000000000 
_pdbx_struct_oper_list.matrix[2][1]         0.0000000000 
_pdbx_struct_oper_list.matrix[2][2]         1.0000000000 
_pdbx_struct_oper_list.matrix[2][3]         0.0000000000 
_pdbx_struct_oper_list.vector[2]            0.0000000000 
_pdbx_struct_oper_list.matrix[3][1]         0.0000000000 
_pdbx_struct_oper_list.matrix[3][2]         0.0000000000 
_pdbx_struct_oper_list.matrix[3][3]         1.0000000000 
_pdbx_struct_oper_list.vector[3]            0.0000000000 
# 
loop_
_struct_conf.conf_type_id 
_struct_conf.id 
_struct_conf.pdbx_PDB_helix_id 
_struct_conf.beg_label_comp_id 
_struct_conf.beg_label_asym_id 
_struct_conf.beg_label_seq_id 
_struct_conf.pdbx_beg_PDB_ins_code 
_struct_conf.end_label_comp_id 
_struct_conf.end_label_asym_id 
_struct_conf.end_label_seq_id 
_struct_conf.pdbx_end_PDB_ins_code 
_struct_conf.beg_auth_comp_id 
_struct_conf.beg_auth_asym_id 
_struct_conf.beg_auth_seq_id 
_struct_conf.end_auth_comp_id 
_struct_conf.end_auth_asym_id 
_struct_conf.end_auth_seq_id 
_struct_conf.pdbx_PDB_helix_class 
_struct_conf.details 
_struct_conf.pdbx_PDB_helix_length 
HELX_P HELX_P1 AA1 ASP A 11  ? GLY A 28  ? ASP A 252 GLY A 269 1 ? 18 
HELX_P HELX_P2 AA2 GLU A 29  ? GLN A 31  ? GLU A 270 GLN A 272 5 ? 3  
HELX_P HELX_P3 AA3 ASP A 47  ? TYR A 65  ? ASP A 288 TYR A 306 1 ? 19 
HELX_P HELX_P4 AA4 LEU A 124 ? HIS A 133 ? LEU A 365 HIS A 374 1 ? 10 
HELX_P HELX_P5 AA5 ARG A 157 ? VAL A 159 ? ARG A 398 VAL A 400 5 ? 3  
# 
_struct_conf_type.id          HELX_P 
_struct_conf_type.criteria    ? 
_struct_conf_type.reference   ? 
# 
loop_
_struct_sheet.id 
_struct_sheet.type 
_struct_sheet.number_strands 
_struct_sheet.details 
AA1 ? 2 ? 
AA2 ? 5 ? 
# 
loop_
_struct_sheet_order.sheet_id 
_struct_sheet_order.range_id_1 
_struct_sheet_order.range_id_2 
_struct_sheet_order.offset 
_struct_sheet_order.sense 
AA1 1 2 ? anti-parallel 
AA2 1 2 ? parallel      
AA2 2 3 ? anti-parallel 
AA2 3 4 ? anti-parallel 
AA2 4 5 ? anti-parallel 
# 
loop_
_struct_sheet_range.sheet_id 
_struct_sheet_range.id 
_struct_sheet_range.beg_label_comp_id 
_struct_sheet_range.beg_label_asym_id 
_struct_sheet_range.beg_label_seq_id 
_struct_sheet_range.pdbx_beg_PDB_ins_code 
_struct_sheet_range.end_label_comp_id 
_struct_sheet_range.end_label_asym_id 
_struct_sheet_range.end_label_seq_id 
_struct_sheet_range.pdbx_end_PDB_ins_code 
_struct_sheet_range.beg_auth_comp_id 
_struct_sheet_range.beg_auth_asym_id 
_struct_sheet_range.beg_auth_seq_id 
_struct_sheet_range.end_auth_comp_id 
_struct_sheet_range.end_auth_asym_id 
_struct_sheet_range.end_auth_seq_id 
AA1 1 VAL A 9   ? VAL A 10  ? VAL A 250 VAL A 251 
AA1 2 VAL A 44  ? LEU A 45  ? VAL A 285 LEU A 286 
AA2 1 LYS A 33  ? VAL A 38  ? LYS A 274 VAL A 279 
AA2 2 GLN A 71  ? THR A 79  ? GLN A 312 THR A 320 
AA2 3 GLY A 82  ? ASP A 89  ? GLY A 323 ASP A 330 
AA2 4 GLY A 147 ? PRO A 155 ? GLY A 388 PRO A 396 
AA2 5 ASP A 139 ? LYS A 143 ? ASP A 380 LYS A 384 
# 
loop_
_pdbx_struct_sheet_hbond.sheet_id 
_pdbx_struct_sheet_hbond.range_id_1 
_pdbx_struct_sheet_hbond.range_id_2 
_pdbx_struct_sheet_hbond.range_1_label_atom_id 
_pdbx_struct_sheet_hbond.range_1_label_comp_id 
_pdbx_struct_sheet_hbond.range_1_label_asym_id 
_pdbx_struct_sheet_hbond.range_1_label_seq_id 
_pdbx_struct_sheet_hbond.range_1_PDB_ins_code 
_pdbx_struct_sheet_hbond.range_1_auth_atom_id 
_pdbx_struct_sheet_hbond.range_1_auth_comp_id 
_pdbx_struct_sheet_hbond.range_1_auth_asym_id 
_pdbx_struct_sheet_hbond.range_1_auth_seq_id 
_pdbx_struct_sheet_hbond.range_2_label_atom_id 
_pdbx_struct_sheet_hbond.range_2_label_comp_id 
_pdbx_struct_sheet_hbond.range_2_label_asym_id 
_pdbx_struct_sheet_hbond.range_2_label_seq_id 
_pdbx_struct_sheet_hbond.range_2_PDB_ins_code 
_pdbx_struct_sheet_hbond.range_2_auth_atom_id 
_pdbx_struct_sheet_hbond.range_2_auth_comp_id 
_pdbx_struct_sheet_hbond.range_2_auth_asym_id 
_pdbx_struct_sheet_hbond.range_2_auth_seq_id 
AA1 1 2 N VAL A 10  ? N VAL A 251 O VAL A 44  ? O VAL A 285 
AA2 1 2 N HIS A 35  ? N HIS A 276 O VAL A 74  ? O VAL A 315 
AA2 2 3 N ASP A 73  ? N ASP A 314 O GLU A 88  ? O GLU A 329 
AA2 3 4 N ALA A 83  ? N ALA A 324 O LEU A 154 ? O LEU A 395 
AA2 4 5 O SER A 151 ? O SER A 392 N ASP A 139 ? N ASP A 380 
# 
_pdbx_validate_close_contact.id               1 
_pdbx_validate_close_contact.PDB_model_num    1 
_pdbx_validate_close_contact.auth_atom_id_1   OE2 
_pdbx_validate_close_contact.auth_asym_id_1   A 
_pdbx_validate_close_contact.auth_comp_id_1   GLU 
_pdbx_validate_close_contact.auth_seq_id_1    278 
_pdbx_validate_close_contact.PDB_ins_code_1   ? 
_pdbx_validate_close_contact.label_alt_id_1   ? 
_pdbx_validate_close_contact.auth_atom_id_2   O 
_pdbx_validate_close_contact.auth_asym_id_2   A 
_pdbx_validate_close_contact.auth_comp_id_2   HOH 
_pdbx_validate_close_contact.auth_seq_id_2    601 
_pdbx_validate_close_contact.PDB_ins_code_2   ? 
_pdbx_validate_close_contact.label_alt_id_2   ? 
_pdbx_validate_close_contact.dist             2.12 
# 
loop_
_pdbx_struct_special_symmetry.id 
_pdbx_struct_special_symmetry.PDB_model_num 
_pdbx_struct_special_symmetry.auth_asym_id 
_pdbx_struct_special_symmetry.auth_comp_id 
_pdbx_struct_special_symmetry.auth_seq_id 
_pdbx_struct_special_symmetry.PDB_ins_code 
_pdbx_struct_special_symmetry.label_asym_id 
_pdbx_struct_special_symmetry.label_comp_id 
_pdbx_struct_special_symmetry.label_seq_id 
1 1 A HOH 618 ? F HOH . 
2 1 A HOH 657 ? F HOH . 
# 
_pdbx_entry_details.entry_id                 8H70 
_pdbx_entry_details.has_ligand_of_interest   N 
_pdbx_entry_details.compound_details         ? 
_pdbx_entry_details.source_details           ? 
_pdbx_entry_details.nonpolymer_details       ? 
_pdbx_entry_details.sequence_details         ? 
# 
loop_
_pdbx_unobs_or_zero_occ_residues.id 
_pdbx_unobs_or_zero_occ_residues.PDB_model_num 
_pdbx_unobs_or_zero_occ_residues.polymer_flag 
_pdbx_unobs_or_zero_occ_residues.occupancy_flag 
_pdbx_unobs_or_zero_occ_residues.auth_asym_id 
_pdbx_unobs_or_zero_occ_residues.auth_comp_id 
_pdbx_unobs_or_zero_occ_residues.auth_seq_id 
_pdbx_unobs_or_zero_occ_residues.PDB_ins_code 
_pdbx_unobs_or_zero_occ_residues.label_asym_id 
_pdbx_unobs_or_zero_occ_residues.label_comp_id 
_pdbx_unobs_or_zero_occ_residues.label_seq_id 
1  1 Y 1 A GLY 242 ? A GLY 1   
2  1 Y 1 A PRO 243 ? A PRO 2   
3  1 Y 1 A HIS 244 ? A HIS 3   
4  1 Y 1 A MET 245 ? A MET 4   
5  1 Y 1 A GLU 246 ? A GLU 5   
6  1 Y 1 A GLY 332 ? A GLY 91  
7  1 Y 1 A GLU 333 ? A GLU 92  
8  1 Y 1 A GLY 334 ? A GLY 93  
9  1 Y 1 A ILE 335 ? A ILE 94  
10 1 Y 1 A GLU 336 ? A GLU 95  
11 1 Y 1 A PRO 337 ? A PRO 96  
12 1 Y 1 A GLN 338 ? A GLN 97  
13 1 Y 1 A HIS 339 ? A HIS 98  
14 1 Y 1 A LEU 340 ? A LEU 99  
15 1 Y 1 A HIS 341 ? A HIS 100 
16 1 Y 1 A ARG 342 ? A ARG 101 
17 1 Y 1 A LEU 343 ? A LEU 102 
18 1 Y 1 A THR 344 ? A THR 103 
19 1 Y 1 A GLU 345 ? A GLU 104 
20 1 Y 1 A ARG 346 ? A ARG 105 
21 1 Y 1 A PHE 347 ? A PHE 106 
22 1 Y 1 A TYR 348 ? A TYR 107 
23 1 Y 1 A ARG 349 ? A ARG 108 
24 1 Y 1 A VAL 350 ? A VAL 109 
25 1 Y 1 A ASP 351 ? A ASP 110 
26 1 Y 1 A LYS 352 ? A LYS 111 
27 1 Y 1 A ALA 353 ? A ALA 112 
28 1 Y 1 A ARG 354 ? A ARG 113 
29 1 Y 1 A SER 355 ? A SER 114 
30 1 Y 1 A ARG 356 ? A ARG 115 
31 1 Y 1 A ASP 357 ? A ASP 116 
32 1 Y 1 A THR 358 ? A THR 117 
33 1 Y 1 A GLY 359 ? A GLY 118 
34 1 Y 1 A GLY 360 ? A GLY 119 
35 1 Y 1 A SER 361 ? A SER 120 
36 1 Y 1 A GLY 362 ? A GLY 121 
37 1 Y 1 A LEU 363 ? A LEU 122 
# 
loop_
_chem_comp_atom.comp_id 
_chem_comp_atom.atom_id 
_chem_comp_atom.type_symbol 
_chem_comp_atom.pdbx_aromatic_flag 
_chem_comp_atom.pdbx_stereo_config 
_chem_comp_atom.pdbx_ordinal 
ALA N    N N N 1   
ALA CA   C N S 2   
ALA C    C N N 3   
ALA O    O N N 4   
ALA CB   C N N 5   
ALA OXT  O N N 6   
ALA H    H N N 7   
ALA H2   H N N 8   
ALA HA   H N N 9   
ALA HB1  H N N 10  
ALA HB2  H N N 11  
ALA HB3  H N N 12  
ALA HXT  H N N 13  
ARG N    N N N 14  
ARG CA   C N S 15  
ARG C    C N N 16  
ARG O    O N N 17  
ARG CB   C N N 18  
ARG CG   C N N 19  
ARG CD   C N N 20  
ARG NE   N N N 21  
ARG CZ   C N N 22  
ARG NH1  N N N 23  
ARG NH2  N N N 24  
ARG OXT  O N N 25  
ARG H    H N N 26  
ARG H2   H N N 27  
ARG HA   H N N 28  
ARG HB2  H N N 29  
ARG HB3  H N N 30  
ARG HG2  H N N 31  
ARG HG3  H N N 32  
ARG HD2  H N N 33  
ARG HD3  H N N 34  
ARG HE   H N N 35  
ARG HH11 H N N 36  
ARG HH12 H N N 37  
ARG HH21 H N N 38  
ARG HH22 H N N 39  
ARG HXT  H N N 40  
ASN N    N N N 41  
ASN CA   C N S 42  
ASN C    C N N 43  
ASN O    O N N 44  
ASN CB   C N N 45  
ASN CG   C N N 46  
ASN OD1  O N N 47  
ASN ND2  N N N 48  
ASN OXT  O N N 49  
ASN H    H N N 50  
ASN H2   H N N 51  
ASN HA   H N N 52  
ASN HB2  H N N 53  
ASN HB3  H N N 54  
ASN HD21 H N N 55  
ASN HD22 H N N 56  
ASN HXT  H N N 57  
ASP N    N N N 58  
ASP CA   C N S 59  
ASP C    C N N 60  
ASP O    O N N 61  
ASP CB   C N N 62  
ASP CG   C N N 63  
ASP OD1  O N N 64  
ASP OD2  O N N 65  
ASP OXT  O N N 66  
ASP H    H N N 67  
ASP H2   H N N 68  
ASP HA   H N N 69  
ASP HB2  H N N 70  
ASP HB3  H N N 71  
ASP HD2  H N N 72  
ASP HXT  H N N 73  
CYS N    N N N 74  
CYS CA   C N R 75  
CYS C    C N N 76  
CYS O    O N N 77  
CYS CB   C N N 78  
CYS SG   S N N 79  
CYS OXT  O N N 80  
CYS H    H N N 81  
CYS H2   H N N 82  
CYS HA   H N N 83  
CYS HB2  H N N 84  
CYS HB3  H N N 85  
CYS HG   H N N 86  
CYS HXT  H N N 87  
GLN N    N N N 88  
GLN CA   C N S 89  
GLN C    C N N 90  
GLN O    O N N 91  
GLN CB   C N N 92  
GLN CG   C N N 93  
GLN CD   C N N 94  
GLN OE1  O N N 95  
GLN NE2  N N N 96  
GLN OXT  O N N 97  
GLN H    H N N 98  
GLN H2   H N N 99  
GLN HA   H N N 100 
GLN HB2  H N N 101 
GLN HB3  H N N 102 
GLN HG2  H N N 103 
GLN HG3  H N N 104 
GLN HE21 H N N 105 
GLN HE22 H N N 106 
GLN HXT  H N N 107 
GLU N    N N N 108 
GLU CA   C N S 109 
GLU C    C N N 110 
GLU O    O N N 111 
GLU CB   C N N 112 
GLU CG   C N N 113 
GLU CD   C N N 114 
GLU OE1  O N N 115 
GLU OE2  O N N 116 
GLU OXT  O N N 117 
GLU H    H N N 118 
GLU H2   H N N 119 
GLU HA   H N N 120 
GLU HB2  H N N 121 
GLU HB3  H N N 122 
GLU HG2  H N N 123 
GLU HG3  H N N 124 
GLU HE2  H N N 125 
GLU HXT  H N N 126 
GLY N    N N N 127 
GLY CA   C N N 128 
GLY C    C N N 129 
GLY O    O N N 130 
GLY OXT  O N N 131 
GLY H    H N N 132 
GLY H2   H N N 133 
GLY HA2  H N N 134 
GLY HA3  H N N 135 
GLY HXT  H N N 136 
HIS N    N N N 137 
HIS CA   C N S 138 
HIS C    C N N 139 
HIS O    O N N 140 
HIS CB   C N N 141 
HIS CG   C Y N 142 
HIS ND1  N Y N 143 
HIS CD2  C Y N 144 
HIS CE1  C Y N 145 
HIS NE2  N Y N 146 
HIS OXT  O N N 147 
HIS H    H N N 148 
HIS H2   H N N 149 
HIS HA   H N N 150 
HIS HB2  H N N 151 
HIS HB3  H N N 152 
HIS HD1  H N N 153 
HIS HD2  H N N 154 
HIS HE1  H N N 155 
HIS HE2  H N N 156 
HIS HXT  H N N 157 
HOH O    O N N 158 
HOH H1   H N N 159 
HOH H2   H N N 160 
ILE N    N N N 161 
ILE CA   C N S 162 
ILE C    C N N 163 
ILE O    O N N 164 
ILE CB   C N S 165 
ILE CG1  C N N 166 
ILE CG2  C N N 167 
ILE CD1  C N N 168 
ILE OXT  O N N 169 
ILE H    H N N 170 
ILE H2   H N N 171 
ILE HA   H N N 172 
ILE HB   H N N 173 
ILE HG12 H N N 174 
ILE HG13 H N N 175 
ILE HG21 H N N 176 
ILE HG22 H N N 177 
ILE HG23 H N N 178 
ILE HD11 H N N 179 
ILE HD12 H N N 180 
ILE HD13 H N N 181 
ILE HXT  H N N 182 
LEU N    N N N 183 
LEU CA   C N S 184 
LEU C    C N N 185 
LEU O    O N N 186 
LEU CB   C N N 187 
LEU CG   C N N 188 
LEU CD1  C N N 189 
LEU CD2  C N N 190 
LEU OXT  O N N 191 
LEU H    H N N 192 
LEU H2   H N N 193 
LEU HA   H N N 194 
LEU HB2  H N N 195 
LEU HB3  H N N 196 
LEU HG   H N N 197 
LEU HD11 H N N 198 
LEU HD12 H N N 199 
LEU HD13 H N N 200 
LEU HD21 H N N 201 
LEU HD22 H N N 202 
LEU HD23 H N N 203 
LEU HXT  H N N 204 
LYS N    N N N 205 
LYS CA   C N S 206 
LYS C    C N N 207 
LYS O    O N N 208 
LYS CB   C N N 209 
LYS CG   C N N 210 
LYS CD   C N N 211 
LYS CE   C N N 212 
LYS NZ   N N N 213 
LYS OXT  O N N 214 
LYS H    H N N 215 
LYS H2   H N N 216 
LYS HA   H N N 217 
LYS HB2  H N N 218 
LYS HB3  H N N 219 
LYS HG2  H N N 220 
LYS HG3  H N N 221 
LYS HD2  H N N 222 
LYS HD3  H N N 223 
LYS HE2  H N N 224 
LYS HE3  H N N 225 
LYS HZ1  H N N 226 
LYS HZ2  H N N 227 
LYS HZ3  H N N 228 
LYS HXT  H N N 229 
MET N    N N N 230 
MET CA   C N S 231 
MET C    C N N 232 
MET O    O N N 233 
MET CB   C N N 234 
MET CG   C N N 235 
MET SD   S N N 236 
MET CE   C N N 237 
MET OXT  O N N 238 
MET H    H N N 239 
MET H2   H N N 240 
MET HA   H N N 241 
MET HB2  H N N 242 
MET HB3  H N N 243 
MET HG2  H N N 244 
MET HG3  H N N 245 
MET HE1  H N N 246 
MET HE2  H N N 247 
MET HE3  H N N 248 
MET HXT  H N N 249 
PEG C1   C N N 250 
PEG O1   O N N 251 
PEG C2   C N N 252 
PEG O2   O N N 253 
PEG C3   C N N 254 
PEG C4   C N N 255 
PEG O4   O N N 256 
PEG H11  H N N 257 
PEG H12  H N N 258 
PEG HO1  H N N 259 
PEG H21  H N N 260 
PEG H22  H N N 261 
PEG H31  H N N 262 
PEG H32  H N N 263 
PEG H41  H N N 264 
PEG H42  H N N 265 
PEG HO4  H N N 266 
PHE N    N N N 267 
PHE CA   C N S 268 
PHE C    C N N 269 
PHE O    O N N 270 
PHE CB   C N N 271 
PHE CG   C Y N 272 
PHE CD1  C Y N 273 
PHE CD2  C Y N 274 
PHE CE1  C Y N 275 
PHE CE2  C Y N 276 
PHE CZ   C Y N 277 
PHE OXT  O N N 278 
PHE H    H N N 279 
PHE H2   H N N 280 
PHE HA   H N N 281 
PHE HB2  H N N 282 
PHE HB3  H N N 283 
PHE HD1  H N N 284 
PHE HD2  H N N 285 
PHE HE1  H N N 286 
PHE HE2  H N N 287 
PHE HZ   H N N 288 
PHE HXT  H N N 289 
PRO N    N N N 290 
PRO CA   C N S 291 
PRO C    C N N 292 
PRO O    O N N 293 
PRO CB   C N N 294 
PRO CG   C N N 295 
PRO CD   C N N 296 
PRO OXT  O N N 297 
PRO H    H N N 298 
PRO HA   H N N 299 
PRO HB2  H N N 300 
PRO HB3  H N N 301 
PRO HG2  H N N 302 
PRO HG3  H N N 303 
PRO HD2  H N N 304 
PRO HD3  H N N 305 
PRO HXT  H N N 306 
SER N    N N N 307 
SER CA   C N S 308 
SER C    C N N 309 
SER O    O N N 310 
SER CB   C N N 311 
SER OG   O N N 312 
SER OXT  O N N 313 
SER H    H N N 314 
SER H2   H N N 315 
SER HA   H N N 316 
SER HB2  H N N 317 
SER HB3  H N N 318 
SER HG   H N N 319 
SER HXT  H N N 320 
THR N    N N N 321 
THR CA   C N S 322 
THR C    C N N 323 
THR O    O N N 324 
THR CB   C N R 325 
THR OG1  O N N 326 
THR CG2  C N N 327 
THR OXT  O N N 328 
THR H    H N N 329 
THR H2   H N N 330 
THR HA   H N N 331 
THR HB   H N N 332 
THR HG1  H N N 333 
THR HG21 H N N 334 
THR HG22 H N N 335 
THR HG23 H N N 336 
THR HXT  H N N 337 
TRP N    N N N 338 
TRP CA   C N S 339 
TRP C    C N N 340 
TRP O    O N N 341 
TRP CB   C N N 342 
TRP CG   C Y N 343 
TRP CD1  C Y N 344 
TRP CD2  C Y N 345 
TRP NE1  N Y N 346 
TRP CE2  C Y N 347 
TRP CE3  C Y N 348 
TRP CZ2  C Y N 349 
TRP CZ3  C Y N 350 
TRP CH2  C Y N 351 
TRP OXT  O N N 352 
TRP H    H N N 353 
TRP H2   H N N 354 
TRP HA   H N N 355 
TRP HB2  H N N 356 
TRP HB3  H N N 357 
TRP HD1  H N N 358 
TRP HE1  H N N 359 
TRP HE3  H N N 360 
TRP HZ2  H N N 361 
TRP HZ3  H N N 362 
TRP HH2  H N N 363 
TRP HXT  H N N 364 
TYR N    N N N 365 
TYR CA   C N S 366 
TYR C    C N N 367 
TYR O    O N N 368 
TYR CB   C N N 369 
TYR CG   C Y N 370 
TYR CD1  C Y N 371 
TYR CD2  C Y N 372 
TYR CE1  C Y N 373 
TYR CE2  C Y N 374 
TYR CZ   C Y N 375 
TYR OH   O N N 376 
TYR OXT  O N N 377 
TYR H    H N N 378 
TYR H2   H N N 379 
TYR HA   H N N 380 
TYR HB2  H N N 381 
TYR HB3  H N N 382 
TYR HD1  H N N 383 
TYR HD2  H N N 384 
TYR HE1  H N N 385 
TYR HE2  H N N 386 
TYR HH   H N N 387 
TYR HXT  H N N 388 
VAL N    N N N 389 
VAL CA   C N S 390 
VAL C    C N N 391 
VAL O    O N N 392 
VAL CB   C N N 393 
VAL CG1  C N N 394 
VAL CG2  C N N 395 
VAL OXT  O N N 396 
VAL H    H N N 397 
VAL H2   H N N 398 
VAL HA   H N N 399 
VAL HB   H N N 400 
VAL HG11 H N N 401 
VAL HG12 H N N 402 
VAL HG13 H N N 403 
VAL HG21 H N N 404 
VAL HG22 H N N 405 
VAL HG23 H N N 406 
VAL HXT  H N N 407 
# 
loop_
_chem_comp_bond.comp_id 
_chem_comp_bond.atom_id_1 
_chem_comp_bond.atom_id_2 
_chem_comp_bond.value_order 
_chem_comp_bond.pdbx_aromatic_flag 
_chem_comp_bond.pdbx_stereo_config 
_chem_comp_bond.pdbx_ordinal 
ALA N   CA   sing N N 1   
ALA N   H    sing N N 2   
ALA N   H2   sing N N 3   
ALA CA  C    sing N N 4   
ALA CA  CB   sing N N 5   
ALA CA  HA   sing N N 6   
ALA C   O    doub N N 7   
ALA C   OXT  sing N N 8   
ALA CB  HB1  sing N N 9   
ALA CB  HB2  sing N N 10  
ALA CB  HB3  sing N N 11  
ALA OXT HXT  sing N N 12  
ARG N   CA   sing N N 13  
ARG N   H    sing N N 14  
ARG N   H2   sing N N 15  
ARG CA  C    sing N N 16  
ARG CA  CB   sing N N 17  
ARG CA  HA   sing N N 18  
ARG C   O    doub N N 19  
ARG C   OXT  sing N N 20  
ARG CB  CG   sing N N 21  
ARG CB  HB2  sing N N 22  
ARG CB  HB3  sing N N 23  
ARG CG  CD   sing N N 24  
ARG CG  HG2  sing N N 25  
ARG CG  HG3  sing N N 26  
ARG CD  NE   sing N N 27  
ARG CD  HD2  sing N N 28  
ARG CD  HD3  sing N N 29  
ARG NE  CZ   sing N N 30  
ARG NE  HE   sing N N 31  
ARG CZ  NH1  sing N N 32  
ARG CZ  NH2  doub N N 33  
ARG NH1 HH11 sing N N 34  
ARG NH1 HH12 sing N N 35  
ARG NH2 HH21 sing N N 36  
ARG NH2 HH22 sing N N 37  
ARG OXT HXT  sing N N 38  
ASN N   CA   sing N N 39  
ASN N   H    sing N N 40  
ASN N   H2   sing N N 41  
ASN CA  C    sing N N 42  
ASN CA  CB   sing N N 43  
ASN CA  HA   sing N N 44  
ASN C   O    doub N N 45  
ASN C   OXT  sing N N 46  
ASN CB  CG   sing N N 47  
ASN CB  HB2  sing N N 48  
ASN CB  HB3  sing N N 49  
ASN CG  OD1  doub N N 50  
ASN CG  ND2  sing N N 51  
ASN ND2 HD21 sing N N 52  
ASN ND2 HD22 sing N N 53  
ASN OXT HXT  sing N N 54  
ASP N   CA   sing N N 55  
ASP N   H    sing N N 56  
ASP N   H2   sing N N 57  
ASP CA  C    sing N N 58  
ASP CA  CB   sing N N 59  
ASP CA  HA   sing N N 60  
ASP C   O    doub N N 61  
ASP C   OXT  sing N N 62  
ASP CB  CG   sing N N 63  
ASP CB  HB2  sing N N 64  
ASP CB  HB3  sing N N 65  
ASP CG  OD1  doub N N 66  
ASP CG  OD2  sing N N 67  
ASP OD2 HD2  sing N N 68  
ASP OXT HXT  sing N N 69  
CYS N   CA   sing N N 70  
CYS N   H    sing N N 71  
CYS N   H2   sing N N 72  
CYS CA  C    sing N N 73  
CYS CA  CB   sing N N 74  
CYS CA  HA   sing N N 75  
CYS C   O    doub N N 76  
CYS C   OXT  sing N N 77  
CYS CB  SG   sing N N 78  
CYS CB  HB2  sing N N 79  
CYS CB  HB3  sing N N 80  
CYS SG  HG   sing N N 81  
CYS OXT HXT  sing N N 82  
GLN N   CA   sing N N 83  
GLN N   H    sing N N 84  
GLN N   H2   sing N N 85  
GLN CA  C    sing N N 86  
GLN CA  CB   sing N N 87  
GLN CA  HA   sing N N 88  
GLN C   O    doub N N 89  
GLN C   OXT  sing N N 90  
GLN CB  CG   sing N N 91  
GLN CB  HB2  sing N N 92  
GLN CB  HB3  sing N N 93  
GLN CG  CD   sing N N 94  
GLN CG  HG2  sing N N 95  
GLN CG  HG3  sing N N 96  
GLN CD  OE1  doub N N 97  
GLN CD  NE2  sing N N 98  
GLN NE2 HE21 sing N N 99  
GLN NE2 HE22 sing N N 100 
GLN OXT HXT  sing N N 101 
GLU N   CA   sing N N 102 
GLU N   H    sing N N 103 
GLU N   H2   sing N N 104 
GLU CA  C    sing N N 105 
GLU CA  CB   sing N N 106 
GLU CA  HA   sing N N 107 
GLU C   O    doub N N 108 
GLU C   OXT  sing N N 109 
GLU CB  CG   sing N N 110 
GLU CB  HB2  sing N N 111 
GLU CB  HB3  sing N N 112 
GLU CG  CD   sing N N 113 
GLU CG  HG2  sing N N 114 
GLU CG  HG3  sing N N 115 
GLU CD  OE1  doub N N 116 
GLU CD  OE2  sing N N 117 
GLU OE2 HE2  sing N N 118 
GLU OXT HXT  sing N N 119 
GLY N   CA   sing N N 120 
GLY N   H    sing N N 121 
GLY N   H2   sing N N 122 
GLY CA  C    sing N N 123 
GLY CA  HA2  sing N N 124 
GLY CA  HA3  sing N N 125 
GLY C   O    doub N N 126 
GLY C   OXT  sing N N 127 
GLY OXT HXT  sing N N 128 
HIS N   CA   sing N N 129 
HIS N   H    sing N N 130 
HIS N   H2   sing N N 131 
HIS CA  C    sing N N 132 
HIS CA  CB   sing N N 133 
HIS CA  HA   sing N N 134 
HIS C   O    doub N N 135 
HIS C   OXT  sing N N 136 
HIS CB  CG   sing N N 137 
HIS CB  HB2  sing N N 138 
HIS CB  HB3  sing N N 139 
HIS CG  ND1  sing Y N 140 
HIS CG  CD2  doub Y N 141 
HIS ND1 CE1  doub Y N 142 
HIS ND1 HD1  sing N N 143 
HIS CD2 NE2  sing Y N 144 
HIS CD2 HD2  sing N N 145 
HIS CE1 NE2  sing Y N 146 
HIS CE1 HE1  sing N N 147 
HIS NE2 HE2  sing N N 148 
HIS OXT HXT  sing N N 149 
HOH O   H1   sing N N 150 
HOH O   H2   sing N N 151 
ILE N   CA   sing N N 152 
ILE N   H    sing N N 153 
ILE N   H2   sing N N 154 
ILE CA  C    sing N N 155 
ILE CA  CB   sing N N 156 
ILE CA  HA   sing N N 157 
ILE C   O    doub N N 158 
ILE C   OXT  sing N N 159 
ILE CB  CG1  sing N N 160 
ILE CB  CG2  sing N N 161 
ILE CB  HB   sing N N 162 
ILE CG1 CD1  sing N N 163 
ILE CG1 HG12 sing N N 164 
ILE CG1 HG13 sing N N 165 
ILE CG2 HG21 sing N N 166 
ILE CG2 HG22 sing N N 167 
ILE CG2 HG23 sing N N 168 
ILE CD1 HD11 sing N N 169 
ILE CD1 HD12 sing N N 170 
ILE CD1 HD13 sing N N 171 
ILE OXT HXT  sing N N 172 
LEU N   CA   sing N N 173 
LEU N   H    sing N N 174 
LEU N   H2   sing N N 175 
LEU CA  C    sing N N 176 
LEU CA  CB   sing N N 177 
LEU CA  HA   sing N N 178 
LEU C   O    doub N N 179 
LEU C   OXT  sing N N 180 
LEU CB  CG   sing N N 181 
LEU CB  HB2  sing N N 182 
LEU CB  HB3  sing N N 183 
LEU CG  CD1  sing N N 184 
LEU CG  CD2  sing N N 185 
LEU CG  HG   sing N N 186 
LEU CD1 HD11 sing N N 187 
LEU CD1 HD12 sing N N 188 
LEU CD1 HD13 sing N N 189 
LEU CD2 HD21 sing N N 190 
LEU CD2 HD22 sing N N 191 
LEU CD2 HD23 sing N N 192 
LEU OXT HXT  sing N N 193 
LYS N   CA   sing N N 194 
LYS N   H    sing N N 195 
LYS N   H2   sing N N 196 
LYS CA  C    sing N N 197 
LYS CA  CB   sing N N 198 
LYS CA  HA   sing N N 199 
LYS C   O    doub N N 200 
LYS C   OXT  sing N N 201 
LYS CB  CG   sing N N 202 
LYS CB  HB2  sing N N 203 
LYS CB  HB3  sing N N 204 
LYS CG  CD   sing N N 205 
LYS CG  HG2  sing N N 206 
LYS CG  HG3  sing N N 207 
LYS CD  CE   sing N N 208 
LYS CD  HD2  sing N N 209 
LYS CD  HD3  sing N N 210 
LYS CE  NZ   sing N N 211 
LYS CE  HE2  sing N N 212 
LYS CE  HE3  sing N N 213 
LYS NZ  HZ1  sing N N 214 
LYS NZ  HZ2  sing N N 215 
LYS NZ  HZ3  sing N N 216 
LYS OXT HXT  sing N N 217 
MET N   CA   sing N N 218 
MET N   H    sing N N 219 
MET N   H2   sing N N 220 
MET CA  C    sing N N 221 
MET CA  CB   sing N N 222 
MET CA  HA   sing N N 223 
MET C   O    doub N N 224 
MET C   OXT  sing N N 225 
MET CB  CG   sing N N 226 
MET CB  HB2  sing N N 227 
MET CB  HB3  sing N N 228 
MET CG  SD   sing N N 229 
MET CG  HG2  sing N N 230 
MET CG  HG3  sing N N 231 
MET SD  CE   sing N N 232 
MET CE  HE1  sing N N 233 
MET CE  HE2  sing N N 234 
MET CE  HE3  sing N N 235 
MET OXT HXT  sing N N 236 
PEG C1  O1   sing N N 237 
PEG C1  C2   sing N N 238 
PEG C1  H11  sing N N 239 
PEG C1  H12  sing N N 240 
PEG O1  HO1  sing N N 241 
PEG C2  O2   sing N N 242 
PEG C2  H21  sing N N 243 
PEG C2  H22  sing N N 244 
PEG O2  C3   sing N N 245 
PEG C3  C4   sing N N 246 
PEG C3  H31  sing N N 247 
PEG C3  H32  sing N N 248 
PEG C4  O4   sing N N 249 
PEG C4  H41  sing N N 250 
PEG C4  H42  sing N N 251 
PEG O4  HO4  sing N N 252 
PHE N   CA   sing N N 253 
PHE N   H    sing N N 254 
PHE N   H2   sing N N 255 
PHE CA  C    sing N N 256 
PHE CA  CB   sing N N 257 
PHE CA  HA   sing N N 258 
PHE C   O    doub N N 259 
PHE C   OXT  sing N N 260 
PHE CB  CG   sing N N 261 
PHE CB  HB2  sing N N 262 
PHE CB  HB3  sing N N 263 
PHE CG  CD1  doub Y N 264 
PHE CG  CD2  sing Y N 265 
PHE CD1 CE1  sing Y N 266 
PHE CD1 HD1  sing N N 267 
PHE CD2 CE2  doub Y N 268 
PHE CD2 HD2  sing N N 269 
PHE CE1 CZ   doub Y N 270 
PHE CE1 HE1  sing N N 271 
PHE CE2 CZ   sing Y N 272 
PHE CE2 HE2  sing N N 273 
PHE CZ  HZ   sing N N 274 
PHE OXT HXT  sing N N 275 
PRO N   CA   sing N N 276 
PRO N   CD   sing N N 277 
PRO N   H    sing N N 278 
PRO CA  C    sing N N 279 
PRO CA  CB   sing N N 280 
PRO CA  HA   sing N N 281 
PRO C   O    doub N N 282 
PRO C   OXT  sing N N 283 
PRO CB  CG   sing N N 284 
PRO CB  HB2  sing N N 285 
PRO CB  HB3  sing N N 286 
PRO CG  CD   sing N N 287 
PRO CG  HG2  sing N N 288 
PRO CG  HG3  sing N N 289 
PRO CD  HD2  sing N N 290 
PRO CD  HD3  sing N N 291 
PRO OXT HXT  sing N N 292 
SER N   CA   sing N N 293 
SER N   H    sing N N 294 
SER N   H2   sing N N 295 
SER CA  C    sing N N 296 
SER CA  CB   sing N N 297 
SER CA  HA   sing N N 298 
SER C   O    doub N N 299 
SER C   OXT  sing N N 300 
SER CB  OG   sing N N 301 
SER CB  HB2  sing N N 302 
SER CB  HB3  sing N N 303 
SER OG  HG   sing N N 304 
SER OXT HXT  sing N N 305 
THR N   CA   sing N N 306 
THR N   H    sing N N 307 
THR N   H2   sing N N 308 
THR CA  C    sing N N 309 
THR CA  CB   sing N N 310 
THR CA  HA   sing N N 311 
THR C   O    doub N N 312 
THR C   OXT  sing N N 313 
THR CB  OG1  sing N N 314 
THR CB  CG2  sing N N 315 
THR CB  HB   sing N N 316 
THR OG1 HG1  sing N N 317 
THR CG2 HG21 sing N N 318 
THR CG2 HG22 sing N N 319 
THR CG2 HG23 sing N N 320 
THR OXT HXT  sing N N 321 
TRP N   CA   sing N N 322 
TRP N   H    sing N N 323 
TRP N   H2   sing N N 324 
TRP CA  C    sing N N 325 
TRP CA  CB   sing N N 326 
TRP CA  HA   sing N N 327 
TRP C   O    doub N N 328 
TRP C   OXT  sing N N 329 
TRP CB  CG   sing N N 330 
TRP CB  HB2  sing N N 331 
TRP CB  HB3  sing N N 332 
TRP CG  CD1  doub Y N 333 
TRP CG  CD2  sing Y N 334 
TRP CD1 NE1  sing Y N 335 
TRP CD1 HD1  sing N N 336 
TRP CD2 CE2  doub Y N 337 
TRP CD2 CE3  sing Y N 338 
TRP NE1 CE2  sing Y N 339 
TRP NE1 HE1  sing N N 340 
TRP CE2 CZ2  sing Y N 341 
TRP CE3 CZ3  doub Y N 342 
TRP CE3 HE3  sing N N 343 
TRP CZ2 CH2  doub Y N 344 
TRP CZ2 HZ2  sing N N 345 
TRP CZ3 CH2  sing Y N 346 
TRP CZ3 HZ3  sing N N 347 
TRP CH2 HH2  sing N N 348 
TRP OXT HXT  sing N N 349 
TYR N   CA   sing N N 350 
TYR N   H    sing N N 351 
TYR N   H2   sing N N 352 
TYR CA  C    sing N N 353 
TYR CA  CB   sing N N 354 
TYR CA  HA   sing N N 355 
TYR C   O    doub N N 356 
TYR C   OXT  sing N N 357 
TYR CB  CG   sing N N 358 
TYR CB  HB2  sing N N 359 
TYR CB  HB3  sing N N 360 
TYR CG  CD1  doub Y N 361 
TYR CG  CD2  sing Y N 362 
TYR CD1 CE1  sing Y N 363 
TYR CD1 HD1  sing N N 364 
TYR CD2 CE2  doub Y N 365 
TYR CD2 HD2  sing N N 366 
TYR CE1 CZ   doub Y N 367 
TYR CE1 HE1  sing N N 368 
TYR CE2 CZ   sing Y N 369 
TYR CE2 HE2  sing N N 370 
TYR CZ  OH   sing N N 371 
TYR OH  HH   sing N N 372 
TYR OXT HXT  sing N N 373 
VAL N   CA   sing N N 374 
VAL N   H    sing N N 375 
VAL N   H2   sing N N 376 
VAL CA  C    sing N N 377 
VAL CA  CB   sing N N 378 
VAL CA  HA   sing N N 379 
VAL C   O    doub N N 380 
VAL C   OXT  sing N N 381 
VAL CB  CG1  sing N N 382 
VAL CB  CG2  sing N N 383 
VAL CB  HB   sing N N 384 
VAL CG1 HG11 sing N N 385 
VAL CG1 HG12 sing N N 386 
VAL CG1 HG13 sing N N 387 
VAL CG2 HG21 sing N N 388 
VAL CG2 HG22 sing N N 389 
VAL CG2 HG23 sing N N 390 
VAL OXT HXT  sing N N 391 
# 
_pdbx_audit_support.funding_organization   'National Natural Science Foundation of China (NSFC)' 
_pdbx_audit_support.country                China 
_pdbx_audit_support.grant_number           ? 
_pdbx_audit_support.ordinal                1 
# 
_pdbx_initial_refinement_model.accession_code   ? 
_pdbx_initial_refinement_model.details          ? 
_pdbx_initial_refinement_model.entity_id_list   ? 
_pdbx_initial_refinement_model.id               1 
_pdbx_initial_refinement_model.source_name      AlphaFold 
_pdbx_initial_refinement_model.type             'in silico model' 
# 
_atom_sites.entry_id                    8H70 
_atom_sites.Cartn_transf_matrix[1][1]   ? 
_atom_sites.Cartn_transf_matrix[1][2]   ? 
_atom_sites.Cartn_transf_matrix[1][3]   ? 
_atom_sites.Cartn_transf_matrix[2][1]   ? 
_atom_sites.Cartn_transf_matrix[2][2]   ? 
_atom_sites.Cartn_transf_matrix[2][3]   ? 
_atom_sites.Cartn_transf_matrix[3][1]   ? 
_atom_sites.Cartn_transf_matrix[3][2]   ? 
_atom_sites.Cartn_transf_matrix[3][3]   ? 
_atom_sites.Cartn_transf_vector[1]      ? 
_atom_sites.Cartn_transf_vector[2]      ? 
_atom_sites.Cartn_transf_vector[3]      ? 
_atom_sites.fract_transf_matrix[1][1]   -0.00080598 
_atom_sites.fract_transf_matrix[1][2]   0.02145341 
_atom_sites.fract_transf_matrix[1][3]   0.00995422 
_atom_sites.fract_transf_matrix[2][1]   0.00212745 
_atom_sites.fract_transf_matrix[2][2]   -0.00447439 
_atom_sites.fract_transf_matrix[2][3]   0.00981549 
_atom_sites.fract_transf_matrix[3][1]   0.01120331 
_atom_sites.fract_transf_matrix[3][2]   0.00127740 
_atom_sites.fract_transf_matrix[3][3]   -0.00184594 
_atom_sites.fract_transf_vector[1]      0.141700 
_atom_sites.fract_transf_vector[2]      0.143016 
_atom_sites.fract_transf_vector[3]      -0.105666 
_atom_sites.solution_primary            ? 
_atom_sites.solution_secondary          ? 
_atom_sites.solution_hydrogens          ? 
_atom_sites.special_details             ? 
# 
loop_
_atom_type.symbol 
C 
N 
O 
S 
# 
loop_
_atom_site.group_PDB 
_atom_site.id 
_atom_site.type_symbol 
_atom_site.label_atom_id 
_atom_site.label_alt_id 
_atom_site.label_comp_id 
_atom_site.label_asym_id 
_atom_site.label_entity_id 
_atom_site.label_seq_id 
_atom_site.pdbx_PDB_ins_code 
_atom_site.Cartn_x 
_atom_site.Cartn_y 
_atom_site.Cartn_z 
_atom_site.occupancy 
_atom_site.B_iso_or_equiv 
_atom_site.pdbx_formal_charge 
_atom_site.auth_seq_id 
_atom_site.auth_comp_id 
_atom_site.auth_asym_id 
_atom_site.auth_atom_id 
_atom_site.pdbx_PDB_model_num 
ATOM   1    N N   . LEU A 1 6   ? 12.403  -9.260  9.328   1.00 83.02  ? 247 LEU A N   1 
ATOM   2    C CA  . LEU A 1 6   ? 12.687  -10.624 9.766   1.00 88.25  ? 247 LEU A CA  1 
ATOM   3    C C   . LEU A 1 6   ? 12.100  -10.926 11.150  1.00 91.44  ? 247 LEU A C   1 
ATOM   4    O O   . LEU A 1 6   ? 11.756  -10.015 11.905  1.00 108.70 ? 247 LEU A O   1 
ATOM   5    C CB  . LEU A 1 6   ? 14.198  -10.867 9.777   1.00 83.47  ? 247 LEU A CB  1 
ATOM   6    N N   . ASP A 1 7   ? 11.972  -12.218 11.457  1.00 89.61  ? 248 ASP A N   1 
ATOM   7    C CA  . ASP A 1 7   ? 11.611  -12.759 12.767  1.00 76.73  ? 248 ASP A CA  1 
ATOM   8    C C   . ASP A 1 7   ? 10.171  -12.481 13.195  1.00 84.43  ? 248 ASP A C   1 
ATOM   9    O O   . ASP A 1 7   ? 9.823   -12.761 14.347  1.00 101.34 ? 248 ASP A O   1 
ATOM   10   C CB  . ASP A 1 7   ? 12.568  -12.262 13.859  1.00 83.10  ? 248 ASP A CB  1 
ATOM   11   N N   . GLN A 1 8   ? 9.311   -11.968 12.312  1.00 82.66  ? 249 GLN A N   1 
ATOM   12   C CA  . GLN A 1 8   ? 7.927   -11.704 12.699  1.00 69.33  ? 249 GLN A CA  1 
ATOM   13   C C   . GLN A 1 8   ? 7.041   -11.644 11.460  1.00 66.24  ? 249 GLN A C   1 
ATOM   14   O O   . GLN A 1 8   ? 7.390   -10.981 10.475  1.00 53.28  ? 249 GLN A O   1 
ATOM   15   C CB  . GLN A 1 8   ? 7.823   -10.394 13.494  1.00 81.13  ? 249 GLN A CB  1 
ATOM   16   N N   . VAL A 1 9   ? 5.891   -12.315 11.524  1.00 47.81  ? 250 VAL A N   1 
ATOM   17   C CA  . VAL A 1 9   ? 4.943   -12.355 10.417  1.00 53.70  ? 250 VAL A CA  1 
ATOM   18   C C   . VAL A 1 9   ? 3.961   -11.203 10.584  1.00 58.25  ? 250 VAL A C   1 
ATOM   19   O O   . VAL A 1 9   ? 3.291   -11.095 11.614  1.00 59.03  ? 250 VAL A O   1 
ATOM   20   C CB  . VAL A 1 9   ? 4.197   -13.699 10.356  1.00 52.76  ? 250 VAL A CB  1 
ATOM   21   C CG1 . VAL A 1 9   ? 3.142   -13.665 9.256   1.00 60.08  ? 250 VAL A CG1 1 
ATOM   22   C CG2 . VAL A 1 9   ? 5.162   -14.854 10.125  1.00 55.46  ? 250 VAL A CG2 1 
ATOM   23   N N   . VAL A 1 10  ? 3.874   -10.342 9.573   1.00 48.56  ? 251 VAL A N   1 
ATOM   24   C CA  . VAL A 1 10  ? 2.946   -9.217  9.578   1.00 43.33  ? 251 VAL A CA  1 
ATOM   25   C C   . VAL A 1 10  ? 1.707   -9.597  8.786   1.00 40.38  ? 251 VAL A C   1 
ATOM   26   O O   . VAL A 1 10  ? 1.801   -10.025 7.629   1.00 38.06  ? 251 VAL A O   1 
ATOM   27   C CB  . VAL A 1 10  ? 3.603   -7.948  9.012   1.00 46.87  ? 251 VAL A CB  1 
ATOM   28   C CG1 . VAL A 1 10  ? 2.648   -6.769  9.133   1.00 46.26  ? 251 VAL A CG1 1 
ATOM   29   C CG2 . VAL A 1 10  ? 4.882   -7.662  9.770   1.00 43.38  ? 251 VAL A CG2 1 
ATOM   30   N N   . ASP A 1 11  ? 0.543   -9.461  9.419   1.00 40.39  ? 252 ASP A N   1 
ATOM   31   C CA  . ASP A 1 11  ? -0.739  -9.742  8.774   1.00 45.84  ? 252 ASP A CA  1 
ATOM   32   C C   . ASP A 1 11  ? -1.169  -8.518  7.972   1.00 51.69  ? 252 ASP A C   1 
ATOM   33   O O   . ASP A 1 11  ? -2.010  -7.717  8.395   1.00 42.10  ? 252 ASP A O   1 
ATOM   34   C CB  . ASP A 1 11  ? -1.788  -10.108 9.814   1.00 45.09  ? 252 ASP A CB  1 
ATOM   35   C CG  . ASP A 1 11  ? -3.024  -10.707 9.196   1.00 46.69  ? 252 ASP A CG  1 
ATOM   36   O OD1 . ASP A 1 11  ? -3.220  -10.552 7.968   1.00 58.20  ? 252 ASP A OD1 1 
ATOM   37   O OD2 . ASP A 1 11  ? -3.826  -11.302 9.942   1.00 67.05  ? 252 ASP A OD2 1 
ATOM   38   N N   . VAL A 1 12  ? -0.596  -8.388  6.773   1.00 39.43  ? 253 VAL A N   1 
ATOM   39   C CA  . VAL A 1 12  ? -0.954  -7.262  5.909   1.00 35.82  ? 253 VAL A CA  1 
ATOM   40   C C   . VAL A 1 12  ? -2.451  -7.209  5.648   1.00 47.47  ? 253 VAL A C   1 
ATOM   41   O O   . VAL A 1 12  ? -3.026  -6.106  5.711   1.00 42.38  ? 253 VAL A O   1 
ATOM   42   C CB  . VAL A 1 12  ? -0.105  -7.282  4.630   1.00 45.36  ? 253 VAL A CB  1 
ATOM   43   C CG1 . VAL A 1 12  ? -0.476  -6.113  3.727   1.00 40.37  ? 253 VAL A CG1 1 
ATOM   44   C CG2 . VAL A 1 12  ? 1.374   -7.190  4.981   1.00 32.27  ? 253 VAL A CG2 1 
ATOM   45   N N   . PRO A 1 13  ? -3.156  -8.325  5.380   1.00 47.18  ? 254 PRO A N   1 
ATOM   46   C CA  . PRO A 1 13  ? -4.617  -8.233  5.200   1.00 46.59  ? 254 PRO A CA  1 
ATOM   47   C C   . PRO A 1 13  ? -5.336  -7.565  6.356   1.00 49.91  ? 254 PRO A C   1 
ATOM   48   O O   . PRO A 1 13  ? -6.184  -6.691  6.134   1.00 47.13  ? 254 PRO A O   1 
ATOM   49   C CB  . PRO A 1 13  ? -5.024  -9.700  5.055   1.00 51.55  ? 254 PRO A CB  1 
ATOM   50   C CG  . PRO A 1 13  ? -3.889  -10.303 4.315   1.00 50.62  ? 254 PRO A CG  1 
ATOM   51   C CD  . PRO A 1 13  ? -2.647  -9.625  4.880   1.00 50.49  ? 254 PRO A CD  1 
ATOM   52   N N   . ALA A 1 14  ? -5.020  -7.954  7.594   1.00 43.85  ? 255 ALA A N   1 
ATOM   53   C CA  . ALA A 1 14  ? -5.590  -7.256  8.738   1.00 44.11  ? 255 ALA A CA  1 
ATOM   54   C C   . ALA A 1 14  ? -5.191  -5.784  8.725   1.00 44.46  ? 255 ALA A C   1 
ATOM   55   O O   . ALA A 1 14  ? -6.036  -4.903  8.918   1.00 48.98  ? 255 ALA A O   1 
ATOM   56   C CB  . ALA A 1 14  ? -5.148  -7.929  10.038  1.00 52.15  ? 255 ALA A CB  1 
ATOM   57   N N   . MET A 1 15  ? -3.909  -5.503  8.481   1.00 43.49  ? 256 MET A N   1 
ATOM   58   C CA  . MET A 1 15  ? -3.442  -4.122  8.355   1.00 39.19  ? 256 MET A CA  1 
ATOM   59   C C   . MET A 1 15  ? -4.276  -3.355  7.336   1.00 46.63  ? 256 MET A C   1 
ATOM   60   O O   . MET A 1 15  ? -4.697  -2.219  7.583   1.00 45.27  ? 256 MET A O   1 
ATOM   61   C CB  . MET A 1 15  ? -1.980  -4.119  7.921   1.00 56.25  ? 256 MET A CB  1 
ATOM   62   C CG  . MET A 1 15  ? -1.394  -2.745  7.598   1.00 43.07  ? 256 MET A CG  1 
ATOM   63   S SD  . MET A 1 15  ? 0.388   -2.960  7.356   1.00 57.76  ? 256 MET A SD  1 
ATOM   64   C CE  . MET A 1 15  ? 0.904   -3.528  8.978   1.00 52.04  ? 256 MET A CE  1 
ATOM   65   N N   . LEU A 1 16  ? -4.538  -3.974  6.177   1.00 39.07  ? 257 LEU A N   1 
ATOM   66   C CA  . LEU A 1 16  ? -5.234  -3.263  5.112   1.00 39.38  ? 257 LEU A CA  1 
ATOM   67   C C   . LEU A 1 16  ? -6.701  -3.058  5.444   1.00 51.59  ? 257 LEU A C   1 
ATOM   68   O O   . LEU A 1 16  ? -7.303  -2.082  4.987   1.00 45.81  ? 257 LEU A O   1 
ATOM   69   C CB  . LEU A 1 16  ? -5.078  -4.008  3.782   1.00 42.23  ? 257 LEU A CB  1 
ATOM   70   C CG  . LEU A 1 16  ? -3.694  -3.858  3.144   1.00 45.90  ? 257 LEU A CG  1 
ATOM   71   C CD1 . LEU A 1 16  ? -3.542  -4.815  1.960   1.00 45.65  ? 257 LEU A CD1 1 
ATOM   72   C CD2 . LEU A 1 16  ? -3.450  -2.407  2.705   1.00 38.60  ? 257 LEU A CD2 1 
ATOM   73   N N   . GLU A 1 17  ? -7.298  -3.956  6.231   1.00 41.06  ? 258 GLU A N   1 
ATOM   74   C CA  . GLU A 1 17  ? -8.681  -3.737  6.645   1.00 52.08  ? 258 GLU A CA  1 
ATOM   75   C C   . GLU A 1 17  ? -8.794  -2.515  7.556   1.00 51.38  ? 258 GLU A C   1 
ATOM   76   O O   . GLU A 1 17  ? -9.719  -1.703  7.412   1.00 45.96  ? 258 GLU A O   1 
ATOM   77   C CB  . GLU A 1 17  ? -9.224  -4.993  7.327   1.00 55.05  ? 258 GLU A CB  1 
ATOM   78   C CG  . GLU A 1 17  ? -10.598 -4.821  7.935   1.00 61.30  ? 258 GLU A CG  1 
ATOM   79   C CD  . GLU A 1 17  ? -11.047 -6.042  8.720   1.00 83.32  ? 258 GLU A CD  1 
ATOM   80   O OE1 . GLU A 1 17  ? -11.764 -5.862  9.728   1.00 86.62  ? 258 GLU A OE1 1 
ATOM   81   O OE2 . GLU A 1 17  ? -10.686 -7.177  8.332   1.00 81.94  ? 258 GLU A OE2 1 
ATOM   82   N N   . VAL A 1 18  ? -7.849  -2.360  8.488   1.00 49.35  ? 259 VAL A N   1 
ATOM   83   C CA  . VAL A 1 18  ? -7.812  -1.170  9.335   1.00 49.53  ? 259 VAL A CA  1 
ATOM   84   C C   . VAL A 1 18  ? -7.546  0.069   8.494   1.00 57.22  ? 259 VAL A C   1 
ATOM   85   O O   . VAL A 1 18  ? -8.200  1.106   8.656   1.00 42.19  ? 259 VAL A O   1 
ATOM   86   C CB  . VAL A 1 18  ? -6.753  -1.339  10.441  1.00 44.35  ? 259 VAL A CB  1 
ATOM   87   C CG1 . VAL A 1 18  ? -6.598  -0.043  11.242  1.00 52.38  ? 259 VAL A CG1 1 
ATOM   88   C CG2 . VAL A 1 18  ? -7.117  -2.503  11.350  1.00 44.38  ? 259 VAL A CG2 1 
ATOM   89   N N   . LEU A 1 19  ? -6.584  -0.026  7.575   1.00 48.65  ? 260 LEU A N   1 
ATOM   90   C CA  . LEU A 1 19  ? -6.207  1.112   6.748   1.00 50.48  ? 260 LEU A CA  1 
ATOM   91   C C   . LEU A 1 19  ? -7.363  1.576   5.875   1.00 49.84  ? 260 LEU A C   1 
ATOM   92   O O   . LEU A 1 19  ? -7.506  2.780   5.620   1.00 51.41  ? 260 LEU A O   1 
ATOM   93   C CB  . LEU A 1 19  ? -5.018  0.730   5.878   1.00 43.05  ? 260 LEU A CB  1 
ATOM   94   C CG  . LEU A 1 19  ? -4.397  1.792   4.985   1.00 53.24  ? 260 LEU A CG  1 
ATOM   95   C CD1 . LEU A 1 19  ? -4.335  3.166   5.685   1.00 50.31  ? 260 LEU A CD1 1 
ATOM   96   C CD2 . LEU A 1 19  ? -3.038  1.311   4.526   1.00 65.65  ? 260 LEU A CD2 1 
ATOM   97   N N   . GLU A 1 20  ? -8.189  0.640   5.395   1.00 47.69  ? 261 GLU A N   1 
ATOM   98   C CA  . GLU A 1 20  ? -9.367  1.029   4.626   1.00 42.30  ? 261 GLU A CA  1 
ATOM   99   C C   . GLU A 1 20  ? -10.260 1.967   5.430   1.00 57.90  ? 261 GLU A C   1 
ATOM   100  O O   . GLU A 1 20  ? -10.598 3.060   4.966   1.00 51.14  ? 261 GLU A O   1 
ATOM   101  C CB  . GLU A 1 20  ? -10.154 -0.201  4.194   1.00 57.60  ? 261 GLU A CB  1 
ATOM   102  C CG  . GLU A 1 20  ? -11.197 0.110   3.134   1.00 65.80  ? 261 GLU A CG  1 
ATOM   103  C CD  . GLU A 1 20  ? -11.853 -1.134  2.577   1.00 73.85  ? 261 GLU A CD  1 
ATOM   104  O OE1 . GLU A 1 20  ? -12.529 -1.030  1.530   1.00 85.95  ? 261 GLU A OE1 1 
ATOM   105  O OE2 . GLU A 1 20  ? -11.697 -2.215  3.183   1.00 77.38  ? 261 GLU A OE2 1 
ATOM   106  N N   . LYS A 1 21  ? -10.644 1.560   6.646   1.00 55.70  ? 262 LYS A N   1 
ATOM   107  C CA  . LYS A 1 21  ? -11.476 2.422   7.487   1.00 51.53  ? 262 LYS A CA  1 
ATOM   108  C C   . LYS A 1 21  ? -10.808 3.771   7.736   1.00 54.27  ? 262 LYS A C   1 
ATOM   109  O O   . LYS A 1 21  ? -11.471 4.816   7.714   1.00 50.19  ? 262 LYS A O   1 
ATOM   110  C CB  . LYS A 1 21  ? -11.783 1.730   8.818   1.00 52.44  ? 262 LYS A CB  1 
ATOM   111  C CG  . LYS A 1 21  ? -12.714 0.534   8.695   1.00 72.81  ? 262 LYS A CG  1 
ATOM   112  N N   . GLU A 1 22  ? -9.497  3.763   7.993   1.00 43.01  ? 263 GLU A N   1 
ATOM   113  C CA  . GLU A 1 22  ? -8.755  5.008   8.179   1.00 42.39  ? 263 GLU A CA  1 
ATOM   114  C C   . GLU A 1 22  ? -8.823  5.888   6.938   1.00 48.38  ? 263 GLU A C   1 
ATOM   115  O O   . GLU A 1 22  ? -8.889  7.121   7.038   1.00 48.27  ? 263 GLU A O   1 
ATOM   116  C CB  . GLU A 1 22  ? -7.308  4.677   8.521   1.00 48.62  ? 263 GLU A CB  1 
ATOM   117  C CG  . GLU A 1 22  ? -7.035  4.475   10.003  1.00 55.46  ? 263 GLU A CG  1 
ATOM   118  C CD  . GLU A 1 22  ? -5.642  3.921   10.244  1.00 72.38  ? 263 GLU A CD  1 
ATOM   119  O OE1 . GLU A 1 22  ? -4.717  4.267   9.472   1.00 55.37  ? 263 GLU A OE1 1 
ATOM   120  O OE2 . GLU A 1 22  ? -5.456  3.192   11.242  1.00 71.99  ? 263 GLU A OE2 1 
ATOM   121  N N   . ALA A 1 23  ? -8.800  5.268   5.762   1.00 48.12  ? 264 ALA A N   1 
ATOM   122  C CA  . ALA A 1 23  ? -8.809  6.021   4.513   1.00 50.92  ? 264 ALA A CA  1 
ATOM   123  C C   . ALA A 1 23  ? -10.193 6.590   4.211   1.00 43.83  ? 264 ALA A C   1 
ATOM   124  O O   . ALA A 1 23  ? -10.310 7.734   3.762   1.00 48.21  ? 264 ALA A O   1 
ATOM   125  C CB  . ALA A 1 23  ? -8.322  5.128   3.366   1.00 48.00  ? 264 ALA A CB  1 
ATOM   126  N N   . VAL A 1 24  ? -11.253 5.802   4.425   1.00 49.48  ? 265 VAL A N   1 
ATOM   127  C CA  . VAL A 1 24  ? -12.606 6.341   4.292   1.00 48.68  ? 265 VAL A CA  1 
ATOM   128  C C   . VAL A 1 24  ? -12.853 7.447   5.308   1.00 59.36  ? 265 VAL A C   1 
ATOM   129  O O   . VAL A 1 24  ? -13.506 8.450   5.003   1.00 49.07  ? 265 VAL A O   1 
ATOM   130  C CB  . VAL A 1 24  ? -13.655 5.222   4.412   1.00 44.96  ? 265 VAL A CB  1 
ATOM   131  C CG1 . VAL A 1 24  ? -14.942 5.668   3.771   1.00 69.06  ? 265 VAL A CG1 1 
ATOM   132  C CG2 . VAL A 1 24  ? -13.185 4.001   3.661   1.00 51.78  ? 265 VAL A CG2 1 
ATOM   133  N N   . SER A 1 25  ? -12.355 7.274   6.537   1.00 46.03  ? 266 SER A N   1 
ATOM   134  C CA  A SER A 1 25  ? -12.480 8.335   7.530   0.41 50.21  ? 266 SER A CA  1 
ATOM   135  C CA  B SER A 1 25  ? -12.467 8.328   7.539   0.59 50.30  ? 266 SER A CA  1 
ATOM   136  C C   . SER A 1 25  ? -11.734 9.586   7.091   1.00 55.09  ? 266 SER A C   1 
ATOM   137  O O   . SER A 1 25  ? -12.259 10.701  7.208   1.00 55.55  ? 266 SER A O   1 
ATOM   138  C CB  A SER A 1 25  ? -11.962 7.858   8.886   0.41 51.57  ? 266 SER A CB  1 
ATOM   139  C CB  B SER A 1 25  ? -11.922 7.815   8.875   0.59 51.69  ? 266 SER A CB  1 
ATOM   140  O OG  A SER A 1 25  ? -12.708 6.748   9.340   0.41 48.66  ? 266 SER A OG  1 
ATOM   141  O OG  B SER A 1 25  ? -11.681 8.861   9.791   0.59 46.04  ? 266 SER A OG  1 
ATOM   142  N N   . LEU A 1 26  ? -10.514 9.424   6.576   1.00 44.85  ? 267 LEU A N   1 
ATOM   143  C CA  . LEU A 1 26  ? -9.753  10.581  6.127   1.00 43.18  ? 267 LEU A CA  1 
ATOM   144  C C   . LEU A 1 26  ? -10.448 11.270  4.955   1.00 49.61  ? 267 LEU A C   1 
ATOM   145  O O   . LEU A 1 26  ? -10.572 12.503  4.933   1.00 47.84  ? 267 LEU A O   1 
ATOM   146  C CB  . LEU A 1 26  ? -8.329  10.157  5.767   1.00 41.00  ? 267 LEU A CB  1 
ATOM   147  C CG  . LEU A 1 26  ? -7.443  11.259  5.169   1.00 63.10  ? 267 LEU A CG  1 
ATOM   148  C CD1 . LEU A 1 26  ? -6.905  12.176  6.255   1.00 59.41  ? 267 LEU A CD1 1 
ATOM   149  C CD2 . LEU A 1 26  ? -6.290  10.625  4.405   1.00 61.14  ? 267 LEU A CD2 1 
ATOM   150  N N   . SER A 1 27  ? -10.937 10.489  3.987   1.00 47.39  ? 268 SER A N   1 
ATOM   151  C CA  . SER A 1 27  ? -11.680 11.074  2.873   1.00 57.35  ? 268 SER A CA  1 
ATOM   152  C C   . SER A 1 27  ? -12.885 11.865  3.372   1.00 60.15  ? 268 SER A C   1 
ATOM   153  O O   . SER A 1 27  ? -13.145 12.981  2.904   1.00 57.68  ? 268 SER A O   1 
ATOM   154  C CB  . SER A 1 27  ? -12.125 9.981   1.903   1.00 48.47  ? 268 SER A CB  1 
ATOM   155  O OG  . SER A 1 27  ? -12.923 10.539  0.862   1.00 49.85  ? 268 SER A OG  1 
ATOM   156  N N   . GLY A 1 28  ? -13.633 11.298  4.323   1.00 48.25  ? 269 GLY A N   1 
ATOM   157  C CA  . GLY A 1 28  ? -14.800 11.981  4.858   1.00 51.20  ? 269 GLY A CA  1 
ATOM   158  C C   . GLY A 1 28  ? -15.825 12.276  3.777   1.00 62.90  ? 269 GLY A C   1 
ATOM   159  O O   . GLY A 1 28  ? -16.181 11.410  2.971   1.00 53.98  ? 269 GLY A O   1 
ATOM   160  N N   . GLU A 1 29  ? -16.308 13.521  3.748   1.00 52.07  ? 270 GLU A N   1 
ATOM   161  C CA  . GLU A 1 29  ? -17.357 13.853  2.790   1.00 61.56  ? 270 GLU A CA  1 
ATOM   162  C C   . GLU A 1 29  ? -16.842 13.981  1.362   1.00 52.34  ? 270 GLU A C   1 
ATOM   163  O O   . GLU A 1 29  ? -17.653 14.124  0.443   1.00 60.86  ? 270 GLU A O   1 
ATOM   164  C CB  . GLU A 1 29  ? -18.077 15.143  3.201   1.00 56.52  ? 270 GLU A CB  1 
ATOM   165  C CG  . GLU A 1 29  ? -18.941 14.978  4.433   1.00 51.18  ? 270 GLU A CG  1 
ATOM   166  C CD  . GLU A 1 29  ? -19.993 13.900  4.259   1.00 51.91  ? 270 GLU A CD  1 
ATOM   167  O OE1 . GLU A 1 29  ? -20.837 14.022  3.349   1.00 56.75  ? 270 GLU A OE1 1 
ATOM   168  O OE2 . GLU A 1 29  ? -19.980 12.933  5.052   1.00 58.77  ? 270 GLU A OE2 1 
ATOM   169  N N   . ALA A 1 30  ? -15.525 13.945  1.150   1.00 60.27  ? 271 ALA A N   1 
ATOM   170  C CA  . ALA A 1 30  ? -15.018 13.867  -0.214  1.00 50.23  ? 271 ALA A CA  1 
ATOM   171  C C   . ALA A 1 30  ? -15.450 12.575  -0.893  1.00 49.92  ? 271 ALA A C   1 
ATOM   172  O O   . ALA A 1 30  ? -15.507 12.522  -2.126  1.00 50.17  ? 271 ALA A O   1 
ATOM   173  C CB  . ALA A 1 30  ? -13.494 13.990  -0.224  1.00 49.48  ? 271 ALA A CB  1 
ATOM   174  N N   . GLN A 1 31  ? -15.764 11.546  -0.109  1.00 47.55  ? 272 GLN A N   1 
ATOM   175  C CA  . GLN A 1 31  ? -16.336 10.290  -0.596  1.00 64.14  ? 272 GLN A CA  1 
ATOM   176  C C   . GLN A 1 31  ? -15.511 9.696   -1.737  1.00 62.93  ? 272 GLN A C   1 
ATOM   177  O O   . GLN A 1 31  ? -16.018 9.378   -2.817  1.00 56.64  ? 272 GLN A O   1 
ATOM   178  C CB  . GLN A 1 31  ? -17.802 10.482  -0.991  1.00 59.51  ? 272 GLN A CB  1 
ATOM   179  C CG  . GLN A 1 31  ? -18.730 10.541  0.230   1.00 70.40  ? 272 GLN A CG  1 
ATOM   180  C CD  . GLN A 1 31  ? -20.201 10.639  -0.130  1.00 70.68  ? 272 GLN A CD  1 
ATOM   181  O OE1 . GLN A 1 31  ? -20.562 10.706  -1.303  1.00 89.49  ? 272 GLN A OE1 1 
ATOM   182  N NE2 . GLN A 1 31  ? -21.059 10.649  0.884   1.00 76.39  ? 272 GLN A NE2 1 
ATOM   183  N N   . HIS A 1 32  ? -14.213 9.553   -1.484  1.00 47.84  ? 273 HIS A N   1 
ATOM   184  C CA  . HIS A 1 32  ? -13.368 8.818   -2.410  1.00 55.49  ? 273 HIS A CA  1 
ATOM   185  C C   . HIS A 1 32  ? -13.903 7.402   -2.547  1.00 48.57  ? 273 HIS A C   1 
ATOM   186  O O   . HIS A 1 32  ? -14.384 6.813   -1.578  1.00 48.57  ? 273 HIS A O   1 
ATOM   187  C CB  . HIS A 1 32  ? -11.927 8.798   -1.907  1.00 41.14  ? 273 HIS A CB  1 
ATOM   188  C CG  . HIS A 1 32  ? -11.220 10.105  -2.070  1.00 43.40  ? 273 HIS A CG  1 
ATOM   189  N ND1 . HIS A 1 32  ? -11.338 11.125  -1.153  1.00 43.79  ? 273 HIS A ND1 1 
ATOM   190  C CD2 . HIS A 1 32  ? -10.415 10.573  -3.054  1.00 45.20  ? 273 HIS A CD2 1 
ATOM   191  C CE1 . HIS A 1 32  ? -10.619 12.159  -1.555  1.00 46.28  ? 273 HIS A CE1 1 
ATOM   192  N NE2 . HIS A 1 32  ? -10.050 11.851  -2.706  1.00 46.00  ? 273 HIS A NE2 1 
ATOM   193  N N   . LYS A 1 33  ? -13.866 6.872   -3.768  1.00 54.43  ? 274 LYS A N   1 
ATOM   194  C CA  . LYS A 1 33  ? -14.252 5.479   -4.003  1.00 53.53  ? 274 LYS A CA  1 
ATOM   195  C C   . LYS A 1 33  ? -13.010 4.618   -3.836  1.00 58.52  ? 274 LYS A C   1 
ATOM   196  O O   . LYS A 1 33  ? -12.268 4.357   -4.785  1.00 47.31  ? 274 LYS A O   1 
ATOM   197  C CB  . LYS A 1 33  ? -14.898 5.296   -5.372  1.00 56.18  ? 274 LYS A CB  1 
ATOM   198  C CG  . LYS A 1 33  ? -15.937 6.344   -5.749  1.00 67.88  ? 274 LYS A CG  1 
ATOM   199  C CD  . LYS A 1 33  ? -16.206 6.344   -7.254  1.00 83.20  ? 274 LYS A CD  1 
ATOM   200  C CE  . LYS A 1 33  ? -17.298 7.340   -7.629  1.00 70.72  ? 274 LYS A CE  1 
ATOM   201  N NZ  . LYS A 1 33  ? -17.160 8.625   -6.895  1.00 79.45  ? 274 LYS A NZ  1 
ATOM   202  N N   . LEU A 1 34  ? -12.782 4.173   -2.604  1.00 49.16  ? 275 LEU A N   1 
ATOM   203  C CA  . LEU A 1 34  ? -11.633 3.341   -2.284  1.00 47.87  ? 275 LEU A CA  1 
ATOM   204  C C   . LEU A 1 34  ? -11.962 1.878   -2.525  1.00 59.81  ? 275 LEU A C   1 
ATOM   205  O O   . LEU A 1 34  ? -12.969 1.362   -2.033  1.00 61.89  ? 275 LEU A O   1 
ATOM   206  C CB  . LEU A 1 34  ? -11.183 3.561   -0.838  1.00 52.17  ? 275 LEU A CB  1 
ATOM   207  C CG  . LEU A 1 34  ? -10.734 4.992   -0.533  1.00 50.07  ? 275 LEU A CG  1 
ATOM   208  C CD1 . LEU A 1 34  ? -10.996 5.382   0.909   1.00 59.12  ? 275 LEU A CD1 1 
ATOM   209  C CD2 . LEU A 1 34  ? -9.249  5.118   -0.841  1.00 56.83  ? 275 LEU A CD2 1 
ATOM   210  N N   . HIS A 1 35  ? -11.102 1.221   -3.289  1.00 52.95  ? 276 HIS A N   1 
ATOM   211  C CA  . HIS A 1 35  ? -11.237 -0.184  -3.628  1.00 58.44  ? 276 HIS A CA  1 
ATOM   212  C C   . HIS A 1 35  ? -9.993  -0.994  -3.302  1.00 59.99  ? 276 HIS A C   1 
ATOM   213  O O   . HIS A 1 35  ? -8.910  -0.728  -3.835  1.00 53.53  ? 276 HIS A O   1 
ATOM   214  C CB  . HIS A 1 35  ? -11.588 -0.345  -5.089  1.00 61.35  ? 276 HIS A CB  1 
ATOM   215  C CG  . HIS A 1 35  ? -11.845 -1.756  -5.448  1.00 82.52  ? 276 HIS A CG  1 
ATOM   216  N ND1 . HIS A 1 35  ? -11.334 -2.321  -6.595  1.00 83.81  ? 276 HIS A ND1 1 
ATOM   217  C CD2 . HIS A 1 35  ? -12.343 -2.774  -4.713  1.00 77.14  ? 276 HIS A CD2 1 
ATOM   218  C CE1 . HIS A 1 35  ? -11.631 -3.605  -6.610  1.00 91.47  ? 276 HIS A CE1 1 
ATOM   219  N NE2 . HIS A 1 35  ? -12.209 -3.913  -5.465  1.00 88.95  ? 276 HIS A NE2 1 
ATOM   220  N N   . PHE A 1 36  ? -10.184 -2.028  -2.478  1.00 59.58  ? 277 PHE A N   1 
ATOM   221  C CA  . PHE A 1 36  ? -9.110  -2.864  -1.952  1.00 59.31  ? 277 PHE A CA  1 
ATOM   222  C C   . PHE A 1 36  ? -9.257  -4.268  -2.537  1.00 55.02  ? 277 PHE A C   1 
ATOM   223  O O   . PHE A 1 36  ? -10.203 -4.983  -2.191  1.00 69.93  ? 277 PHE A O   1 
ATOM   224  C CB  . PHE A 1 36  ? -9.173  -2.911  -0.422  1.00 48.18  ? 277 PHE A CB  1 
ATOM   225  C CG  . PHE A 1 36  ? -8.594  -1.695  0.259   1.00 51.71  ? 277 PHE A CG  1 
ATOM   226  C CD1 . PHE A 1 36  ? -9.197  -0.455  0.117   1.00 45.95  ? 277 PHE A CD1 1 
ATOM   227  C CD2 . PHE A 1 36  ? -7.457  -1.791  1.039   1.00 48.52  ? 277 PHE A CD2 1 
ATOM   228  C CE1 . PHE A 1 36  ? -8.677  0.658   0.739   1.00 43.28  ? 277 PHE A CE1 1 
ATOM   229  C CE2 . PHE A 1 36  ? -6.929  -0.682  1.664   1.00 48.26  ? 277 PHE A CE2 1 
ATOM   230  C CZ  . PHE A 1 36  ? -7.536  0.546   1.515   1.00 47.42  ? 277 PHE A CZ  1 
ATOM   231  N N   . GLU A 1 37  ? -8.338  -4.664  -3.428  1.00 58.64  ? 278 GLU A N   1 
ATOM   232  C CA  . GLU A 1 37  ? -8.207  -6.054  -3.876  1.00 61.20  ? 278 GLU A CA  1 
ATOM   233  C C   . GLU A 1 37  ? -7.049  -6.696  -3.121  1.00 49.80  ? 278 GLU A C   1 
ATOM   234  O O   . GLU A 1 37  ? -5.884  -6.389  -3.390  1.00 58.32  ? 278 GLU A O   1 
ATOM   235  C CB  . GLU A 1 37  ? -7.962  -6.171  -5.379  1.00 50.59  ? 278 GLU A CB  1 
ATOM   236  C CG  . GLU A 1 37  ? -9.180  -6.254  -6.274  1.00 81.68  ? 278 GLU A CG  1 
ATOM   237  C CD  . GLU A 1 37  ? -9.050  -5.385  -7.515  1.00 92.28  ? 278 GLU A CD  1 
ATOM   238  O OE1 . GLU A 1 37  ? -10.058 -5.210  -8.229  1.00 91.53  ? 278 GLU A OE1 1 
ATOM   239  O OE2 . GLU A 1 37  ? -7.940  -4.863  -7.769  1.00 83.35  ? 278 GLU A OE2 1 
ATOM   240  N N   . VAL A 1 38  ? -7.359  -7.600  -2.198  1.00 49.63  ? 279 VAL A N   1 
ATOM   241  C CA  . VAL A 1 38  ? -6.380  -8.091  -1.237  1.00 41.67  ? 279 VAL A CA  1 
ATOM   242  C C   . VAL A 1 38  ? -6.406  -9.612  -1.226  1.00 51.62  ? 279 VAL A C   1 
ATOM   243  O O   . VAL A 1 38  ? -7.461  -10.215 -0.995  1.00 47.52  ? 279 VAL A O   1 
ATOM   244  C CB  . VAL A 1 38  ? -6.655  -7.535  0.169   1.00 45.47  ? 279 VAL A CB  1 
ATOM   245  C CG1 . VAL A 1 38  ? -5.663  -8.079  1.183   1.00 45.60  ? 279 VAL A CG1 1 
ATOM   246  C CG2 . VAL A 1 38  ? -6.618  -6.019  0.139   1.00 42.81  ? 279 VAL A CG2 1 
ATOM   247  N N   . ASP A 1 39  ? -5.252  -10.227 -1.477  1.00 44.55  ? 280 ASP A N   1 
ATOM   248  C CA  . ASP A 1 39  ? -5.044  -11.657 -1.254  1.00 44.18  ? 280 ASP A CA  1 
ATOM   249  C C   . ASP A 1 39  ? -4.924  -11.895 0.244   1.00 43.85  ? 280 ASP A C   1 
ATOM   250  O O   . ASP A 1 39  ? -3.843  -11.760 0.822   1.00 43.30  ? 280 ASP A O   1 
ATOM   251  C CB  . ASP A 1 39  ? -3.811  -12.139 -2.014  1.00 42.40  ? 280 ASP A CB  1 
ATOM   252  C CG  . ASP A 1 39  ? -3.506  -13.629 -1.798  1.00 49.94  ? 280 ASP A CG  1 
ATOM   253  O OD1 . ASP A 1 39  ? -4.271  -14.332 -1.107  1.00 43.14  ? 280 ASP A OD1 1 
ATOM   254  O OD2 . ASP A 1 39  ? -2.506  -14.108 -2.371  1.00 53.75  ? 280 ASP A OD2 1 
ATOM   255  N N   . LYS A 1 40  ? -6.036  -12.286 0.875   1.00 45.64  ? 281 LYS A N   1 
ATOM   256  C CA  . LYS A 1 40  ? -6.058  -12.470 2.324   1.00 57.28  ? 281 LYS A CA  1 
ATOM   257  C C   . LYS A 1 40  ? -5.160  -13.602 2.810   1.00 55.34  ? 281 LYS A C   1 
ATOM   258  O O   . LYS A 1 40  ? -5.011  -13.769 4.025   1.00 52.76  ? 281 LYS A O   1 
ATOM   259  C CB  . LYS A 1 40  ? -7.485  -12.719 2.817   1.00 56.78  ? 281 LYS A CB  1 
ATOM   260  C CG  . LYS A 1 40  ? -8.552  -11.962 2.048   1.00 59.41  ? 281 LYS A CG  1 
ATOM   261  C CD  . LYS A 1 40  ? -8.886  -10.652 2.745   1.00 59.78  ? 281 LYS A CD  1 
ATOM   262  C CE  . LYS A 1 40  ? -10.219 -10.092 2.274   1.00 66.32  ? 281 LYS A CE  1 
ATOM   263  N NZ  . LYS A 1 40  ? -10.294 -10.113 0.786   1.00 69.15  ? 281 LYS A NZ  1 
ATOM   264  N N   . SER A 1 41  ? -4.560  -14.382 1.919   1.00 46.47  ? 282 SER A N   1 
ATOM   265  C CA  . SER A 1 41  ? -3.652  -15.429 2.361   1.00 54.68  ? 282 SER A CA  1 
ATOM   266  C C   . SER A 1 41  ? -2.204  -14.966 2.365   1.00 56.15  ? 282 SER A C   1 
ATOM   267  O O   . SER A 1 41  ? -1.331  -15.699 2.841   1.00 47.26  ? 282 SER A O   1 
ATOM   268  C CB  . SER A 1 41  ? -3.805  -16.678 1.480   1.00 45.74  ? 282 SER A CB  1 
ATOM   269  O OG  . SER A 1 41  ? -3.214  -16.493 0.198   1.00 41.33  ? 282 SER A OG  1 
ATOM   270  N N   . LEU A 1 42  ? -1.937  -13.762 1.875   1.00 45.42  ? 283 LEU A N   1 
ATOM   271  C CA  . LEU A 1 42  ? -0.583  -13.274 1.661   1.00 46.26  ? 283 LEU A CA  1 
ATOM   272  C C   . LEU A 1 42  ? -0.161  -12.468 2.883   1.00 54.58  ? 283 LEU A C   1 
ATOM   273  O O   . LEU A 1 42  ? -0.619  -11.336 3.078   1.00 44.90  ? 283 LEU A O   1 
ATOM   274  C CB  . LEU A 1 42  ? -0.532  -12.433 0.388   1.00 35.21  ? 283 LEU A CB  1 
ATOM   275  C CG  . LEU A 1 42  ? 0.804   -11.787 0.054   1.00 35.59  ? 283 LEU A CG  1 
ATOM   276  C CD1 . LEU A 1 42  ? 1.856   -12.868 -0.026  1.00 40.16  ? 283 LEU A CD1 1 
ATOM   277  C CD2 . LEU A 1 42  ? 0.699   -11.053 -1.289  1.00 34.53  ? 283 LEU A CD2 1 
ATOM   278  N N   . LYS A 1 43  ? 0.716   -13.051 3.706   1.00 36.61  ? 284 LYS A N   1 
ATOM   279  C CA  . LYS A 1 43  ? 1.389   -12.341 4.785   1.00 37.84  ? 284 LYS A CA  1 
ATOM   280  C C   . LYS A 1 43  ? 2.886   -12.353 4.520   1.00 40.04  ? 284 LYS A C   1 
ATOM   281  O O   . LYS A 1 43  ? 3.370   -13.104 3.671   1.00 41.28  ? 284 LYS A O   1 
ATOM   282  C CB  . LYS A 1 43  ? 1.078   -12.959 6.162   1.00 38.33  ? 284 LYS A CB  1 
ATOM   283  C CG  . LYS A 1 43  ? -0.366  -13.393 6.313   1.00 51.19  ? 284 LYS A CG  1 
ATOM   284  C CD  . LYS A 1 43  ? -0.739  -13.594 7.772   1.00 63.14  ? 284 LYS A CD  1 
ATOM   285  C CE  . LYS A 1 43  ? -2.151  -14.148 7.891   1.00 74.56  ? 284 LYS A CE  1 
ATOM   286  N NZ  . LYS A 1 43  ? -2.387  -14.754 9.228   1.00 84.63  ? 284 LYS A NZ  1 
ATOM   287  N N   . VAL A 1 44  ? 3.623   -11.486 5.222   1.00 43.75  ? 285 VAL A N   1 
ATOM   288  C CA  . VAL A 1 44  ? 5.044   -11.313 4.956   1.00 33.11  ? 285 VAL A CA  1 
ATOM   289  C C   . VAL A 1 44  ? 5.822   -11.190 6.257   1.00 39.48  ? 285 VAL A C   1 
ATOM   290  O O   . VAL A 1 44  ? 5.309   -10.753 7.287   1.00 42.50  ? 285 VAL A O   1 
ATOM   291  C CB  . VAL A 1 44  ? 5.362   -10.082 4.068   1.00 41.65  ? 285 VAL A CB  1 
ATOM   292  C CG1 . VAL A 1 44  ? 4.874   -10.295 2.645   1.00 31.72  ? 285 VAL A CG1 1 
ATOM   293  C CG2 . VAL A 1 44  ? 4.822   -8.770  4.683   1.00 34.16  ? 285 VAL A CG2 1 
ATOM   294  N N   . LEU A 1 45  ? 7.098   -11.544 6.172   1.00 35.29  ? 286 LEU A N   1 
ATOM   295  C CA  . LEU A 1 45  ? 8.055   -11.379 7.257   1.00 41.40  ? 286 LEU A CA  1 
ATOM   296  C C   . LEU A 1 45  ? 8.603   -9.962  7.147   1.00 38.16  ? 286 LEU A C   1 
ATOM   297  O O   . LEU A 1 45  ? 9.284   -9.639  6.168   1.00 39.20  ? 286 LEU A O   1 
ATOM   298  C CB  . LEU A 1 45  ? 9.171   -12.406 7.091   1.00 48.13  ? 286 LEU A CB  1 
ATOM   299  C CG  . LEU A 1 45  ? 8.884   -13.842 7.540   1.00 47.60  ? 286 LEU A CG  1 
ATOM   300  C CD1 . LEU A 1 45  ? 10.166  -14.594 7.582   1.00 64.71  ? 286 LEU A CD1 1 
ATOM   301  C CD2 . LEU A 1 45  ? 8.250   -13.873 8.895   1.00 58.47  ? 286 LEU A CD2 1 
ATOM   302  N N   . ALA A 1 46  ? 8.307   -9.106  8.124   1.00 40.06  ? 287 ALA A N   1 
ATOM   303  C CA  . ALA A 1 46  ? 8.685   -7.701  7.997   1.00 36.56  ? 287 ALA A CA  1 
ATOM   304  C C   . ALA A 1 46  ? 8.613   -7.017  9.359   1.00 43.05  ? 287 ALA A C   1 
ATOM   305  O O   . ALA A 1 46  ? 8.045   -7.542  10.317  1.00 40.52  ? 287 ALA A O   1 
ATOM   306  C CB  . ALA A 1 46  ? 7.781   -6.973  6.987   1.00 35.96  ? 287 ALA A CB  1 
ATOM   307  N N   . ASP A 1 47  ? 9.185   -5.815  9.425   1.00 40.76  ? 288 ASP A N   1 
ATOM   308  C CA  . ASP A 1 47  ? 9.009   -4.960  10.600  1.00 37.69  ? 288 ASP A CA  1 
ATOM   309  C C   . ASP A 1 47  ? 7.655   -4.275  10.522  1.00 38.25  ? 288 ASP A C   1 
ATOM   310  O O   . ASP A 1 47  ? 7.434   -3.448  9.630   1.00 39.26  ? 288 ASP A O   1 
ATOM   311  C CB  . ASP A 1 47  ? 10.116  -3.916  10.685  1.00 43.12  ? 288 ASP A CB  1 
ATOM   312  C CG  . ASP A 1 47  ? 10.012  -3.076  11.942  1.00 54.84  ? 288 ASP A CG  1 
ATOM   313  O OD1 . ASP A 1 47  ? 10.690  -3.419  12.940  1.00 54.56  ? 288 ASP A OD1 1 
ATOM   314  O OD2 . ASP A 1 47  ? 9.214   -2.115  11.951  1.00 45.53  ? 288 ASP A OD2 1 
ATOM   315  N N   . GLU A 1 48  ? 6.750   -4.604  11.449  1.00 35.73  ? 289 GLU A N   1 
ATOM   316  C CA  . GLU A 1 48  ? 5.371   -4.128  11.338  1.00 36.59  ? 289 GLU A CA  1 
ATOM   317  C C   . GLU A 1 48  ? 5.302   -2.606  11.333  1.00 51.55  ? 289 GLU A C   1 
ATOM   318  O O   . GLU A 1 48  ? 4.538   -2.018  10.556  1.00 44.28  ? 289 GLU A O   1 
ATOM   319  C CB  . GLU A 1 48  ? 4.515   -4.685  12.475  1.00 44.39  ? 289 GLU A CB  1 
ATOM   320  C CG  . GLU A 1 48  ? 3.009   -4.641  12.202  1.00 59.95  ? 289 GLU A CG  1 
ATOM   321  C CD  . GLU A 1 48  ? 2.241   -3.723  13.144  1.00 86.19  ? 289 GLU A CD  1 
ATOM   322  O OE1 . GLU A 1 48  ? 2.823   -2.729  13.637  1.00 93.30  ? 289 GLU A OE1 1 
ATOM   323  O OE2 . GLU A 1 48  ? 1.052   -4.010  13.408  1.00 93.64  ? 289 GLU A OE2 1 
ATOM   324  N N   . ASP A 1 49  ? 6.093   -1.947  12.188  1.00 42.19  ? 290 ASP A N   1 
ATOM   325  C CA  . ASP A 1 49  ? 5.998   -0.492  12.275  1.00 42.97  ? 290 ASP A CA  1 
ATOM   326  C C   . ASP A 1 49  ? 6.391   0.138   10.943  1.00 39.08  ? 290 ASP A C   1 
ATOM   327  O O   . ASP A 1 49  ? 5.694   1.018   10.429  1.00 36.79  ? 290 ASP A O   1 
ATOM   328  C CB  . ASP A 1 49  ? 6.887   0.034   13.410  1.00 39.81  ? 290 ASP A CB  1 
ATOM   329  C CG  . ASP A 1 49  ? 6.790   1.551   13.587  1.00 43.67  ? 290 ASP A CG  1 
ATOM   330  O OD1 . ASP A 1 49  ? 5.666   2.080   13.443  1.00 45.24  ? 290 ASP A OD1 1 
ATOM   331  O OD2 . ASP A 1 49  ? 7.815   2.209   13.889  1.00 40.89  ? 290 ASP A OD2 1 
ATOM   332  N N   . GLN A 1 50  ? 7.496   -0.328  10.359  1.00 38.69  ? 291 GLN A N   1 
ATOM   333  C CA  . GLN A 1 50  ? 7.964   0.235   9.101   1.00 38.47  ? 291 GLN A CA  1 
ATOM   334  C C   . GLN A 1 50  ? 7.017   -0.089  7.949   1.00 36.94  ? 291 GLN A C   1 
ATOM   335  O O   . GLN A 1 50  ? 6.735   0.777   7.114   1.00 35.17  ? 291 GLN A O   1 
ATOM   336  C CB  . GLN A 1 50  ? 9.375   -0.268  8.803   1.00 37.54  ? 291 GLN A CB  1 
ATOM   337  C CG  . GLN A 1 50  ? 10.448  0.421   9.625   1.00 36.32  ? 291 GLN A CG  1 
ATOM   338  C CD  . GLN A 1 50  ? 11.814  -0.207  9.465   1.00 45.12  ? 291 GLN A CD  1 
ATOM   339  O OE1 . GLN A 1 50  ? 11.937  -1.388  9.147   1.00 43.58  ? 291 GLN A OE1 1 
ATOM   340  N NE2 . GLN A 1 50  ? 12.849  0.600   9.615   1.00 40.99  ? 291 GLN A NE2 1 
ATOM   341  N N   . LEU A 1 51  ? 6.506   -1.321  7.893   1.00 36.04  ? 292 LEU A N   1 
ATOM   342  C CA  . LEU A 1 51  ? 5.658   -1.717  6.769   1.00 38.52  ? 292 LEU A CA  1 
ATOM   343  C C   . LEU A 1 51  ? 4.296   -1.033  6.843   1.00 41.38  ? 292 LEU A C   1 
ATOM   344  O O   . LEU A 1 51  ? 3.734   -0.632  5.814   1.00 37.66  ? 292 LEU A O   1 
ATOM   345  C CB  . LEU A 1 51  ? 5.508   -3.244  6.737   1.00 33.17  ? 292 LEU A CB  1 
ATOM   346  C CG  . LEU A 1 51  ? 4.724   -3.758  5.531   1.00 44.73  ? 292 LEU A CG  1 
ATOM   347  C CD1 . LEU A 1 51  ? 5.462   -3.414  4.253   1.00 31.86  ? 292 LEU A CD1 1 
ATOM   348  C CD2 . LEU A 1 51  ? 4.512   -5.268  5.636   1.00 43.22  ? 292 LEU A CD2 1 
ATOM   349  N N   . ARG A 1 52  ? 3.747   -0.893  8.054   1.00 35.12  ? 293 ARG A N   1 
ATOM   350  C CA  A ARG A 1 52  ? 2.490   -0.174  8.224   0.43 44.00  ? 293 ARG A CA  1 
ATOM   351  C CA  B ARG A 1 52  ? 2.492   -0.176  8.242   0.57 43.80  ? 293 ARG A CA  1 
ATOM   352  C C   . ARG A 1 52  ? 2.637   1.269   7.787   1.00 40.18  ? 293 ARG A C   1 
ATOM   353  O O   . ARG A 1 52  ? 1.738   1.839   7.159   1.00 36.28  ? 293 ARG A O   1 
ATOM   354  C CB  A ARG A 1 52  ? 2.037   -0.225  9.684   0.43 44.63  ? 293 ARG A CB  1 
ATOM   355  C CB  B ARG A 1 52  ? 2.047   -0.217  9.712   0.57 44.62  ? 293 ARG A CB  1 
ATOM   356  C CG  A ARG A 1 52  ? 0.557   0.068   9.873   0.43 50.81  ? 293 ARG A CG  1 
ATOM   357  C CG  B ARG A 1 52  ? 0.617   0.276   9.942   0.57 50.51  ? 293 ARG A CG  1 
ATOM   358  C CD  A ARG A 1 52  ? 0.359   1.417   10.554  0.43 50.23  ? 293 ARG A CD  1 
ATOM   359  C CD  B ARG A 1 52  ? 0.287   0.368   11.423  0.57 50.87  ? 293 ARG A CD  1 
ATOM   360  N NE  A ARG A 1 52  ? -0.817  1.446   11.415  0.43 49.48  ? 293 ARG A NE  1 
ATOM   361  N NE  B ARG A 1 52  ? 1.204   1.259   12.126  0.57 56.54  ? 293 ARG A NE  1 
ATOM   362  C CZ  A ARG A 1 52  ? -2.021  1.838   11.025  0.43 59.83  ? 293 ARG A CZ  1 
ATOM   363  C CZ  B ARG A 1 52  ? 1.856   0.937   13.236  0.57 66.19  ? 293 ARG A CZ  1 
ATOM   364  N NH1 A ARG A 1 52  ? -2.263  2.193   9.769   0.43 49.90  ? 293 ARG A NH1 1 
ATOM   365  N NH1 B ARG A 1 52  ? 1.706   -0.248  13.808  0.57 59.02  ? 293 ARG A NH1 1 
ATOM   366  N NH2 A ARG A 1 52  ? -3.011  1.875   11.914  0.43 51.87  ? 293 ARG A NH2 1 
ATOM   367  N NH2 B ARG A 1 52  ? 2.691   1.821   13.776  0.57 49.47  ? 293 ARG A NH2 1 
ATOM   368  N N   . SER A 1 53  ? 3.768   1.873   8.109   1.00 34.84  ? 294 SER A N   1 
ATOM   369  C CA  A SER A 1 53  ? 4.002   3.262   7.726   0.75 39.91  ? 294 SER A CA  1 
ATOM   370  C CA  C SER A 1 53  ? 3.942   3.262   7.727   0.25 37.38  ? 294 SER A CA  1 
ATOM   371  C C   . SER A 1 53  ? 4.145   3.397   6.217   1.00 46.14  ? 294 SER A C   1 
ATOM   372  O O   . SER A 1 53  ? 3.619   4.338   5.608   1.00 43.34  ? 294 SER A O   1 
ATOM   373  C CB  A SER A 1 53  ? 5.249   3.787   8.431   0.75 32.42  ? 294 SER A CB  1 
ATOM   374  C CB  C SER A 1 53  ? 5.100   3.871   8.499   0.25 33.08  ? 294 SER A CB  1 
ATOM   375  O OG  A SER A 1 53  ? 5.126   3.607   9.830   0.75 43.22  ? 294 SER A OG  1 
ATOM   376  O OG  C SER A 1 53  ? 5.591   4.976   7.795   0.25 44.66  ? 294 SER A OG  1 
ATOM   377  N N   . ALA A 1 54  ? 4.867   2.463   5.591   1.00 40.35  ? 295 ALA A N   1 
ATOM   378  C CA  . ALA A 1 54  ? 5.020   2.506   4.135   1.00 44.77  ? 295 ALA A CA  1 
ATOM   379  C C   . ALA A 1 54  ? 3.667   2.437   3.439   1.00 47.87  ? 295 ALA A C   1 
ATOM   380  O O   . ALA A 1 54  ? 3.313   3.323   2.650   1.00 43.96  ? 295 ALA A O   1 
ATOM   381  C CB  . ALA A 1 54  ? 5.913   1.366   3.657   1.00 46.40  ? 295 ALA A CB  1 
ATOM   382  N N   . ILE A 1 55  ? 2.887   1.399   3.739   1.00 39.40  ? 296 ILE A N   1 
ATOM   383  C CA  . ILE A 1 55  ? 1.605   1.212   3.063   1.00 47.69  ? 296 ILE A CA  1 
ATOM   384  C C   . ILE A 1 55  ? 0.626   2.332   3.408   1.00 44.47  ? 296 ILE A C   1 
ATOM   385  O O   . ILE A 1 55  ? -0.070  2.858   2.529   1.00 36.85  ? 296 ILE A O   1 
ATOM   386  C CB  . ILE A 1 55  ? 1.025   -0.173  3.403   1.00 40.96  ? 296 ILE A CB  1 
ATOM   387  C CG1 . ILE A 1 55  ? 2.021   -1.288  3.035   1.00 35.37  ? 296 ILE A CG1 1 
ATOM   388  C CG2 . ILE A 1 55  ? -0.333  -0.353  2.767   1.00 42.72  ? 296 ILE A CG2 1 
ATOM   389  C CD1 . ILE A 1 55  ? 1.501   -2.659  3.349   1.00 37.48  ? 296 ILE A CD1 1 
ATOM   390  N N   . SER A 1 56  ? 0.543   2.701   4.689   1.00 34.73  ? 297 SER A N   1 
ATOM   391  C CA  . SER A 1 56  ? -0.417  3.721   5.122   1.00 37.18  ? 297 SER A CA  1 
ATOM   392  C C   . SER A 1 56  ? -0.155  5.056   4.447   1.00 39.14  ? 297 SER A C   1 
ATOM   393  O O   . SER A 1 56  ? -1.093  5.738   4.020   1.00 40.46  ? 297 SER A O   1 
ATOM   394  C CB  . SER A 1 56  ? -0.363  3.903   6.640   1.00 38.36  ? 297 SER A CB  1 
ATOM   395  O OG  . SER A 1 56  ? -0.623  2.668   7.290   0.69 41.44  ? 297 SER A OG  1 
ATOM   396  N N   . ASN A 1 57  ? 1.110   5.471   4.378   1.00 34.19  ? 298 ASN A N   1 
ATOM   397  C CA  . ASN A 1 57  ? 1.399   6.752   3.751   1.00 34.02  ? 298 ASN A CA  1 
ATOM   398  C C   . ASN A 1 57  ? 1.059   6.757   2.257   1.00 37.97  ? 298 ASN A C   1 
ATOM   399  O O   . ASN A 1 57  ? 0.598   7.784   1.747   1.00 38.27  ? 298 ASN A O   1 
ATOM   400  C CB  . ASN A 1 57  ? 2.856   7.144   3.995   1.00 38.73  ? 298 ASN A CB  1 
ATOM   401  C CG  . ASN A 1 57  ? 3.097   7.693   5.418   1.00 63.73  ? 298 ASN A CG  1 
ATOM   402  O OD1 . ASN A 1 57  ? 2.748   7.071   6.426   1.00 58.23  ? 298 ASN A OD1 1 
ATOM   403  N ND2 . ASN A 1 57  ? 3.660   8.890   5.486   1.00 69.41  ? 298 ASN A ND2 1 
ATOM   404  N N   . LEU A 1 58  ? 1.237   5.627   1.550   1.00 36.89  ? 299 LEU A N   1 
ATOM   405  C CA  . LEU A 1 58  ? 0.833   5.571   0.146   1.00 36.05  ? 299 LEU A CA  1 
ATOM   406  C C   . LEU A 1 58  ? -0.669  5.754   0.005   1.00 36.36  ? 299 LEU A C   1 
ATOM   407  O O   . LEU A 1 58  ? -1.130  6.543   -0.830  1.00 42.13  ? 299 LEU A O   1 
ATOM   408  C CB  . LEU A 1 58  ? 1.278   4.254   -0.496  1.00 32.71  ? 299 LEU A CB  1 
ATOM   409  C CG  . LEU A 1 58  ? 2.788   4.080   -0.669  1.00 32.14  ? 299 LEU A CG  1 
ATOM   410  C CD1 . LEU A 1 58  ? 3.128   2.729   -1.264  1.00 33.39  ? 299 LEU A CD1 1 
ATOM   411  C CD2 . LEU A 1 58  ? 3.373   5.207   -1.529  1.00 40.51  ? 299 LEU A CD2 1 
ATOM   412  N N   . VAL A 1 59  ? -1.448  5.056   0.829   1.00 38.40  ? 300 VAL A N   1 
ATOM   413  C CA  . VAL A 1 59  ? -2.900  5.200   0.778   1.00 44.61  ? 300 VAL A CA  1 
ATOM   414  C C   . VAL A 1 59  ? -3.336  6.605   1.202   1.00 53.43  ? 300 VAL A C   1 
ATOM   415  O O   . VAL A 1 59  ? -4.171  7.225   0.531   1.00 38.05  ? 300 VAL A O   1 
ATOM   416  C CB  . VAL A 1 59  ? -3.571  4.097   1.617   1.00 46.54  ? 300 VAL A CB  1 
ATOM   417  C CG1 . VAL A 1 59  ? -5.071  4.317   1.715   1.00 45.89  ? 300 VAL A CG1 1 
ATOM   418  C CG2 . VAL A 1 59  ? -3.288  2.737   0.976   1.00 42.04  ? 300 VAL A CG2 1 
ATOM   419  N N   . TYR A 1 60  ? -2.777  7.149   2.297   1.00 38.53  ? 301 TYR A N   1 
ATOM   420  C CA  . TYR A 1 60  ? -3.189  8.502   2.680   1.00 37.08  ? 301 TYR A CA  1 
ATOM   421  C C   . TYR A 1 60  ? -2.854  9.522   1.599   1.00 45.54  ? 301 TYR A C   1 
ATOM   422  O O   . TYR A 1 60  ? -3.656  10.417  1.316   1.00 41.06  ? 301 TYR A O   1 
ATOM   423  C CB  . TYR A 1 60  ? -2.573  8.958   4.004   1.00 37.43  ? 301 TYR A CB  1 
ATOM   424  C CG  . TYR A 1 60  ? -2.740  8.028   5.174   1.00 42.54  ? 301 TYR A CG  1 
ATOM   425  C CD1 . TYR A 1 60  ? -3.963  7.425   5.436   1.00 46.30  ? 301 TYR A CD1 1 
ATOM   426  C CD2 . TYR A 1 60  ? -1.717  7.864   6.100   1.00 51.53  ? 301 TYR A CD2 1 
ATOM   427  C CE1 . TYR A 1 60  ? -4.131  6.596   6.535   1.00 46.14  ? 301 TYR A CE1 1 
ATOM   428  C CE2 . TYR A 1 60  ? -1.877  7.049   7.203   1.00 54.28  ? 301 TYR A CE2 1 
ATOM   429  C CZ  . TYR A 1 60  ? -3.086  6.422   7.421   1.00 51.38  ? 301 TYR A CZ  1 
ATOM   430  O OH  . TYR A 1 60  ? -3.224  5.609   8.527   1.00 60.42  ? 301 TYR A OH  1 
ATOM   431  N N   . ASN A 1 61  ? -1.668  9.414   0.997   1.00 43.29  ? 302 ASN A N   1 
ATOM   432  C CA  . ASN A 1 61  ? -1.274  10.363  -0.038  1.00 47.94  ? 302 ASN A CA  1 
ATOM   433  C C   . ASN A 1 61  ? -2.242  10.347  -1.213  1.00 39.10  ? 302 ASN A C   1 
ATOM   434  O O   . ASN A 1 61  ? -2.577  11.402  -1.758  1.00 47.18  ? 302 ASN A O   1 
ATOM   435  C CB  . ASN A 1 61  ? 0.146   10.059  -0.515  1.00 55.28  ? 302 ASN A CB  1 
ATOM   436  C CG  . ASN A 1 61  ? 1.198   10.842  0.247   1.00 74.81  ? 302 ASN A CG  1 
ATOM   437  O OD1 . ASN A 1 61  ? 0.982   11.258  1.388   1.00 80.51  ? 302 ASN A OD1 1 
ATOM   438  N ND2 . ASN A 1 61  ? 2.354   11.036  -0.380  1.00 85.07  ? 302 ASN A ND2 1 
ATOM   439  N N   . ALA A 1 62  ? -2.705  9.163   -1.619  1.00 46.44  ? 303 ALA A N   1 
ATOM   440  C CA  . ALA A 1 62  ? -3.612  9.103   -2.760  1.00 50.32  ? 303 ALA A CA  1 
ATOM   441  C C   . ALA A 1 62  ? -4.965  9.711   -2.419  1.00 51.81  ? 303 ALA A C   1 
ATOM   442  O O   . ALA A 1 62  ? -5.617  10.294  -3.292  1.00 47.35  ? 303 ALA A O   1 
ATOM   443  C CB  . ALA A 1 62  ? -3.772  7.662   -3.248  1.00 39.89  ? 303 ALA A CB  1 
ATOM   444  N N   . VAL A 1 63  ? -5.402  9.590   -1.165  1.00 40.36  ? 304 VAL A N   1 
ATOM   445  C CA  . VAL A 1 63  ? -6.643  10.238  -0.754  1.00 43.78  ? 304 VAL A CA  1 
ATOM   446  C C   . VAL A 1 63  ? -6.490  11.760  -0.775  1.00 50.13  ? 304 VAL A C   1 
ATOM   447  O O   . VAL A 1 63  ? -7.419  12.484  -1.151  1.00 51.11  ? 304 VAL A O   1 
ATOM   448  C CB  . VAL A 1 63  ? -7.073  9.736   0.638   1.00 38.70  ? 304 VAL A CB  1 
ATOM   449  C CG1 . VAL A 1 63  ? -8.229  10.590  1.177   1.00 44.92  ? 304 VAL A CG1 1 
ATOM   450  C CG2 . VAL A 1 63  ? -7.482  8.282   0.574   1.00 46.33  ? 304 VAL A CG2 1 
ATOM   451  N N   . LYS A 1 64  ? -5.316  12.268  -0.395  1.00 44.46  ? 305 LYS A N   1 
ATOM   452  C CA  . LYS A 1 64  ? -5.143  13.713  -0.267  1.00 52.47  ? 305 LYS A CA  1 
ATOM   453  C C   . LYS A 1 64  ? -4.892  14.396  -1.598  1.00 59.48  ? 305 LYS A C   1 
ATOM   454  O O   . LYS A 1 64  ? -5.170  15.595  -1.729  1.00 62.73  ? 305 LYS A O   1 
ATOM   455  C CB  . LYS A 1 64  ? -3.990  14.051  0.679   1.00 48.77  ? 305 LYS A CB  1 
ATOM   456  C CG  . LYS A 1 64  ? -4.188  13.611  2.118   1.00 49.60  ? 305 LYS A CG  1 
ATOM   457  C CD  . LYS A 1 64  ? -2.905  13.782  2.911   1.00 66.07  ? 305 LYS A CD  1 
ATOM   458  C CE  . LYS A 1 64  ? -3.147  13.580  4.400   1.00 80.09  ? 305 LYS A CE  1 
ATOM   459  N NZ  . LYS A 1 64  ? -1.885  13.291  5.138   1.00 85.87  ? 305 LYS A NZ  1 
ATOM   460  N N   . TYR A 1 65  ? -4.354  13.681  -2.583  1.00 53.40  ? 306 TYR A N   1 
ATOM   461  C CA  . TYR A 1 65  ? -3.993  14.298  -3.854  1.00 54.48  ? 306 TYR A CA  1 
ATOM   462  C C   . TYR A 1 65  ? -4.889  13.859  -5.001  1.00 62.70  ? 306 TYR A C   1 
ATOM   463  O O   . TYR A 1 65  ? -4.539  14.077  -6.165  1.00 73.20  ? 306 TYR A O   1 
ATOM   464  C CB  . TYR A 1 65  ? -2.523  14.024  -4.173  1.00 56.91  ? 306 TYR A CB  1 
ATOM   465  C CG  . TYR A 1 65  ? -1.584  14.710  -3.197  1.00 80.27  ? 306 TYR A CG  1 
ATOM   466  C CD1 . TYR A 1 65  ? -1.196  14.086  -2.017  1.00 77.56  ? 306 TYR A CD1 1 
ATOM   467  C CD2 . TYR A 1 65  ? -1.104  15.991  -3.447  1.00 90.49  ? 306 TYR A CD2 1 
ATOM   468  C CE1 . TYR A 1 65  ? -0.348  14.710  -1.123  1.00 89.84  ? 306 TYR A CE1 1 
ATOM   469  C CE2 . TYR A 1 65  ? -0.255  16.623  -2.559  1.00 86.10  ? 306 TYR A CE2 1 
ATOM   470  C CZ  . TYR A 1 65  ? 0.119   15.977  -1.397  1.00 101.45 ? 306 TYR A CZ  1 
ATOM   471  O OH  . TYR A 1 65  ? 0.965   16.595  -0.502  1.00 105.50 ? 306 TYR A OH  1 
ATOM   472  N N   . THR A 1 66  ? -6.036  13.257  -4.707  1.00 54.17  ? 307 THR A N   1 
ATOM   473  C CA  . THR A 1 66  ? -7.025  12.998  -5.735  1.00 54.29  ? 307 THR A CA  1 
ATOM   474  C C   . THR A 1 66  ? -8.310  13.741  -5.397  1.00 63.71  ? 307 THR A C   1 
ATOM   475  O O   . THR A 1 66  ? -8.650  13.874  -4.214  1.00 55.29  ? 307 THR A O   1 
ATOM   476  C CB  . THR A 1 66  ? -7.325  11.501  -5.877  1.00 50.93  ? 307 THR A CB  1 
ATOM   477  O OG1 . THR A 1 66  ? -7.752  10.973  -4.615  1.00 55.52  ? 307 THR A OG1 1 
ATOM   478  C CG2 . THR A 1 66  ? -6.094  10.752  -6.369  1.00 44.31  ? 307 THR A CG2 1 
ATOM   479  N N   . PRO A 1 67  ? -9.035  14.240  -6.395  1.00 62.81  ? 308 PRO A N   1 
ATOM   480  C CA  . PRO A 1 67  ? -10.211 15.064  -6.116  1.00 68.27  ? 308 PRO A CA  1 
ATOM   481  C C   . PRO A 1 67  ? -11.309 14.245  -5.463  1.00 58.66  ? 308 PRO A C   1 
ATOM   482  O O   . PRO A 1 67  ? -11.291 13.006  -5.524  1.00 54.40  ? 308 PRO A O   1 
ATOM   483  C CB  . PRO A 1 67  ? -10.633 15.556  -7.511  1.00 61.95  ? 308 PRO A CB  1 
ATOM   484  C CG  . PRO A 1 67  ? -10.135 14.493  -8.430  1.00 64.39  ? 308 PRO A CG  1 
ATOM   485  C CD  . PRO A 1 67  ? -8.820  14.069  -7.843  1.00 54.94  ? 308 PRO A CD  1 
ATOM   486  N N   . PRO A 1 68  ? -12.267 14.902  -4.813  1.00 55.90  ? 309 PRO A N   1 
ATOM   487  C CA  . PRO A 1 68  ? -13.398 14.178  -4.219  1.00 60.69  ? 309 PRO A CA  1 
ATOM   488  C C   . PRO A 1 68  ? -14.050 13.225  -5.210  1.00 53.58  ? 309 PRO A C   1 
ATOM   489  O O   . PRO A 1 68  ? -14.209 13.539  -6.390  1.00 59.39  ? 309 PRO A O   1 
ATOM   490  C CB  . PRO A 1 68  ? -14.362 15.296  -3.798  1.00 53.75  ? 309 PRO A CB  1 
ATOM   491  C CG  . PRO A 1 68  ? -13.590 16.584  -3.890  1.00 52.92  ? 309 PRO A CG  1 
ATOM   492  C CD  . PRO A 1 68  ? -12.215 16.316  -4.407  1.00 56.08  ? 309 PRO A CD  1 
ATOM   493  N N   . GLY A 1 69  ? -14.428 12.050  -4.716  1.00 49.14  ? 310 GLY A N   1 
ATOM   494  C CA  . GLY A 1 69  ? -15.060 11.039  -5.530  1.00 57.38  ? 310 GLY A CA  1 
ATOM   495  C C   . GLY A 1 69  ? -14.141 10.304  -6.485  1.00 58.07  ? 310 GLY A C   1 
ATOM   496  O O   . GLY A 1 69  ? -14.613 9.423   -7.211  1.00 63.99  ? 310 GLY A O   1 
ATOM   497  N N   . ALA A 1 70  ? -12.854 10.638  -6.515  1.00 61.23  ? 311 ALA A N   1 
ATOM   498  C CA  . ALA A 1 70  ? -11.913 9.906   -7.352  1.00 55.54  ? 311 ALA A CA  1 
ATOM   499  C C   . ALA A 1 70  ? -11.817 8.453   -6.907  1.00 55.69  ? 311 ALA A C   1 
ATOM   500  O O   . ALA A 1 70  ? -12.049 8.115   -5.738  1.00 50.89  ? 311 ALA A O   1 
ATOM   501  C CB  . ALA A 1 70  ? -10.530 10.557  -7.302  1.00 53.46  ? 311 ALA A CB  1 
ATOM   502  N N   . GLN A 1 71  ? -11.471 7.589   -7.855  1.00 52.74  ? 312 GLN A N   1 
ATOM   503  C CA  . GLN A 1 71  ? -11.373 6.155   -7.620  1.00 51.07  ? 312 GLN A CA  1 
ATOM   504  C C   . GLN A 1 71  ? -9.927  5.781   -7.313  1.00 50.70  ? 312 GLN A C   1 
ATOM   505  O O   . GLN A 1 71  ? -9.010  6.177   -8.040  1.00 52.31  ? 312 GLN A O   1 
ATOM   506  C CB  . GLN A 1 71  ? -11.875 5.366   -8.830  1.00 65.76  ? 312 GLN A CB  1 
ATOM   507  C CG  . GLN A 1 71  ? -12.600 4.102   -8.430  1.00 69.06  ? 312 GLN A CG  1 
ATOM   508  C CD  . GLN A 1 71  ? -13.051 3.258   -9.603  1.00 92.09  ? 312 GLN A CD  1 
ATOM   509  O OE1 . GLN A 1 71  ? -13.651 3.762   -10.560 1.00 89.07  ? 312 GLN A OE1 1 
ATOM   510  N NE2 . GLN A 1 71  ? -12.782 1.957   -9.528  1.00 79.99  ? 312 GLN A NE2 1 
ATOM   511  N N   . ILE A 1 72  ? -9.731  5.019   -6.239  1.00 50.32  ? 313 ILE A N   1 
ATOM   512  C CA  . ILE A 1 72  ? -8.402  4.629   -5.786  1.00 50.12  ? 313 ILE A CA  1 
ATOM   513  C C   . ILE A 1 72  ? -8.404  3.116   -5.661  1.00 43.63  ? 313 ILE A C   1 
ATOM   514  O O   . ILE A 1 72  ? -9.254  2.550   -4.964  1.00 48.20  ? 313 ILE A O   1 
ATOM   515  C CB  . ILE A 1 72  ? -8.044  5.282   -4.441  1.00 51.53  ? 313 ILE A CB  1 
ATOM   516  C CG1 . ILE A 1 72  ? -7.950  6.802   -4.610  1.00 51.96  ? 313 ILE A CG1 1 
ATOM   517  C CG2 . ILE A 1 72  ? -6.725  4.697   -3.909  1.00 41.54  ? 313 ILE A CG2 1 
ATOM   518  C CD1 . ILE A 1 72  ? -7.390  7.559   -3.406  1.00 48.28  ? 313 ILE A CD1 1 
ATOM   519  N N   . ASP A 1 73  ? -7.482  2.459   -6.351  1.00 37.82  ? 314 ASP A N   1 
ATOM   520  C CA  . ASP A 1 73  ? -7.342  1.018   -6.251  1.00 38.89  ? 314 ASP A CA  1 
ATOM   521  C C   . ASP A 1 73  ? -6.144  0.696   -5.378  1.00 34.90  ? 314 ASP A C   1 
ATOM   522  O O   . ASP A 1 73  ? -5.047  1.222   -5.594  1.00 42.55  ? 314 ASP A O   1 
ATOM   523  C CB  . ASP A 1 73  ? -7.186  0.374   -7.628  1.00 41.46  ? 314 ASP A CB  1 
ATOM   524  C CG  . ASP A 1 73  ? -8.497  0.299   -8.375  1.00 64.40  ? 314 ASP A CG  1 
ATOM   525  O OD1 . ASP A 1 73  ? -9.554  0.419   -7.722  1.00 62.20  ? 314 ASP A OD1 1 
ATOM   526  O OD2 . ASP A 1 73  ? -8.473  0.142   -9.614  1.00 78.78  ? 314 ASP A OD2 1 
ATOM   527  N N   . VAL A 1 74  ? -6.366  -0.139  -4.379  1.00 38.73  ? 315 VAL A N   1 
ATOM   528  C CA  . VAL A 1 74  ? -5.297  -0.662  -3.545  1.00 43.08  ? 315 VAL A CA  1 
ATOM   529  C C   . VAL A 1 74  ? -5.287  -2.157  -3.772  1.00 41.57  ? 315 VAL A C   1 
ATOM   530  O O   . VAL A 1 74  ? -6.334  -2.809  -3.672  1.00 42.34  ? 315 VAL A O   1 
ATOM   531  C CB  . VAL A 1 74  ? -5.501  -0.310  -2.067  1.00 36.42  ? 315 VAL A CB  1 
ATOM   532  C CG1 . VAL A 1 74  ? -4.321  -0.800  -1.224  1.00 32.61  ? 315 VAL A CG1 1 
ATOM   533  C CG2 . VAL A 1 74  ? -5.678  1.187   -1.925  1.00 38.57  ? 315 VAL A CG2 1 
ATOM   534  N N   . ARG A 1 75  ? -4.126  -2.695  -4.120  1.00 35.03  ? 316 ARG A N   1 
ATOM   535  C CA  . ARG A 1 75  ? -3.997  -4.111  -4.427  1.00 38.75  ? 316 ARG A CA  1 
ATOM   536  C C   . ARG A 1 75  ? -2.849  -4.725  -3.646  1.00 37.32  ? 316 ARG A C   1 
ATOM   537  O O   . ARG A 1 75  ? -1.816  -4.083  -3.437  1.00 39.19  ? 316 ARG A O   1 
ATOM   538  C CB  . ARG A 1 75  ? -3.780  -4.340  -5.927  1.00 34.47  ? 316 ARG A CB  1 
ATOM   539  C CG  . ARG A 1 75  ? -4.763  -3.602  -6.792  1.00 50.81  ? 316 ARG A CG  1 
ATOM   540  C CD  . ARG A 1 75  ? -4.588  -3.963  -8.264  1.00 44.61  ? 316 ARG A CD  1 
ATOM   541  N NE  . ARG A 1 75  ? -5.388  -3.070  -9.087  1.00 50.50  ? 316 ARG A NE  1 
ATOM   542  C CZ  . ARG A 1 75  ? -4.923  -2.019  -9.744  1.00 47.55  ? 316 ARG A CZ  1 
ATOM   543  N NH1 . ARG A 1 75  ? -3.634  -1.721  -9.750  1.00 47.33  ? 316 ARG A NH1 1 
ATOM   544  N NH2 . ARG A 1 75  ? -5.774  -1.246  -10.410 1.00 54.60  ? 316 ARG A NH2 1 
ATOM   545  N N   . TRP A 1 76  ? -3.037  -5.986  -3.249  1.00 34.71  ? 317 TRP A N   1 
ATOM   546  C CA  . TRP A 1 76  ? -2.050  -6.744  -2.484  1.00 40.69  ? 317 TRP A CA  1 
ATOM   547  C C   . TRP A 1 76  ? -2.092  -8.168  -3.023  1.00 45.73  ? 317 TRP A C   1 
ATOM   548  O O   . TRP A 1 76  ? -3.094  -8.867  -2.841  1.00 37.13  ? 317 TRP A O   1 
ATOM   549  C CB  . TRP A 1 76  ? -2.383  -6.710  -0.994  1.00 37.65  ? 317 TRP A CB  1 
ATOM   550  C CG  . TRP A 1 76  ? -1.530  -7.552  -0.092  1.00 34.32  ? 317 TRP A CG  1 
ATOM   551  C CD1 . TRP A 1 76  ? -1.934  -8.640  0.638   1.00 41.05  ? 317 TRP A CD1 1 
ATOM   552  C CD2 . TRP A 1 76  ? -0.140  -7.359  0.215   1.00 36.12  ? 317 TRP A CD2 1 
ATOM   553  N NE1 . TRP A 1 76  ? -0.877  -9.138  1.368   1.00 35.78  ? 317 TRP A NE1 1 
ATOM   554  C CE2 . TRP A 1 76  ? 0.232   -8.369  1.130   1.00 37.61  ? 317 TRP A CE2 1 
ATOM   555  C CE3 . TRP A 1 76  ? 0.823   -6.433  -0.192  1.00 34.43  ? 317 TRP A CE3 1 
ATOM   556  C CZ2 . TRP A 1 76  ? 1.519   -8.477  1.642   1.00 30.54  ? 317 TRP A CZ2 1 
ATOM   557  C CZ3 . TRP A 1 76  ? 2.105   -6.545  0.302   1.00 38.36  ? 317 TRP A CZ3 1 
ATOM   558  C CH2 . TRP A 1 76  ? 2.442   -7.558  1.230   1.00 34.82  ? 317 TRP A CH2 1 
ATOM   559  N N   . TYR A 1 77  ? -1.026  -8.606  -3.685  1.00 36.39  ? 318 TYR A N   1 
ATOM   560  C CA  . TYR A 1 77  ? -1.115  -9.871  -4.403  1.00 39.86  ? 318 TYR A CA  1 
ATOM   561  C C   . TYR A 1 77  ? 0.269   -10.467 -4.609  1.00 49.98  ? 318 TYR A C   1 
ATOM   562  O O   . TYR A 1 77  ? 1.297   -9.813  -4.397  1.00 36.91  ? 318 TYR A O   1 
ATOM   563  C CB  . TYR A 1 77  ? -1.836  -9.690  -5.744  1.00 38.08  ? 318 TYR A CB  1 
ATOM   564  C CG  . TYR A 1 77  ? -1.117  -8.797  -6.728  1.00 37.97  ? 318 TYR A CG  1 
ATOM   565  C CD1 . TYR A 1 77  ? -1.275  -7.416  -6.699  1.00 35.39  ? 318 TYR A CD1 1 
ATOM   566  C CD2 . TYR A 1 77  ? -0.292  -9.342  -7.702  1.00 46.78  ? 318 TYR A CD2 1 
ATOM   567  C CE1 . TYR A 1 77  ? -0.620  -6.601  -7.611  1.00 48.71  ? 318 TYR A CE1 1 
ATOM   568  C CE2 . TYR A 1 77  ? 0.364   -8.543  -8.609  1.00 41.66  ? 318 TYR A CE2 1 
ATOM   569  C CZ  . TYR A 1 77  ? 0.202   -7.178  -8.563  1.00 52.82  ? 318 TYR A CZ  1 
ATOM   570  O OH  . TYR A 1 77  ? 0.862   -6.391  -9.479  1.00 50.14  ? 318 TYR A OH  1 
ATOM   571  N N   . ARG A 1 78  ? 0.269   -11.735 -5.030  1.00 42.71  ? 319 ARG A N   1 
ATOM   572  C CA  . ARG A 1 78  ? 1.488   -12.485 -5.279  1.00 38.87  ? 319 ARG A CA  1 
ATOM   573  C C   . ARG A 1 78  ? 1.936   -12.275 -6.718  1.00 40.52  ? 319 ARG A C   1 
ATOM   574  O O   . ARG A 1 78  ? 1.145   -12.437 -7.652  1.00 48.41  ? 319 ARG A O   1 
ATOM   575  C CB  . ARG A 1 78  ? 1.266   -13.978 -5.018  1.00 39.41  ? 319 ARG A CB  1 
ATOM   576  C CG  . ARG A 1 78  ? 0.701   -14.256 -3.635  1.00 52.98  ? 319 ARG A CG  1 
ATOM   577  C CD  . ARG A 1 78  ? 0.280   -15.703 -3.465  1.00 51.27  ? 319 ARG A CD  1 
ATOM   578  N NE  . ARG A 1 78  ? -0.300  -15.919 -2.147  1.00 43.92  ? 319 ARG A NE  1 
ATOM   579  C CZ  . ARG A 1 78  ? 0.374   -16.391 -1.110  1.00 43.01  ? 319 ARG A CZ  1 
ATOM   580  N NH1 . ARG A 1 78  ? 1.659   -16.689 -1.204  1.00 40.19  ? 319 ARG A NH1 1 
ATOM   581  N NH2 . ARG A 1 78  ? -0.248  -16.539 0.055   1.00 49.73  ? 319 ARG A NH2 1 
ATOM   582  N N   . THR A 1 79  ? 3.190   -11.880 -6.888  1.00 46.64  ? 320 THR A N   1 
ATOM   583  C CA  . THR A 1 79  ? 3.885   -11.973 -8.157  1.00 50.18  ? 320 THR A CA  1 
ATOM   584  C C   . THR A 1 79  ? 4.829   -13.170 -8.102  1.00 73.72  ? 320 THR A C   1 
ATOM   585  O O   . THR A 1 79  ? 4.906   -13.889 -7.105  1.00 62.66  ? 320 THR A O   1 
ATOM   586  C CB  . THR A 1 79  ? 4.655   -10.685 -8.464  1.00 52.88  ? 320 THR A CB  1 
ATOM   587  O OG1 . THR A 1 79  ? 5.964   -10.767 -7.886  1.00 50.59  ? 320 THR A OG1 1 
ATOM   588  C CG2 . THR A 1 79  ? 3.935   -9.468  -7.926  1.00 59.06  ? 320 THR A CG2 1 
ATOM   589  N N   . GLY A 1 80  ? 5.567   -13.384 -9.191  1.00 62.17  ? 321 GLY A N   1 
ATOM   590  C CA  . GLY A 1 80  ? 6.628   -14.371 -9.138  1.00 77.72  ? 321 GLY A CA  1 
ATOM   591  C C   . GLY A 1 80  ? 7.781   -13.948 -8.249  1.00 72.82  ? 321 GLY A C   1 
ATOM   592  O O   . GLY A 1 80  ? 8.462   -14.798 -7.669  1.00 75.68  ? 321 GLY A O   1 
ATOM   593  N N   . LYS A 1 81  ? 7.998   -12.638 -8.107  1.00 52.73  ? 322 LYS A N   1 
ATOM   594  C CA  . LYS A 1 81  ? 9.187   -12.102 -7.464  1.00 58.38  ? 322 LYS A CA  1 
ATOM   595  C C   . LYS A 1 81  ? 8.965   -11.665 -6.016  1.00 44.88  ? 322 LYS A C   1 
ATOM   596  O O   . LYS A 1 81  ? 9.862   -11.053 -5.438  1.00 47.02  ? 322 LYS A O   1 
ATOM   597  C CB  . LYS A 1 81  ? 9.738   -10.913 -8.258  1.00 67.74  ? 322 LYS A CB  1 
ATOM   598  C CG  . LYS A 1 81  ? 10.676  -11.272 -9.398  1.00 80.22  ? 322 LYS A CG  1 
ATOM   599  C CD  . LYS A 1 81  ? 10.889  -10.068 -10.306 1.00 89.14  ? 322 LYS A CD  1 
ATOM   600  C CE  . LYS A 1 81  ? 9.626   -9.217  -10.420 1.00 78.83  ? 322 LYS A CE  1 
ATOM   601  N NZ  . LYS A 1 81  ? 9.873   -7.955  -11.164 1.00 76.92  ? 322 LYS A NZ  1 
ATOM   602  N N   . GLY A 1 82  ? 7.795   -11.941 -5.429  1.00 41.68  ? 323 GLY A N   1 
ATOM   603  C CA  . GLY A 1 82  ? 7.481   -11.629 -4.051  1.00 40.23  ? 323 GLY A CA  1 
ATOM   604  C C   . GLY A 1 82  ? 6.130   -10.943 -3.940  1.00 42.01  ? 323 GLY A C   1 
ATOM   605  O O   . GLY A 1 82  ? 5.307   -10.999 -4.856  1.00 46.60  ? 323 GLY A O   1 
ATOM   606  N N   . ALA A 1 83  ? 5.895   -10.281 -2.810  1.00 35.36  ? 324 ALA A N   1 
ATOM   607  C CA  . ALA A 1 83  ? 4.594   -9.684  -2.523  1.00 30.94  ? 324 ALA A CA  1 
ATOM   608  C C   . ALA A 1 83  ? 4.550   -8.255  -3.050  1.00 31.24  ? 324 ALA A C   1 
ATOM   609  O O   . ALA A 1 83  ? 5.471   -7.467  -2.805  1.00 39.10  ? 324 ALA A O   1 
ATOM   610  C CB  . ALA A 1 83  ? 4.313   -9.700  -1.018  1.00 36.59  ? 324 ALA A CB  1 
ATOM   611  N N   . CYS A 1 84  ? 3.465   -7.915  -3.736  1.00 36.58  ? 325 CYS A N   1 
ATOM   612  C CA  . CYS A 1 84  ? 3.315   -6.625  -4.408  1.00 30.41  ? 325 CYS A CA  1 
ATOM   613  C C   . CYS A 1 84  ? 2.176   -5.833  -3.794  1.00 38.01  ? 325 CYS A C   1 
ATOM   614  O O   . CYS A 1 84  ? 1.050   -6.335  -3.699  1.00 36.52  ? 325 CYS A O   1 
ATOM   615  C CB  . CYS A 1 84  ? 3.045   -6.809  -5.904  1.00 32.48  ? 325 CYS A CB  1 
ATOM   616  S SG  . CYS A 1 84  ? 2.787   -5.220  -6.777  1.00 42.38  ? 325 CYS A SG  1 
ATOM   617  N N   . LEU A 1 85  ? 2.473   -4.601  -3.380  1.00 32.54  ? 326 LEU A N   1 
ATOM   618  C CA  . LEU A 1 85  ? 1.467   -3.634  -2.972  1.00 33.57  ? 326 LEU A CA  1 
ATOM   619  C C   . LEU A 1 85  ? 1.348   -2.576  -4.061  1.00 29.90  ? 326 LEU A C   1 
ATOM   620  O O   . LEU A 1 85  ? 2.364   -2.019  -4.488  1.00 32.85  ? 326 LEU A O   1 
ATOM   621  C CB  . LEU A 1 85  ? 1.865   -2.961  -1.667  1.00 34.52  ? 326 LEU A CB  1 
ATOM   622  C CG  . LEU A 1 85  ? 0.816   -2.162  -0.885  1.00 39.96  ? 326 LEU A CG  1 
ATOM   623  C CD1 . LEU A 1 85  ? 0.745   -0.711  -1.383  1.00 42.50  ? 326 LEU A CD1 1 
ATOM   624  C CD2 . LEU A 1 85  ? -0.566  -2.823  -0.753  1.00 32.26  ? 326 LEU A CD2 1 
ATOM   625  N N   . GLU A 1 86  ? 0.125   -2.279  -4.493  1.00 33.72  ? 327 GLU A N   1 
ATOM   626  C CA  . GLU A 1 86  ? -0.086  -1.219  -5.473  1.00 33.81  ? 327 GLU A CA  1 
ATOM   627  C C   . GLU A 1 86  ? -1.183  -0.286  -5.016  1.00 35.18  ? 327 GLU A C   1 
ATOM   628  O O   . GLU A 1 86  ? -2.203  -0.734  -4.485  1.00 35.80  ? 327 GLU A O   1 
ATOM   629  C CB  . GLU A 1 86  ? -0.484  -1.750  -6.877  1.00 36.54  ? 327 GLU A CB  1 
ATOM   630  C CG  . GLU A 1 86  ? 0.499   -2.671  -7.517  1.00 41.47  ? 327 GLU A CG  1 
ATOM   631  C CD  . GLU A 1 86  ? 0.002   -3.148  -8.882  1.00 56.05  ? 327 GLU A CD  1 
ATOM   632  O OE1 . GLU A 1 86  ? -1.231  -3.168  -9.119  1.00 50.14  ? 327 GLU A OE1 1 
ATOM   633  O OE2 . GLU A 1 86  ? 0.855   -3.523  -9.710  1.00 65.80  ? 327 GLU A OE2 1 
ATOM   634  N N   . VAL A 1 87  ? -0.977  1.006   -5.273  1.00 37.61  ? 328 VAL A N   1 
ATOM   635  C CA  . VAL A 1 87  ? -1.971  2.045   -5.027  1.00 31.13  ? 328 VAL A CA  1 
ATOM   636  C C   . VAL A 1 87  ? -2.106  2.856   -6.309  1.00 36.74  ? 328 VAL A C   1 
ATOM   637  O O   . VAL A 1 87  ? -1.148  3.522   -6.734  1.00 30.40  ? 328 VAL A O   1 
ATOM   638  C CB  . VAL A 1 87  ? -1.585  2.959   -3.854  1.00 32.06  ? 328 VAL A CB  1 
ATOM   639  C CG1 . VAL A 1 87  ? -2.691  3.981   -3.602  1.00 30.71  ? 328 VAL A CG1 1 
ATOM   640  C CG2 . VAL A 1 87  ? -1.329  2.122   -2.585  1.00 31.55  ? 328 VAL A CG2 1 
ATOM   641  N N   . GLU A 1 88  ? -3.285  2.822   -6.906  1.00 32.54  ? 329 GLU A N   1 
ATOM   642  C CA  . GLU A 1 88  ? -3.474  3.379   -8.242  1.00 32.08  ? 329 GLU A CA  1 
ATOM   643  C C   . GLU A 1 88  ? -4.690  4.290   -8.268  1.00 38.92  ? 329 GLU A C   1 
ATOM   644  O O   . GLU A 1 88  ? -5.752  3.936   -7.750  1.00 47.12  ? 329 GLU A O   1 
ATOM   645  C CB  . GLU A 1 88  ? -3.656  2.257   -9.283  1.00 36.92  ? 329 GLU A CB  1 
ATOM   646  C CG  . GLU A 1 88  ? -3.809  2.788   -10.704 1.00 47.86  ? 329 GLU A CG  1 
ATOM   647  C CD  . GLU A 1 88  ? -3.831  1.691   -11.749 1.00 61.84  ? 329 GLU A CD  1 
ATOM   648  O OE1 . GLU A 1 88  ? -4.059  0.521   -11.390 1.00 48.19  ? 329 GLU A OE1 1 
ATOM   649  O OE2 . GLU A 1 88  ? -3.610  2.010   -12.938 1.00 64.69  ? 329 GLU A OE2 1 
ATOM   650  N N   . ASP A 1 89  ? -4.534  5.456   -8.894  1.00 46.72  ? 330 ASP A N   1 
ATOM   651  C CA  . ASP A 1 89  ? -5.621  6.411   -9.096  1.00 49.33  ? 330 ASP A CA  1 
ATOM   652  C C   . ASP A 1 89  ? -5.901  6.592   -10.587 1.00 56.70  ? 330 ASP A C   1 
ATOM   653  O O   . ASP A 1 89  ? -5.132  6.153   -11.446 1.00 56.24  ? 330 ASP A O   1 
ATOM   654  C CB  . ASP A 1 89  ? -5.297  7.758   -8.432  1.00 46.20  ? 330 ASP A CB  1 
ATOM   655  C CG  . ASP A 1 89  ? -4.112  8.486   -9.068  1.00 55.71  ? 330 ASP A CG  1 
ATOM   656  O OD1 . ASP A 1 89  ? -3.478  9.281   -8.346  1.00 79.83  ? 330 ASP A OD1 1 
ATOM   657  O OD2 . ASP A 1 89  ? -3.802  8.298   -10.263 1.00 83.64  ? 330 ASP A OD2 1 
ATOM   658  N N   . LYS A 1 90  ? -7.003  7.274   -10.885 1.00 73.77  ? 331 LYS A N   1 
ATOM   659  C CA  . LYS A 1 90  ? -7.306  7.652   -12.268 1.00 68.80  ? 331 LYS A CA  1 
ATOM   660  C C   . LYS A 1 90  ? -7.302  9.168   -12.422 1.00 74.67  ? 331 LYS A C   1 
ATOM   661  O O   . LYS A 1 90  ? -6.288  9.825   -12.183 1.00 82.73  ? 331 LYS A O   1 
ATOM   662  C CB  . LYS A 1 90  ? -8.653  7.092   -12.725 1.00 66.12  ? 331 LYS A CB  1 
ATOM   663  C CG  . LYS A 1 90  ? -8.600  5.653   -13.220 1.00 73.74  ? 331 LYS A CG  1 
ATOM   664  C CD  . LYS A 1 90  ? -8.436  4.689   -12.054 1.00 77.99  ? 331 LYS A CD  1 
ATOM   665  C CE  . LYS A 1 90  ? -8.351  3.243   -12.510 1.00 75.80  ? 331 LYS A CE  1 
ATOM   666  N NZ  . LYS A 1 90  ? -8.046  2.343   -11.357 1.00 83.69  ? 331 LYS A NZ  1 
ATOM   667  N N   . GLY A 1 123 ? 4.581   12.900  1.433   1.00 68.26  ? 364 GLY A N   1 
ATOM   668  C CA  . GLY A 1 123 ? 5.405   12.377  2.510   1.00 69.78  ? 364 GLY A CA  1 
ATOM   669  C C   . GLY A 1 123 ? 6.023   11.018  2.216   1.00 80.36  ? 364 GLY A C   1 
ATOM   670  O O   . GLY A 1 123 ? 5.820   10.058  2.970   1.00 70.48  ? 364 GLY A O   1 
ATOM   671  N N   . LEU A 1 124 ? 6.812   10.942  1.139   1.00 55.48  ? 365 LEU A N   1 
ATOM   672  C CA  . LEU A 1 124 ? 7.337   9.670   0.651   1.00 55.15  ? 365 LEU A CA  1 
ATOM   673  C C   . LEU A 1 124 ? 8.657   9.259   1.298   1.00 49.51  ? 365 LEU A C   1 
ATOM   674  O O   . LEU A 1 124 ? 9.132   8.144   1.037   1.00 43.49  ? 365 LEU A O   1 
ATOM   675  C CB  . LEU A 1 124 ? 7.525   9.733   -0.866  1.00 53.96  ? 365 LEU A CB  1 
ATOM   676  C CG  . LEU A 1 124 ? 6.250   10.093  -1.628  1.00 68.72  ? 365 LEU A CG  1 
ATOM   677  C CD1 . LEU A 1 124 ? 6.496   10.085  -3.137  1.00 71.76  ? 365 LEU A CD1 1 
ATOM   678  C CD2 . LEU A 1 124 ? 5.096   9.169   -1.241  1.00 62.65  ? 365 LEU A CD2 1 
ATOM   679  N N   . ALA A 1 125 ? 9.263   10.116  2.122   1.00 45.45  ? 366 ALA A N   1 
ATOM   680  C CA  . ALA A 1 125 ? 10.535  9.758   2.746   1.00 42.16  ? 366 ALA A CA  1 
ATOM   681  C C   . ALA A 1 125 ? 10.381  8.543   3.647   1.00 36.96  ? 366 ALA A C   1 
ATOM   682  O O   . ALA A 1 125 ? 11.244  7.653   3.656   1.00 38.50  ? 366 ALA A O   1 
ATOM   683  C CB  . ALA A 1 125 ? 11.095  10.934  3.547   1.00 44.59  ? 366 ALA A CB  1 
ATOM   684  N N   . ILE A 1 126 ? 9.289   8.470   4.407   1.00 39.74  ? 367 ILE A N   1 
ATOM   685  C CA  . ILE A 1 126 ? 9.148   7.330   5.302   1.00 44.09  ? 367 ILE A CA  1 
ATOM   686  C C   . ILE A 1 126 ? 8.941   6.052   4.493   1.00 44.00  ? 367 ILE A C   1 
ATOM   687  O O   . ILE A 1 126 ? 9.419   4.974   4.875   1.00 37.83  ? 367 ILE A O   1 
ATOM   688  C CB  . ILE A 1 126 ? 8.000   7.530   6.299   1.00 42.86  ? 367 ILE A CB  1 
ATOM   689  C CG1 . ILE A 1 126 ? 8.310   8.647   7.294   1.00 68.04  ? 367 ILE A CG1 1 
ATOM   690  C CG2 . ILE A 1 126 ? 7.983   6.319   7.194   1.00 47.60  ? 367 ILE A CG2 1 
ATOM   691  C CD1 . ILE A 1 126 ? 7.576   8.505   8.591   1.00 73.35  ? 367 ILE A CD1 1 
ATOM   692  N N   . VAL A 1 127 ? 8.220   6.146   3.366   1.00 37.45  ? 368 VAL A N   1 
ATOM   693  C CA  . VAL A 1 127 ? 8.047   4.982   2.500   1.00 34.11  ? 368 VAL A CA  1 
ATOM   694  C C   . VAL A 1 127 ? 9.391   4.495   1.985   1.00 32.36  ? 368 VAL A C   1 
ATOM   695  O O   . VAL A 1 127 ? 9.712   3.307   2.070   1.00 34.21  ? 368 VAL A O   1 
ATOM   696  C CB  . VAL A 1 127 ? 7.091   5.304   1.340   1.00 35.45  ? 368 VAL A CB  1 
ATOM   697  C CG1 . VAL A 1 127 ? 6.856   4.043   0.515   1.00 40.50  ? 368 VAL A CG1 1 
ATOM   698  C CG2 . VAL A 1 127 ? 5.765   5.802   1.881   1.00 35.44  ? 368 VAL A CG2 1 
ATOM   699  N N   . LYS A 1 128 ? 10.171  5.396   1.390   1.00 38.69  ? 369 LYS A N   1 
ATOM   700  C CA  . LYS A 1 128 ? 11.458  5.017   0.808   1.00 37.09  ? 369 LYS A CA  1 
ATOM   701  C C   . LYS A 1 128 ? 12.343  4.271   1.804   1.00 36.04  ? 369 LYS A C   1 
ATOM   702  O O   . LYS A 1 128 ? 12.921  3.230   1.476   1.00 33.78  ? 369 LYS A O   1 
ATOM   703  C CB  . LYS A 1 128 ? 12.183  6.265   0.317   1.00 35.27  ? 369 LYS A CB  1 
ATOM   704  C CG  . LYS A 1 128 ? 13.659  6.026   0.021   1.00 41.32  ? 369 LYS A CG  1 
ATOM   705  C CD  . LYS A 1 128 ? 14.414  7.359   0.007   1.00 61.79  ? 369 LYS A CD  1 
ATOM   706  C CE  . LYS A 1 128 ? 15.248  7.558   -1.250  1.00 73.97  ? 369 LYS A CE  1 
ATOM   707  N NZ  . LYS A 1 128 ? 16.197  8.709   -1.100  1.00 70.75  ? 369 LYS A NZ  1 
ATOM   708  N N   . HIS A 1 129 ? 12.514  4.824   3.007   1.00 38.31  ? 370 HIS A N   1 
ATOM   709  C CA  . HIS A 1 129 ? 13.414  4.215   3.986   1.00 34.08  ? 370 HIS A CA  1 
ATOM   710  C C   . HIS A 1 129 ? 12.855  2.934   4.591   1.00 29.67  ? 370 HIS A C   1 
ATOM   711  O O   . HIS A 1 129 ? 13.601  1.975   4.790   1.00 35.86  ? 370 HIS A O   1 
ATOM   712  C CB  . HIS A 1 129 ? 13.776  5.249   5.059   1.00 36.96  ? 370 HIS A CB  1 
ATOM   713  C CG  . HIS A 1 129 ? 14.696  6.302   4.537   1.00 30.90  ? 370 HIS A CG  1 
ATOM   714  N ND1 . HIS A 1 129 ? 14.258  7.518   4.058   1.00 45.81  ? 370 HIS A ND1 1 
ATOM   715  C CD2 . HIS A 1 129 ? 16.040  6.292   4.372   1.00 34.10  ? 370 HIS A CD2 1 
ATOM   716  C CE1 . HIS A 1 129 ? 15.293  8.216   3.633   1.00 41.82  ? 370 HIS A CE1 1 
ATOM   717  N NE2 . HIS A 1 129 ? 16.384  7.492   3.800   1.00 43.25  ? 370 HIS A NE2 1 
ATOM   718  N N   . ALA A 1 130 ? 11.552  2.890   4.864   1.00 35.52  ? 371 ALA A N   1 
ATOM   719  C CA  . ALA A 1 130 ? 10.934  1.656   5.326   1.00 29.46  ? 371 ALA A CA  1 
ATOM   720  C C   . ALA A 1 130 ? 11.165  0.524   4.344   1.00 44.57  ? 371 ALA A C   1 
ATOM   721  O O   . ALA A 1 130 ? 11.509  -0.595  4.740   1.00 34.72  ? 371 ALA A O   1 
ATOM   722  C CB  . ALA A 1 130 ? 9.435   1.863   5.532   1.00 33.03  ? 371 ALA A CB  1 
ATOM   723  N N   . LEU A 1 131 ? 10.982  0.798   3.051   1.00 34.14  ? 372 LEU A N   1 
ATOM   724  C CA  . LEU A 1 131 ? 11.129  -0.247  2.051   1.00 36.80  ? 372 LEU A CA  1 
ATOM   725  C C   . LEU A 1 131 ? 12.592  -0.649  1.918   1.00 36.32  ? 372 LEU A C   1 
ATOM   726  O O   . LEU A 1 131 ? 12.906  -1.831  1.733   1.00 36.04  ? 372 LEU A O   1 
ATOM   727  C CB  . LEU A 1 131 ? 10.564  0.248   0.716   1.00 30.78  ? 372 LEU A CB  1 
ATOM   728  C CG  . LEU A 1 131 ? 9.043   0.477   0.715   1.00 28.77  ? 372 LEU A CG  1 
ATOM   729  C CD1 . LEU A 1 131 ? 8.553   1.055   -0.655  1.00 33.84  ? 372 LEU A CD1 1 
ATOM   730  C CD2 . LEU A 1 131 ? 8.293   -0.796  1.064   1.00 33.24  ? 372 LEU A CD2 1 
ATOM   731  N N   . ALA A 1 132 ? 13.497  0.327   2.038   1.00 33.67  ? 373 ALA A N   1 
ATOM   732  C CA  . ALA A 1 132 ? 14.924  0.061   1.902   1.00 33.86  ? 373 ALA A CA  1 
ATOM   733  C C   . ALA A 1 132 ? 15.404  -0.899  2.972   1.00 44.69  ? 373 ALA A C   1 
ATOM   734  O O   . ALA A 1 132 ? 16.332  -1.681  2.742   1.00 42.63  ? 373 ALA A O   1 
ATOM   735  C CB  . ALA A 1 132 ? 15.712  1.369   1.982   1.00 34.71  ? 373 ALA A CB  1 
ATOM   736  N N   . HIS A 1 133 ? 14.781  -0.848  4.147   1.00 34.45  ? 374 HIS A N   1 
ATOM   737  C CA  . HIS A 1 133 ? 15.077  -1.808  5.204   1.00 43.34  ? 374 HIS A CA  1 
ATOM   738  C C   . HIS A 1 133 ? 14.545  -3.201  4.888   1.00 46.03  ? 374 HIS A C   1 
ATOM   739  O O   . HIS A 1 133 ? 14.932  -4.168  5.553   1.00 36.87  ? 374 HIS A O   1 
ATOM   740  C CB  . HIS A 1 133 ? 14.479  -1.272  6.496   1.00 39.33  ? 374 HIS A CB  1 
ATOM   741  C CG  . HIS A 1 133 ? 15.335  -0.239  7.156   1.00 48.07  ? 374 HIS A CG  1 
ATOM   742  N ND1 . HIS A 1 133 ? 14.869  1.022   7.457   1.00 53.97  ? 374 HIS A ND1 1 
ATOM   743  C CD2 . HIS A 1 133 ? 16.600  -0.299  7.636   1.00 58.27  ? 374 HIS A CD2 1 
ATOM   744  C CE1 . HIS A 1 133 ? 15.828  1.710   8.053   1.00 50.29  ? 374 HIS A CE1 1 
ATOM   745  N NE2 . HIS A 1 133 ? 16.886  0.929   8.181   1.00 59.30  ? 374 HIS A NE2 1 
ATOM   746  N N   . HIS A 1 134 ? 13.650  -3.325  3.914   1.00 37.95  ? 375 HIS A N   1 
ATOM   747  C CA  . HIS A 1 134 ? 13.201  -4.629  3.448   1.00 39.20  ? 375 HIS A CA  1 
ATOM   748  C C   . HIS A 1 134 ? 13.742  -4.939  2.061   1.00 40.67  ? 375 HIS A C   1 
ATOM   749  O O   . HIS A 1 134 ? 13.135  -5.715  1.319   1.00 36.69  ? 375 HIS A O   1 
ATOM   750  C CB  . HIS A 1 134 ? 11.676  -4.708  3.469   1.00 38.09  ? 375 HIS A CB  1 
ATOM   751  C CG  . HIS A 1 134 ? 11.091  -4.472  4.826   1.00 40.51  ? 375 HIS A CG  1 
ATOM   752  N ND1 . HIS A 1 134 ? 11.078  -3.227  5.418   1.00 40.25  ? 375 HIS A ND1 1 
ATOM   753  C CD2 . HIS A 1 134 ? 10.539  -5.323  5.724   1.00 40.79  ? 375 HIS A CD2 1 
ATOM   754  C CE1 . HIS A 1 134 ? 10.526  -3.319  6.617   1.00 49.35  ? 375 HIS A CE1 1 
ATOM   755  N NE2 . HIS A 1 134 ? 10.191  -4.580  6.827   1.00 50.11  ? 375 HIS A NE2 1 
ATOM   756  N N   . ASP A 1 135 ? 14.861  -4.313  1.699   1.00 32.46  ? 376 ASP A N   1 
ATOM   757  C CA  . ASP A 1 135 ? 15.577  -4.600  0.465   1.00 37.40  ? 376 ASP A CA  1 
ATOM   758  C C   . ASP A 1 135 ? 14.728  -4.339  -0.776  1.00 46.85  ? 376 ASP A C   1 
ATOM   759  O O   . ASP A 1 135 ? 14.844  -5.053  -1.769  1.00 35.71  ? 376 ASP A O   1 
ATOM   760  C CB  . ASP A 1 135 ? 16.105  -6.036  0.463   1.00 38.86  ? 376 ASP A CB  1 
ATOM   761  C CG  . ASP A 1 135 ? 17.361  -6.191  -0.365  1.00 65.50  ? 376 ASP A CG  1 
ATOM   762  O OD1 . ASP A 1 135 ? 17.589  -7.308  -0.882  1.00 65.28  ? 376 ASP A OD1 1 
ATOM   763  O OD2 . ASP A 1 135 ? 18.095  -5.192  -0.539  1.00 65.18  ? 376 ASP A OD2 1 
ATOM   764  N N   . THR A 1 136 ? 13.887  -3.302  -0.738  1.00 35.26  ? 377 THR A N   1 
ATOM   765  C CA  . THR A 1 136 ? 13.052  -2.993  -1.886  1.00 34.02  ? 377 THR A CA  1 
ATOM   766  C C   . THR A 1 136 ? 12.982  -1.483  -2.122  1.00 37.00  ? 377 THR A C   1 
ATOM   767  O O   . THR A 1 136 ? 13.368  -0.668  -1.274  1.00 39.79  ? 377 THR A O   1 
ATOM   768  C CB  . THR A 1 136 ? 11.642  -3.590  -1.730  1.00 45.52  ? 377 THR A CB  1 
ATOM   769  O OG1 . THR A 1 136 ? 10.891  -3.369  -2.938  1.00 64.20  ? 377 THR A OG1 1 
ATOM   770  C CG2 . THR A 1 136 ? 10.919  -2.988  -0.573  1.00 61.42  ? 377 THR A CG2 1 
ATOM   771  N N   . HIS A 1 137 ? 12.504  -1.118  -3.304  1.00 32.00  ? 378 HIS A N   1 
ATOM   772  C CA  . HIS A 1 137 ? 12.360  0.274   -3.713  1.00 34.24  ? 378 HIS A CA  1 
ATOM   773  C C   . HIS A 1 137 ? 10.886  0.609   -3.889  1.00 35.69  ? 378 HIS A C   1 
ATOM   774  O O   . HIS A 1 137 ? 10.050  -0.263  -4.139  1.00 38.45  ? 378 HIS A O   1 
ATOM   775  C CB  . HIS A 1 137 ? 13.087  0.549   -5.035  1.00 41.01  ? 378 HIS A CB  1 
ATOM   776  C CG  . HIS A 1 137 ? 14.578  0.416   -4.958  1.00 58.41  ? 378 HIS A CG  1 
ATOM   777  N ND1 . HIS A 1 137 ? 15.234  -0.751  -5.288  1.00 57.03  ? 378 HIS A ND1 1 
ATOM   778  C CD2 . HIS A 1 137 ? 15.538  1.291   -4.580  1.00 45.70  ? 378 HIS A CD2 1 
ATOM   779  C CE1 . HIS A 1 137 ? 16.536  -0.583  -5.133  1.00 50.81  ? 378 HIS A CE1 1 
ATOM   780  N NE2 . HIS A 1 137 ? 16.746  0.646   -4.696  1.00 52.64  ? 378 HIS A NE2 1 
ATOM   781  N N   . LEU A 1 138 ? 10.566  1.892   -3.767  1.00 35.08  ? 379 LEU A N   1 
ATOM   782  C CA  . LEU A 1 138 ? 9.264   2.391   -4.180  1.00 31.95  ? 379 LEU A CA  1 
ATOM   783  C C   . LEU A 1 138 ? 9.310   2.692   -5.675  1.00 39.55  ? 379 LEU A C   1 
ATOM   784  O O   . LEU A 1 138 ? 10.167  3.455   -6.131  1.00 36.16  ? 379 LEU A O   1 
ATOM   785  C CB  . LEU A 1 138 ? 8.877   3.639   -3.392  1.00 33.80  ? 379 LEU A CB  1 
ATOM   786  C CG  . LEU A 1 138 ? 7.579   4.298   -3.851  1.00 36.26  ? 379 LEU A CG  1 
ATOM   787  C CD1 . LEU A 1 138 ? 6.424   3.361   -3.629  1.00 33.85  ? 379 LEU A CD1 1 
ATOM   788  C CD2 . LEU A 1 138 ? 7.361   5.597   -3.074  1.00 38.85  ? 379 LEU A CD2 1 
ATOM   789  N N   . ASP A 1 139 ? 8.396   2.087   -6.425  1.00 37.47  ? 380 ASP A N   1 
ATOM   790  C CA  . ASP A 1 139 ? 8.231   2.344   -7.852  1.00 36.57  ? 380 ASP A CA  1 
ATOM   791  C C   . ASP A 1 139 ? 7.034   3.256   -8.066  1.00 37.52  ? 380 ASP A C   1 
ATOM   792  O O   . ASP A 1 139 ? 6.001   3.097   -7.413  1.00 35.95  ? 380 ASP A O   1 
ATOM   793  C CB  . ASP A 1 139 ? 8.023   1.029   -8.598  1.00 33.91  ? 380 ASP A CB  1 
ATOM   794  C CG  . ASP A 1 139 ? 9.230   0.112   -8.505  1.00 60.08  ? 380 ASP A CG  1 
ATOM   795  O OD1 . ASP A 1 139 ? 10.365  0.611   -8.672  1.00 41.56  ? 380 ASP A OD1 1 
ATOM   796  O OD2 . ASP A 1 139 ? 9.049   -1.088  -8.170  1.00 51.92  ? 380 ASP A OD2 1 
ATOM   797  N N   . ILE A 1 140 ? 7.161   4.202   -8.998  1.00 38.50  ? 381 ILE A N   1 
ATOM   798  C CA  . ILE A 1 140 ? 6.062   5.094   -9.349  1.00 37.18  ? 381 ILE A CA  1 
ATOM   799  C C   . ILE A 1 140 ? 5.921   5.108   -10.865 1.00 47.83  ? 381 ILE A C   1 
ATOM   800  O O   . ILE A 1 140 ? 6.903   5.348   -11.574 1.00 32.87  ? 381 ILE A O   1 
ATOM   801  C CB  . ILE A 1 140 ? 6.285   6.528   -8.832  1.00 39.40  ? 381 ILE A CB  1 
ATOM   802  C CG1 . ILE A 1 140 ? 6.738   6.540   -7.370  1.00 37.49  ? 381 ILE A CG1 1 
ATOM   803  C CG2 . ILE A 1 140 ? 5.043   7.400   -9.079  1.00 36.54  ? 381 ILE A CG2 1 
ATOM   804  C CD1 . ILE A 1 140 ? 7.196   7.897   -6.926  1.00 44.13  ? 381 ILE A CD1 1 
ATOM   805  N N   . TYR A 1 141 ? 4.710   4.853   -11.352 1.00 30.95  ? 382 TYR A N   1 
ATOM   806  C CA  . TYR A 1 141 ? 4.410   4.883   -12.783 1.00 35.95  ? 382 TYR A CA  1 
ATOM   807  C C   . TYR A 1 141 ? 3.277   5.859   -13.053 1.00 38.33  ? 382 TYR A C   1 
ATOM   808  O O   . TYR A 1 141 ? 2.235   5.802   -12.397 1.00 45.80  ? 382 TYR A O   1 
ATOM   809  C CB  . TYR A 1 141 ? 4.016   3.507   -13.319 1.00 40.74  ? 382 TYR A CB  1 
ATOM   810  C CG  . TYR A 1 141 ? 3.506   3.580   -14.742 1.00 55.35  ? 382 TYR A CG  1 
ATOM   811  C CD1 . TYR A 1 141 ? 4.330   4.019   -15.776 1.00 64.31  ? 382 TYR A CD1 1 
ATOM   812  C CD2 . TYR A 1 141 ? 2.186   3.255   -15.047 1.00 67.22  ? 382 TYR A CD2 1 
ATOM   813  C CE1 . TYR A 1 141 ? 3.863   4.105   -17.079 1.00 49.51  ? 382 TYR A CE1 1 
ATOM   814  C CE2 . TYR A 1 141 ? 1.708   3.339   -16.350 1.00 60.66  ? 382 TYR A CE2 1 
ATOM   815  C CZ  . TYR A 1 141 ? 2.553   3.768   -17.358 1.00 56.22  ? 382 TYR A CZ  1 
ATOM   816  O OH  . TYR A 1 141 ? 2.098   3.855   -18.654 1.00 55.30  ? 382 TYR A OH  1 
ATOM   817  N N   . SER A 1 142 ? 3.463   6.719   -14.053 1.00 38.53  ? 383 SER A N   1 
ATOM   818  C CA  . SER A 1 142 ? 2.451   7.683   -14.457 1.00 42.80  ? 383 SER A CA  1 
ATOM   819  C C   . SER A 1 142 ? 2.258   7.589   -15.964 1.00 47.05  ? 383 SER A C   1 
ATOM   820  O O   . SER A 1 142 ? 3.238   7.581   -16.718 1.00 41.70  ? 383 SER A O   1 
ATOM   821  C CB  . SER A 1 142 ? 2.853   9.102   -14.070 1.00 41.52  ? 383 SER A CB  1 
ATOM   822  O OG  . SER A 1 142 ? 2.972   9.244   -12.662 1.00 49.30  ? 383 SER A OG  1 
ATOM   823  N N   . LYS A 1 143 ? 1.010   7.449   -16.388 1.00 35.89  ? 384 LYS A N   1 
ATOM   824  C CA  . LYS A 1 143 ? 0.618   7.679   -17.774 1.00 39.10  ? 384 LYS A CA  1 
ATOM   825  C C   . LYS A 1 143 ? -0.078  9.033   -17.753 1.00 42.53  ? 384 LYS A C   1 
ATOM   826  O O   . LYS A 1 143 ? -1.207  9.148   -17.275 1.00 51.64  ? 384 LYS A O   1 
ATOM   827  C CB  . LYS A 1 143 ? -0.283  6.564   -18.293 1.00 48.80  ? 384 LYS A CB  1 
ATOM   828  C CG  . LYS A 1 143 ? -0.425  6.550   -19.810 1.00 47.00  ? 384 LYS A CG  1 
ATOM   829  C CD  . LYS A 1 143 ? -1.237  5.362   -20.312 1.00 48.48  ? 384 LYS A CD  1 
ATOM   830  C CE  . LYS A 1 143 ? -0.308  4.273   -20.827 1.00 53.38  ? 384 LYS A CE  1 
ATOM   831  N NZ  . LYS A 1 143 ? 0.840   4.831   -21.601 1.00 55.45  ? 384 LYS A NZ  1 
ATOM   832  N N   . VAL A 1 144 ? 0.631   10.069  -18.209 1.00 51.24  ? 385 VAL A N   1 
ATOM   833  C CA  . VAL A 1 144 ? 0.138   11.436  -18.054 1.00 50.93  ? 385 VAL A CA  1 
ATOM   834  C C   . VAL A 1 144 ? -1.201  11.582  -18.765 1.00 45.27  ? 385 VAL A C   1 
ATOM   835  O O   . VAL A 1 144 ? -1.352  11.195  -19.930 1.00 43.93  ? 385 VAL A O   1 
ATOM   836  C CB  . VAL A 1 144 ? 1.167   12.437  -18.590 1.00 47.52  ? 385 VAL A CB  1 
ATOM   837  C CG1 . VAL A 1 144 ? 0.603   13.863  -18.532 1.00 48.84  ? 385 VAL A CG1 1 
ATOM   838  C CG2 . VAL A 1 144 ? 2.480   12.310  -17.821 1.00 38.44  ? 385 VAL A CG2 1 
ATOM   839  N N   . GLY A 1 145 ? -2.188  12.123  -18.053 1.00 59.02  ? 386 GLY A N   1 
ATOM   840  C CA  . GLY A 1 145 ? -3.543  12.193  -18.552 1.00 58.11  ? 386 GLY A CA  1 
ATOM   841  C C   . GLY A 1 145 ? -4.389  10.960  -18.312 1.00 71.96  ? 386 GLY A C   1 
ATOM   842  O O   . GLY A 1 145 ? -5.566  10.958  -18.690 1.00 73.75  ? 386 GLY A O   1 
ATOM   843  N N   . VAL A 1 146 ? -3.837  9.909   -17.702 1.00 58.32  ? 387 VAL A N   1 
ATOM   844  C CA  . VAL A 1 146 ? -4.574  8.681   -17.440 1.00 60.11  ? 387 VAL A CA  1 
ATOM   845  C C   . VAL A 1 146 ? -4.580  8.319   -15.958 1.00 61.39  ? 387 VAL A C   1 
ATOM   846  O O   . VAL A 1 146 ? -5.613  7.894   -15.429 1.00 69.06  ? 387 VAL A O   1 
ATOM   847  C CB  . VAL A 1 146 ? -4.031  7.510   -18.290 1.00 57.03  ? 387 VAL A CB  1 
ATOM   848  C CG1 . VAL A 1 146 ? -4.832  6.244   -18.046 1.00 59.26  ? 387 VAL A CG1 1 
ATOM   849  C CG2 . VAL A 1 146 ? -4.071  7.863   -19.784 1.00 59.33  ? 387 VAL A CG2 1 
ATOM   850  N N   . GLY A 1 147 ? -3.465  8.496   -15.261 1.00 69.11  ? 388 GLY A N   1 
ATOM   851  C CA  . GLY A 1 147 ? -3.399  8.166   -13.847 1.00 54.57  ? 388 GLY A CA  1 
ATOM   852  C C   . GLY A 1 147 ? -2.009  7.706   -13.450 1.00 51.86  ? 388 GLY A C   1 
ATOM   853  O O   . GLY A 1 147 ? -1.086  7.656   -14.258 1.00 48.22  ? 388 GLY A O   1 
ATOM   854  N N   . SER A 1 148 ? -1.880  7.351   -12.170 1.00 44.03  ? 389 SER A N   1 
ATOM   855  C CA  . SER A 1 148 ? -0.588  6.982   -11.610 1.00 47.71  ? 389 SER A CA  1 
ATOM   856  C C   . SER A 1 148 ? -0.739  5.772   -10.699 1.00 45.53  ? 389 SER A C   1 
ATOM   857  O O   . SER A 1 148 ? -1.825  5.475   -10.196 1.00 37.65  ? 389 SER A O   1 
ATOM   858  C CB  . SER A 1 148 ? 0.050   8.138   -10.837 1.00 50.03  ? 389 SER A CB  1 
ATOM   859  O OG  . SER A 1 148 ? 0.502   9.136   -11.737 1.00 70.53  ? 389 SER A OG  1 
ATOM   860  N N   . LYS A 1 149 ? 0.375   5.077   -10.497 1.00 37.32  ? 390 LYS A N   1 
ATOM   861  C CA  . LYS A 1 149 ? 0.412   3.869   -9.672  1.00 37.62  ? 390 LYS A CA  1 
ATOM   862  C C   . LYS A 1 149 ? 1.657   3.904   -8.799  1.00 40.97  ? 390 LYS A C   1 
ATOM   863  O O   . LYS A 1 149 ? 2.771   3.978   -9.319  1.00 40.37  ? 390 LYS A O   1 
ATOM   864  C CB  . LYS A 1 149 ? 0.407   2.614   -10.552 1.00 40.39  ? 390 LYS A CB  1 
ATOM   865  C CG  . LYS A 1 149 ? 0.556   1.303   -9.772  1.00 49.52  ? 390 LYS A CG  1 
ATOM   866  C CD  . LYS A 1 149 ? 0.207   0.097   -10.631 1.00 56.23  ? 390 LYS A CD  1 
ATOM   867  C CE  . LYS A 1 149 ? 1.174   -0.042  -11.799 1.00 67.97  ? 390 LYS A CE  1 
ATOM   868  N NZ  . LYS A 1 149 ? 1.104   -1.405  -12.393 1.00 77.17  ? 390 LYS A NZ  1 
ATOM   869  N N   . PHE A 1 150 ? 1.470   3.851   -7.477  1.00 33.70  ? 391 PHE A N   1 
ATOM   870  C CA  . PHE A 1 150 ? 2.562   3.658   -6.535  1.00 36.14  ? 391 PHE A CA  1 
ATOM   871  C C   . PHE A 1 150 ? 2.620   2.175   -6.201  1.00 35.03  ? 391 PHE A C   1 
ATOM   872  O O   . PHE A 1 150 ? 1.585   1.575   -5.897  1.00 40.32  ? 391 PHE A O   1 
ATOM   873  C CB  . PHE A 1 150 ? 2.343   4.488   -5.267  1.00 42.19  ? 391 PHE A CB  1 
ATOM   874  C CG  . PHE A 1 150 ? 2.573   5.959   -5.473  1.00 42.64  ? 391 PHE A CG  1 
ATOM   875  C CD1 . PHE A 1 150 ? 1.679   6.717   -6.222  1.00 54.58  ? 391 PHE A CD1 1 
ATOM   876  C CD2 . PHE A 1 150 ? 3.693   6.576   -4.953  1.00 45.28  ? 391 PHE A CD2 1 
ATOM   877  C CE1 . PHE A 1 150 ? 1.897   8.062   -6.429  1.00 65.88  ? 391 PHE A CE1 1 
ATOM   878  C CE2 . PHE A 1 150 ? 3.916   7.928   -5.152  1.00 52.92  ? 391 PHE A CE2 1 
ATOM   879  C CZ  . PHE A 1 150 ? 3.019   8.670   -5.887  1.00 67.10  ? 391 PHE A CZ  1 
ATOM   880  N N   . SER A 1 151 ? 3.804   1.573   -6.294  1.00 35.75  ? 392 SER A N   1 
ATOM   881  C CA  . SER A 1 151 ? 3.860   0.138   -6.048  1.00 35.27  ? 392 SER A CA  1 
ATOM   882  C C   . SER A 1 151 ? 5.223   -0.259  -5.506  1.00 37.48  ? 392 SER A C   1 
ATOM   883  O O   . SER A 1 151 ? 6.214   0.458   -5.664  1.00 38.19  ? 392 SER A O   1 
ATOM   884  C CB  . SER A 1 151 ? 3.550   -0.667  -7.323  1.00 43.16  ? 392 SER A CB  1 
ATOM   885  O OG  . SER A 1 151 ? 4.603   -0.554  -8.252  1.00 42.85  ? 392 SER A OG  1 
ATOM   886  N N   . PHE A 1 152 ? 5.258   -1.428  -4.863  1.00 34.49  ? 393 PHE A N   1 
ATOM   887  C CA  . PHE A 1 152 ? 6.520   -2.028  -4.462  1.00 32.94  ? 393 PHE A CA  1 
ATOM   888  C C   . PHE A 1 152 ? 6.342   -3.542  -4.408  1.00 35.71  ? 393 PHE A C   1 
ATOM   889  O O   . PHE A 1 152 ? 5.233   -4.042  -4.209  1.00 34.01  ? 393 PHE A O   1 
ATOM   890  C CB  . PHE A 1 152 ? 7.041   -1.467  -3.112  1.00 32.41  ? 393 PHE A CB  1 
ATOM   891  C CG  . PHE A 1 152 ? 6.154   -1.740  -1.904  1.00 30.28  ? 393 PHE A CG  1 
ATOM   892  C CD1 . PHE A 1 152 ? 6.226   -2.944  -1.221  1.00 32.67  ? 393 PHE A CD1 1 
ATOM   893  C CD2 . PHE A 1 152 ? 5.335   -0.747  -1.389  1.00 35.61  ? 393 PHE A CD2 1 
ATOM   894  C CE1 . PHE A 1 152 ? 5.430   -3.177  -0.097  1.00 36.49  ? 393 PHE A CE1 1 
ATOM   895  C CE2 . PHE A 1 152 ? 4.556   -0.961  -0.258  1.00 36.03  ? 393 PHE A CE2 1 
ATOM   896  C CZ  . PHE A 1 152 ? 4.599   -2.182  0.396   1.00 29.13  ? 393 PHE A CZ  1 
ATOM   897  N N   . VAL A 1 153 ? 7.445   -4.265  -4.565  1.00 34.31  ? 394 VAL A N   1 
ATOM   898  C CA  . VAL A 1 153 ? 7.445   -5.720  -4.479  1.00 36.68  ? 394 VAL A CA  1 
ATOM   899  C C   . VAL A 1 153 ? 8.446   -6.125  -3.409  1.00 32.88  ? 394 VAL A C   1 
ATOM   900  O O   . VAL A 1 153 ? 9.639   -5.805  -3.508  1.00 37.60  ? 394 VAL A O   1 
ATOM   901  C CB  . VAL A 1 153 ? 7.784   -6.385  -5.823  1.00 38.26  ? 394 VAL A CB  1 
ATOM   902  C CG1 . VAL A 1 153 ? 7.710   -7.929  -5.710  1.00 34.86  ? 394 VAL A CG1 1 
ATOM   903  C CG2 . VAL A 1 153 ? 6.851   -5.882  -6.910  1.00 35.59  ? 394 VAL A CG2 1 
ATOM   904  N N   . LEU A 1 154 ? 7.978   -6.789  -2.403  1.00 33.68  ? 395 LEU A N   1 
ATOM   905  C CA  . LEU A 1 154 ? 8.911   -7.273  -1.381  1.00 32.64  ? 395 LEU A CA  1 
ATOM   906  C C   . LEU A 1 154 ? 9.583   -8.554  -1.875  1.00 38.43  ? 395 LEU A C   1 
ATOM   907  O O   . LEU A 1 154 ? 8.949   -9.346  -2.575  1.00 40.17  ? 395 LEU A O   1 
ATOM   908  C CB  . LEU A 1 154 ? 8.179   -7.542  -0.078  1.00 32.35  ? 395 LEU A CB  1 
ATOM   909  C CG  . LEU A 1 154 ? 7.525   -6.349  0.623   1.00 42.29  ? 395 LEU A CG  1 
ATOM   910  C CD1 . LEU A 1 154 ? 6.577   -6.862  1.689   1.00 36.66  ? 395 LEU A CD1 1 
ATOM   911  C CD2 . LEU A 1 154 ? 8.589   -5.468  1.260   1.00 38.65  ? 395 LEU A CD2 1 
ATOM   912  N N   . PRO A 1 155 ? 10.864  -8.763  -1.564  1.00 43.19  ? 396 PRO A N   1 
ATOM   913  C CA  . PRO A 1 155 ? 11.553  -9.971  -2.051  1.00 46.59  ? 396 PRO A CA  1 
ATOM   914  C C   . PRO A 1 155 ? 10.864  -11.260 -1.614  1.00 42.94  ? 396 PRO A C   1 
ATOM   915  O O   . PRO A 1 155 ? 10.147  -11.315 -0.608  1.00 36.84  ? 396 PRO A O   1 
ATOM   916  C CB  . PRO A 1 155 ? 12.963  -9.840  -1.457  1.00 55.66  ? 396 PRO A CB  1 
ATOM   917  C CG  . PRO A 1 155 ? 12.795  -8.899  -0.268  1.00 47.93  ? 396 PRO A CG  1 
ATOM   918  C CD  . PRO A 1 155 ? 11.745  -7.921  -0.731  1.00 37.87  ? 396 PRO A CD  1 
ATOM   919  N N   . LYS A 1 156 ? 11.059  -12.310 -2.404  1.00 39.36  ? 397 LYS A N   1 
ATOM   920  C CA  . LYS A 1 156 ? 10.231  -13.484 -2.177  1.00 36.00  ? 397 LYS A CA  1 
ATOM   921  C C   . LYS A 1 156 ? 10.641  -14.230 -0.902  1.00 35.64  ? 397 LYS A C   1 
ATOM   922  O O   . LYS A 1 156 ? 9.800   -14.889 -0.282  1.00 35.96  ? 397 LYS A O   1 
ATOM   923  C CB  . LYS A 1 156 ? 10.258  -14.366 -3.430  1.00 46.42  ? 397 LYS A CB  1 
ATOM   924  C CG  . LYS A 1 156 ? 9.652   -15.728 -3.280  1.00 57.04  ? 397 LYS A CG  1 
ATOM   925  C CD  . LYS A 1 156 ? 8.773   -15.925 -4.502  1.00 61.17  ? 397 LYS A CD  1 
ATOM   926  C CE  . LYS A 1 156 ? 8.403   -17.359 -4.738  1.00 67.57  ? 397 LYS A CE  1 
ATOM   927  N NZ  . LYS A 1 156 ? 6.917   -17.481 -4.762  1.00 73.20  ? 397 LYS A NZ  1 
ATOM   928  N N   . ARG A 1 157 ? 11.879  -14.053 -0.432  1.00 31.95  ? 398 ARG A N   1 
ATOM   929  C CA  . ARG A 1 157 ? 12.262  -14.632 0.853   1.00 38.99  ? 398 ARG A CA  1 
ATOM   930  C C   . ARG A 1 157 ? 11.449  -14.083 2.020   1.00 39.74  ? 398 ARG A C   1 
ATOM   931  O O   . ARG A 1 157 ? 11.526  -14.646 3.117   1.00 40.33  ? 398 ARG A O   1 
ATOM   932  C CB  . ARG A 1 157 ? 13.754  -14.402 1.123   1.00 37.90  ? 398 ARG A CB  1 
ATOM   933  C CG  . ARG A 1 157 ? 14.126  -12.938 1.296   1.00 42.36  ? 398 ARG A CG  1 
ATOM   934  C CD  . ARG A 1 157 ? 15.601  -12.768 1.611   1.00 44.66  ? 398 ARG A CD  1 
ATOM   935  N NE  . ARG A 1 157 ? 15.984  -11.363 1.672   1.00 51.17  ? 398 ARG A NE  1 
ATOM   936  C CZ  . ARG A 1 157 ? 16.280  -10.623 0.612   1.00 59.26  ? 398 ARG A CZ  1 
ATOM   937  N NH1 . ARG A 1 157 ? 16.224  -11.119 -0.616  1.00 38.19  ? 398 ARG A NH1 1 
ATOM   938  N NH2 . ARG A 1 157 ? 16.647  -9.359  0.785   1.00 51.82  ? 398 ARG A NH2 1 
ATOM   939  N N   . LEU A 1 158 ? 10.671  -13.014 1.825   1.00 37.64  ? 399 LEU A N   1 
ATOM   940  C CA  . LEU A 1 158 ? 9.830   -12.471 2.890   1.00 31.82  ? 399 LEU A CA  1 
ATOM   941  C C   . LEU A 1 158 ? 8.383   -12.932 2.805   1.00 36.92  ? 399 LEU A C   1 
ATOM   942  O O   . LEU A 1 158 ? 7.582   -12.558 3.661   1.00 44.34  ? 399 LEU A O   1 
ATOM   943  C CB  . LEU A 1 158 ? 9.874   -10.935 2.891   1.00 29.71  ? 399 LEU A CB  1 
ATOM   944  C CG  . LEU A 1 158 ? 11.270  -10.323 3.003   1.00 33.18  ? 399 LEU A CG  1 
ATOM   945  C CD1 . LEU A 1 158 ? 11.173  -8.799  3.149   1.00 30.60  ? 399 LEU A CD1 1 
ATOM   946  C CD2 . LEU A 1 158 ? 12.011  -10.931 4.190   1.00 42.33  ? 399 LEU A CD2 1 
ATOM   947  N N   . VAL A 1 159 ? 8.012   -13.704 1.786   1.00 37.39  ? 400 VAL A N   1 
ATOM   948  C CA  . VAL A 1 159 ? 6.653   -14.240 1.723   1.00 38.74  ? 400 VAL A CA  1 
ATOM   949  C C   . VAL A 1 159 ? 6.492   -15.310 2.791   1.00 41.48  ? 400 VAL A C   1 
ATOM   950  O O   . VAL A 1 159 ? 7.297   -16.248 2.873   1.00 44.33  ? 400 VAL A O   1 
ATOM   951  C CB  . VAL A 1 159 ? 6.355   -14.831 0.335   1.00 45.58  ? 400 VAL A CB  1 
ATOM   952  C CG1 . VAL A 1 159 ? 4.975   -15.470 0.327   1.00 42.64  ? 400 VAL A CG1 1 
ATOM   953  C CG2 . VAL A 1 159 ? 6.457   -13.779 -0.761  1.00 41.50  ? 400 VAL A CG2 1 
ATOM   954  N N   . ALA A 1 160 ? 5.432   -15.205 3.588   1.00 37.01  ? 401 ALA A N   1 
ATOM   955  C CA  . ALA A 1 160 ? 5.134   -16.226 4.582   1.00 40.86  ? 401 ALA A CA  1 
ATOM   956  C C   . ALA A 1 160 ? 4.242   -17.309 3.980   1.00 58.05  ? 401 ALA A C   1 
ATOM   957  O O   . ALA A 1 160 ? 3.512   -17.075 3.014   1.00 44.81  ? 401 ALA A O   1 
ATOM   958  C CB  . ALA A 1 160 ? 4.454   -15.612 5.803   1.00 42.93  ? 401 ALA A CB  1 
ATOM   959  N N   . LYS A 1 161 ? 4.306   -18.505 4.558   1.00 47.32  ? 402 LYS A N   1 
ATOM   960  C CA  . LYS A 1 161 ? 3.360   -19.553 4.171   1.00 50.17  ? 402 LYS A CA  1 
ATOM   961  C C   . LYS A 1 161 ? 2.441   -19.916 5.328   1.00 60.74  ? 402 LYS A C   1 
ATOM   962  O O   . LYS A 1 161 ? 2.906   -20.308 6.399   1.00 77.53  ? 402 LYS A O   1 
ATOM   963  C CB  . LYS A 1 161 ? 4.089   -20.802 3.666   1.00 56.84  ? 402 LYS A CB  1 
ATOM   964  C CG  . LYS A 1 161 ? 3.134   -21.817 3.025   1.00 54.42  ? 402 LYS A CG  1 
ATOM   965  C CD  . LYS A 1 161 ? 3.556   -22.218 1.627   1.00 71.21  ? 402 LYS A CD  1 
ATOM   966  C CE  . LYS A 1 161 ? 2.691   -23.358 1.110   1.00 66.59  ? 402 LYS A CE  1 
ATOM   967  N NZ  . LYS A 1 161 ? 2.359   -24.314 2.205   1.00 80.41  ? 402 LYS A NZ  1 
HETATM 968  C C1  . PEG B 2 .   ? 7.793   -1.517  -11.781 1.00 71.57  ? 501 PEG A C1  1 
HETATM 969  O O1  . PEG B 2 .   ? 6.943   -2.124  -10.817 1.00 78.78  ? 501 PEG A O1  1 
HETATM 970  C C2  . PEG B 2 .   ? 7.008   -0.748  -12.804 1.00 76.66  ? 501 PEG A C2  1 
HETATM 971  O O2  . PEG B 2 .   ? 6.652   0.525   -12.282 1.00 61.47  ? 501 PEG A O2  1 
HETATM 972  C C3  . PEG B 2 .   ? 5.315   0.583   -11.814 1.00 56.85  ? 501 PEG A C3  1 
HETATM 973  C C4  . PEG B 2 .   ? 5.229   1.583   -10.701 1.00 63.62  ? 501 PEG A C4  1 
HETATM 974  O O4  . PEG B 2 .   ? 4.049   1.423   -9.925  1.00 56.87  ? 501 PEG A O4  1 
HETATM 975  C C1  . PEG C 2 .   ? 5.012   -6.720  -10.644 1.00 77.68  ? 502 PEG A C1  1 
HETATM 976  O O1  . PEG C 2 .   ? 6.206   -7.486  -10.692 1.00 92.35  ? 502 PEG A O1  1 
HETATM 977  C C2  . PEG C 2 .   ? 5.245   -5.325  -11.135 1.00 81.69  ? 502 PEG A C2  1 
HETATM 978  O O2  . PEG C 2 .   ? 4.546   -4.394  -10.314 1.00 75.24  ? 502 PEG A O2  1 
HETATM 979  C C3  . PEG C 2 .   ? 3.674   -3.540  -11.042 1.00 66.87  ? 502 PEG A C3  1 
HETATM 980  C C4  . PEG C 2 .   ? 4.318   -3.112  -12.328 1.00 72.42  ? 502 PEG A C4  1 
HETATM 981  O O4  . PEG C 2 .   ? 3.354   -2.886  -13.343 1.00 85.09  ? 502 PEG A O4  1 
HETATM 982  C C1  . PEG D 2 .   ? 1.092   -17.346 8.819   1.00 73.12  ? 503 PEG A C1  1 
HETATM 983  O O1  . PEG D 2 .   ? 0.759   -16.856 10.111  1.00 90.64  ? 503 PEG A O1  1 
HETATM 984  C C2  . PEG D 2 .   ? -0.131  -17.795 8.078   1.00 83.05  ? 503 PEG A C2  1 
HETATM 985  O O2  . PEG D 2 .   ? 0.127   -17.791 6.682   1.00 87.39  ? 503 PEG A O2  1 
HETATM 986  C C3  . PEG D 2 .   ? -0.873  -17.111 5.931   1.00 78.17  ? 503 PEG A C3  1 
HETATM 987  C C4  . PEG D 2 .   ? -2.222  -17.676 6.264   1.00 82.31  ? 503 PEG A C4  1 
HETATM 988  O O4  . PEG D 2 .   ? -3.244  -17.079 5.480   1.00 89.14  ? 503 PEG A O4  1 
HETATM 989  C C1  . PEG E 2 .   ? 4.089   15.237  -7.600  0.65 96.32  ? 504 PEG A C1  1 
HETATM 990  O O1  . PEG E 2 .   ? 3.961   16.056  -8.754  0.65 94.67  ? 504 PEG A O1  1 
HETATM 991  C C2  . PEG E 2 .   ? 5.511   15.156  -7.123  0.65 99.64  ? 504 PEG A C2  1 
HETATM 992  O O2  . PEG E 2 .   ? 6.281   16.204  -7.697  0.65 103.74 ? 504 PEG A O2  1 
HETATM 993  C C3  . PEG E 2 .   ? 7.607   15.804  -8.019  0.65 97.01  ? 504 PEG A C3  1 
HETATM 994  C C4  . PEG E 2 .   ? 8.001   16.373  -9.350  0.65 99.52  ? 504 PEG A C4  1 
HETATM 995  O O4  . PEG E 2 .   ? 6.868   16.643  -10.162 0.65 99.77  ? 504 PEG A O4  1 
HETATM 996  O O   . HOH F 3 .   ? -7.670  -3.099  -8.915  1.00 79.41  ? 601 HOH A O   1 
HETATM 997  O O   . HOH F 3 .   ? -0.274  12.001  5.911   1.00 79.38  ? 602 HOH A O   1 
HETATM 998  O O   . HOH F 3 .   ? -13.287 -3.711  2.807   1.00 86.94  ? 603 HOH A O   1 
HETATM 999  O O   . HOH F 3 .   ? 3.592   2.893   11.418  1.00 66.21  ? 604 HOH A O   1 
HETATM 1000 O O   . HOH F 3 .   ? 3.042   -0.965  -14.620 1.00 65.04  ? 605 HOH A O   1 
HETATM 1001 O O   . HOH F 3 .   ? -6.598  0.532   -11.944 1.00 84.61  ? 606 HOH A O   1 
HETATM 1002 O O   . HOH F 3 .   ? 5.100   -14.459 -4.732  1.00 37.11  ? 607 HOH A O   1 
HETATM 1003 O O   . HOH F 3 .   ? -10.059 -1.055  -11.066 1.00 74.29  ? 608 HOH A O   1 
HETATM 1004 O O   . HOH F 3 .   ? 7.715   -10.948 -0.377  1.00 62.61  ? 609 HOH A O   1 
HETATM 1005 O O   . HOH F 3 .   ? 6.513   -2.296  -8.301  1.00 54.74  ? 610 HOH A O   1 
HETATM 1006 O O   . HOH F 3 .   ? 1.230   -15.726 2.686   1.00 50.28  ? 611 HOH A O   1 
HETATM 1007 O O   . HOH F 3 .   ? 11.784  -17.247 3.528   1.00 45.48  ? 612 HOH A O   1 
HETATM 1008 O O   . HOH F 3 .   ? 13.589  2.165   -0.852  1.00 35.79  ? 613 HOH A O   1 
HETATM 1009 O O   . HOH F 3 .   ? -12.110 -1.481  -8.986  1.00 84.89  ? 614 HOH A O   1 
HETATM 1010 O O   . HOH F 3 .   ? -13.099 -3.722  10.624  1.00 78.36  ? 615 HOH A O   1 
HETATM 1011 O O   . HOH F 3 .   ? -7.325  11.303  -10.149 1.00 69.64  ? 616 HOH A O   1 
HETATM 1012 O O   . HOH F 3 .   ? -2.266  -13.185 -4.919  1.00 45.43  ? 617 HOH A O   1 
HETATM 1013 O O   . HOH F 3 .   ? -12.721 -5.707  -2.966  0.50 92.17  ? 618 HOH A O   1 
HETATM 1014 O O   . HOH F 3 .   ? 0.251   -8.345  11.910  1.00 62.79  ? 619 HOH A O   1 
HETATM 1015 O O   . HOH F 3 .   ? 0.341   11.991  -21.960 1.00 40.37  ? 620 HOH A O   1 
HETATM 1016 O O   . HOH F 3 .   ? -15.601 8.698   3.151   1.00 44.98  ? 621 HOH A O   1 
HETATM 1017 O O   . HOH F 3 .   ? -6.092  17.812  -0.273  1.00 70.05  ? 622 HOH A O   1 
HETATM 1018 O O   . HOH F 3 .   ? -12.811 2.067   -6.322  1.00 76.28  ? 623 HOH A O   1 
HETATM 1019 O O   . HOH F 3 .   ? 9.624   -2.624  -5.611  1.00 35.61  ? 624 HOH A O   1 
HETATM 1020 O O   . HOH F 3 .   ? 13.880  -3.307  9.850   1.00 47.65  ? 625 HOH A O   1 
HETATM 1021 O O   . HOH F 3 .   ? -2.084  -4.676  -11.377 1.00 62.28  ? 626 HOH A O   1 
HETATM 1022 O O   . HOH F 3 .   ? -3.193  -0.644  9.447   1.00 50.23  ? 627 HOH A O   1 
HETATM 1023 O O   . HOH F 3 .   ? -1.837  10.325  -6.213  1.00 70.70  ? 628 HOH A O   1 
HETATM 1024 O O   . HOH F 3 .   ? 9.766   -17.662 2.363   1.00 39.15  ? 629 HOH A O   1 
HETATM 1025 O O   . HOH F 3 .   ? -17.724 11.807  6.477   1.00 69.25  ? 630 HOH A O   1 
HETATM 1026 O O   . HOH F 3 .   ? -11.037 13.019  8.485   1.00 59.35  ? 631 HOH A O   1 
HETATM 1027 O O   . HOH F 3 .   ? -11.340 8.772   -10.527 1.00 63.91  ? 632 HOH A O   1 
HETATM 1028 O O   . HOH F 3 .   ? 3.222   6.788   9.306   1.00 67.57  ? 633 HOH A O   1 
HETATM 1029 O O   . HOH F 3 .   ? -1.109  -4.073  11.370  1.00 64.24  ? 634 HOH A O   1 
HETATM 1030 O O   . HOH F 3 .   ? 8.004   11.941  4.106   1.00 95.04  ? 635 HOH A O   1 
HETATM 1031 O O   . HOH F 3 .   ? 0.341   6.667   -3.463  1.00 55.32  ? 636 HOH A O   1 
HETATM 1032 O O   . HOH F 3 .   ? 7.753   -5.933  13.990  1.00 51.17  ? 637 HOH A O   1 
HETATM 1033 O O   . HOH F 3 .   ? -9.037  -3.880  3.225   1.00 71.80  ? 638 HOH A O   1 
HETATM 1034 O O   . HOH F 3 .   ? -6.168  12.878  -12.045 1.00 72.76  ? 639 HOH A O   1 
HETATM 1035 O O   . HOH F 3 .   ? 7.661   -3.417  14.399  1.00 58.69  ? 640 HOH A O   1 
HETATM 1036 O O   . HOH F 3 .   ? 0.073   -0.271  -15.082 1.00 68.48  ? 641 HOH A O   1 
HETATM 1037 O O   . HOH F 3 .   ? -10.468 -8.110  -1.780  1.00 66.78  ? 642 HOH A O   1 
HETATM 1038 O O   . HOH F 3 .   ? 16.505  -8.010  3.652   1.00 64.14  ? 643 HOH A O   1 
HETATM 1039 O O   . HOH F 3 .   ? 11.950  -9.231  -13.255 1.00 74.96  ? 644 HOH A O   1 
HETATM 1040 O O   . HOH F 3 .   ? 9.423   -5.026  -9.867  1.00 74.33  ? 645 HOH A O   1 
HETATM 1041 O O   . HOH F 3 .   ? 3.723   -16.436 -3.697  1.00 50.13  ? 646 HOH A O   1 
HETATM 1042 O O   . HOH F 3 .   ? -10.669 -6.658  0.608   1.00 63.71  ? 647 HOH A O   1 
HETATM 1043 O O   . HOH F 3 .   ? -8.430  -13.479 -1.061  1.00 65.37  ? 648 HOH A O   1 
HETATM 1044 O O   . HOH F 3 .   ? -8.614  -7.646  4.086   1.00 73.83  ? 649 HOH A O   1 
HETATM 1045 O O   . HOH F 3 .   ? 7.054   -14.644 13.859  1.00 80.72  ? 650 HOH A O   1 
HETATM 1046 O O   . HOH F 3 .   ? -3.842  -17.060 -3.372  1.00 78.72  ? 651 HOH A O   1 
HETATM 1047 O O   . HOH F 3 .   ? 1.000   10.721  -3.489  1.00 76.96  ? 652 HOH A O   1 
HETATM 1048 O O   . HOH F 3 .   ? -1.455  3.904   -14.781 1.00 73.18  ? 653 HOH A O   1 
HETATM 1049 O O   . HOH F 3 .   ? 4.165   11.109  8.036   1.00 67.65  ? 654 HOH A O   1 
HETATM 1050 O O   . HOH F 3 .   ? -7.711  8.730   9.947   1.00 62.92  ? 655 HOH A O   1 
HETATM 1051 O O   . HOH F 3 .   ? 11.192  -5.876  -8.590  1.00 74.22  ? 656 HOH A O   1 
HETATM 1052 O O   . HOH F 3 .   ? 6.429   9.556   -11.608 0.50 54.25  ? 657 HOH A O   1 
HETATM 1053 O O   . HOH F 3 .   ? -6.070  -18.321 3.491   1.00 78.27  ? 658 HOH A O   1 
HETATM 1054 O O   . HOH F 3 .   ? 1.790   8.410   -3.015  1.00 63.67  ? 659 HOH A O   1 
HETATM 1055 O O   . HOH F 3 .   ? -16.355 -0.302  -2.557  1.00 72.92  ? 660 HOH A O   1 
HETATM 1056 O O   . HOH F 3 .   ? 17.315  -0.503  -1.097  1.00 66.23  ? 661 HOH A O   1 
HETATM 1057 O O   . HOH F 3 .   ? -8.755  -9.617  5.693   1.00 76.63  ? 662 HOH A O   1 
HETATM 1058 O O   . HOH F 3 .   ? -14.161 -9.901  1.627   1.00 58.27  ? 663 HOH A O   1 
HETATM 1059 O O   . HOH F 3 .   ? 1.602   -20.673 -1.216  1.00 70.17  ? 664 HOH A O   1 
HETATM 1060 O O   . HOH F 3 .   ? -5.539  8.600   10.534  1.00 72.22  ? 665 HOH A O   1 
HETATM 1061 O O   . HOH F 3 .   ? -4.084  -4.714  12.961  1.00 76.74  ? 666 HOH A O   1 
HETATM 1062 O O   . HOH F 3 .   ? 5.215   -5.813  15.940  1.00 67.23  ? 667 HOH A O   1 
HETATM 1063 O O   . HOH F 3 .   ? -3.110  -17.082 -5.930  1.00 83.35  ? 668 HOH A O   1 
HETATM 1064 O O   . HOH F 3 .   ? -4.376  -8.398  -9.154  1.00 75.61  ? 669 HOH A O   1 
# 
